data_5EM2
#
_entry.id   5EM2
#
_cell.length_a   91.662
_cell.length_b   81.353
_cell.length_c   141.695
_cell.angle_alpha   90.000
_cell.angle_beta   100.230
_cell.angle_gamma   90.000
#
_symmetry.space_group_name_H-M   'P 1 21 1'
#
loop_
_entity.id
_entity.type
_entity.pdbx_description
1 polymer 'Ribosome biogenesis protein ERB1'
2 polymer 'Ribosome biogenesis protein YTM1'
3 non-polymer 1,2-ETHANEDIOL
4 non-polymer 'MAGNESIUM ION'
5 water water
#
loop_
_entity_poly.entity_id
_entity_poly.type
_entity_poly.pdbx_seq_one_letter_code
_entity_poly.pdbx_strand_id
1 'polypeptide(L)'
;MAHHHHHHMIDPNSLLPKLPSPDELKPFPTVQQTIFRGHEGRVRSVAIDPTGVALATGGDDGTVRVWELLTGRQVWSVKL
NGDEAVNTVRWRPTKDTFILAAAAGEDIFLMIPTHPSVTPALDQASRDILNAGFGHATNGKQQANLPPGKEPPGKWARPG
TRLEDEGVLLRITVRSTIKAISWHRRGDHFATVSPSGQRSSVAIHTLSKHLTQIPFRKLNGLAQTASFHPLRPLFFVATQ
RSIRCYDLQKLELVKIVQPGAKWISSFDVHPGGDNLVVGSYDKRLLWHDLDLSNRPYKTMRFHTEAIRAVRFHKGGLPLF
ADASDDGSLQIFHGKVPNDQLENPTIVPVKMLKGHKVVNKLGVLDIDWHPREPWCVSAGADGTARLWM
;
A,C
2 'polypeptide(L)'
;GGAHMDAPMEDAPAPVAQVKVIFTTTEPDLELPESKRQLLVPADIRRYGLSRILNSESMLDTGSIPFDFLINGSFLRSSL
EDYLTSNGLSLETTLTLQYVRSLIPPVYEASFEHDDWVSAVDVLSATSPAGRWSSAANSSAAVQPGQERVLSASYDGLLR
IWNASGSVIATSPSGSHGGHTASIKAAKFLTSDRLASAGMDRTVRVWKYTESDHFTGELKPTLELYGHTGSVDWLDVDGH
SKHILTASADGAIGFWSASKASAPEPDASLLPGAHVSKRRKATSSVSTAQRGPLGLWSIHTAPATAAIFDPRDRTVAYSA
SQDHTVRTLDLTTGQVVSTLTLTHPLLSLSALTRAGTTSPLLAAGTSARHITMVDPRASSATTSVMTLRGHANKVVSLSP
SPENEYSLVSGSHDGTCRVWDLRSVRPATKEEGSLGGVSEPVYVIERESWASKGKKKRPVAGDGCKVFSVVWDKLGIFSG
GEDKKVQVNRGRNIVTEQK
;
B,D
#
loop_
_chem_comp.id
_chem_comp.type
_chem_comp.name
_chem_comp.formula
EDO non-polymer 1,2-ETHANEDIOL 'C2 H6 O2'
MG non-polymer 'MAGNESIUM ION' 'Mg 2'
#
# COMPACT_ATOMS: atom_id res chain seq x y z
N LEU A 19 20.79 -7.68 17.68
CA LEU A 19 21.43 -8.92 17.24
C LEU A 19 22.07 -8.81 15.84
N PRO A 20 21.38 -8.17 14.87
CA PRO A 20 22.05 -8.05 13.57
C PRO A 20 23.30 -7.16 13.59
N SER A 21 24.02 -7.15 12.47
CA SER A 21 25.22 -6.34 12.34
C SER A 21 24.89 -5.08 11.54
N PRO A 22 25.67 -4.00 11.73
CA PRO A 22 25.49 -2.75 11.00
C PRO A 22 25.40 -2.91 9.49
N ASP A 23 26.08 -3.93 8.94
CA ASP A 23 26.06 -4.18 7.51
C ASP A 23 24.67 -4.51 6.98
N GLU A 24 23.89 -5.22 7.80
CA GLU A 24 22.55 -5.63 7.40
C GLU A 24 21.50 -4.56 7.68
N LEU A 25 21.93 -3.46 8.31
CA LEU A 25 21.00 -2.46 8.80
C LEU A 25 21.07 -1.14 8.04
N LYS A 26 21.41 -1.22 6.75
CA LYS A 26 21.45 -0.04 5.90
C LYS A 26 20.04 0.40 5.53
N PRO A 27 19.83 1.70 5.27
CA PRO A 27 20.83 2.77 5.25
C PRO A 27 20.96 3.54 6.55
N PHE A 28 22.15 4.06 6.81
CA PHE A 28 22.39 5.00 7.90
C PHE A 28 23.56 5.93 7.55
N PRO A 29 23.55 7.16 8.08
CA PRO A 29 24.60 8.14 7.77
C PRO A 29 25.97 7.70 8.28
N THR A 30 27.00 7.89 7.46
CA THR A 30 28.34 7.48 7.82
C THR A 30 29.39 8.60 7.71
N VAL A 31 29.10 9.61 6.89
CA VAL A 31 30.12 10.61 6.57
C VAL A 31 29.63 12.06 6.63
N GLN A 32 30.56 12.96 6.89
CA GLN A 32 30.32 14.39 6.88
C GLN A 32 30.33 14.89 5.43
N GLN A 33 29.30 15.62 5.03
CA GLN A 33 29.18 16.01 3.62
C GLN A 33 28.95 17.50 3.39
N THR A 34 28.37 18.19 4.37
CA THR A 34 28.19 19.63 4.24
C THR A 34 28.41 20.34 5.58
N ILE A 35 29.14 21.45 5.53
CA ILE A 35 29.36 22.27 6.73
C ILE A 35 28.69 23.63 6.56
N PHE A 36 28.02 24.08 7.61
CA PHE A 36 27.35 25.39 7.58
C PHE A 36 28.12 26.39 8.42
N ARG A 37 28.78 27.33 7.76
CA ARG A 37 29.60 28.32 8.44
C ARG A 37 29.00 29.71 8.35
N GLY A 38 29.19 30.51 9.41
CA GLY A 38 28.66 31.85 9.45
C GLY A 38 28.37 32.31 10.85
N HIS A 39 27.94 31.38 11.70
CA HIS A 39 27.68 31.69 13.11
C HIS A 39 28.98 32.04 13.83
N GLU A 40 28.88 32.93 14.80
CA GLU A 40 29.99 33.22 15.69
C GLU A 40 29.64 32.75 17.09
N GLY A 41 30.47 31.89 17.66
CA GLY A 41 30.15 31.24 18.91
C GLY A 41 29.35 29.98 18.66
N ARG A 42 28.88 29.36 19.74
CA ARG A 42 28.18 28.08 19.66
C ARG A 42 26.89 28.14 18.83
N VAL A 43 26.67 27.11 18.03
CA VAL A 43 25.37 26.89 17.40
C VAL A 43 24.54 26.03 18.32
N ARG A 44 23.47 26.61 18.88
CA ARG A 44 22.72 25.97 19.94
C ARG A 44 21.59 25.08 19.44
N SER A 45 21.15 25.29 18.21
CA SER A 45 20.01 24.52 17.70
C SER A 45 20.03 24.37 16.18
N VAL A 46 19.48 23.25 15.72
CA VAL A 46 19.32 22.97 14.29
C VAL A 46 17.93 22.42 14.01
N ALA A 47 17.37 22.81 12.87
CA ALA A 47 16.04 22.34 12.48
C ALA A 47 15.86 22.41 10.97
N ILE A 48 15.45 21.28 10.39
CA ILE A 48 15.19 21.21 8.96
C ILE A 48 13.71 21.51 8.72
N ASP A 49 13.43 22.30 7.69
CA ASP A 49 12.06 22.69 7.38
C ASP A 49 11.24 21.47 7.00
N PRO A 50 9.89 21.56 7.12
CA PRO A 50 9.01 20.44 6.84
C PRO A 50 9.23 19.77 5.48
N THR A 51 9.66 20.54 4.49
CA THR A 51 9.83 20.00 3.14
C THR A 51 11.24 19.44 2.89
N GLY A 52 12.09 19.49 3.91
CA GLY A 52 13.41 18.90 3.83
C GLY A 52 14.36 19.63 2.90
N VAL A 53 14.05 20.88 2.59
CA VAL A 53 14.84 21.65 1.63
C VAL A 53 15.80 22.61 2.32
N ALA A 54 15.39 23.15 3.47
CA ALA A 54 16.19 24.15 4.16
C ALA A 54 16.51 23.77 5.60
N LEU A 55 17.62 24.31 6.10
CA LEU A 55 18.01 24.14 7.50
C LEU A 55 17.87 25.47 8.25
N ALA A 56 17.53 25.39 9.53
CA ALA A 56 17.50 26.58 10.39
C ALA A 56 18.48 26.43 11.54
N THR A 57 19.17 27.52 11.87
CA THR A 57 20.11 27.51 12.99
C THR A 57 19.97 28.75 13.86
N GLY A 58 20.39 28.61 15.13
CA GLY A 58 20.41 29.73 16.06
C GLY A 58 21.58 29.53 17.01
N GLY A 59 22.17 30.62 17.49
CA GLY A 59 23.36 30.50 18.32
C GLY A 59 23.69 31.67 19.22
N ASP A 60 24.93 31.64 19.73
CA ASP A 60 25.44 32.67 20.64
C ASP A 60 25.31 34.10 20.12
N ASP A 61 25.55 34.28 18.82
CA ASP A 61 25.54 35.61 18.24
C ASP A 61 24.14 36.21 18.14
N GLY A 62 23.15 35.45 18.59
CA GLY A 62 21.79 35.93 18.66
C GLY A 62 21.12 36.01 17.31
N THR A 63 21.71 35.34 16.32
CA THR A 63 21.17 35.36 14.97
C THR A 63 20.48 34.04 14.62
N VAL A 64 19.39 34.15 13.86
CA VAL A 64 18.75 32.99 13.26
C VAL A 64 19.18 32.91 11.80
N ARG A 65 19.60 31.74 11.35
CA ARG A 65 20.09 31.60 9.98
C ARG A 65 19.42 30.45 9.25
N VAL A 66 18.96 30.72 8.04
CA VAL A 66 18.30 29.71 7.21
C VAL A 66 19.20 29.38 6.03
N TRP A 67 19.35 28.08 5.74
CA TRP A 67 20.34 27.62 4.79
C TRP A 67 19.77 26.73 3.68
N GLU A 68 20.42 26.77 2.53
CA GLU A 68 20.20 25.78 1.49
C GLU A 68 20.87 24.49 1.95
N LEU A 69 20.07 23.45 2.19
CA LEU A 69 20.52 22.27 2.93
C LEU A 69 21.74 21.56 2.35
N LEU A 70 21.65 21.15 1.08
CA LEU A 70 22.71 20.32 0.50
C LEU A 70 23.99 21.07 0.12
N THR A 71 23.86 22.33 -0.29
CA THR A 71 25.03 23.10 -0.68
C THR A 71 25.66 23.75 0.55
N GLY A 72 24.81 24.13 1.49
CA GLY A 72 25.26 24.75 2.72
C GLY A 72 25.32 26.25 2.57
N ARG A 73 24.49 26.79 1.69
CA ARG A 73 24.49 28.22 1.43
C ARG A 73 23.50 28.93 2.35
N GLN A 74 23.95 30.04 2.94
CA GLN A 74 23.09 30.86 3.76
C GLN A 74 22.24 31.77 2.88
N VAL A 75 20.93 31.58 2.93
CA VAL A 75 20.03 32.32 2.06
C VAL A 75 19.28 33.41 2.82
N TRP A 76 19.31 33.33 4.15
CA TRP A 76 18.60 34.29 4.99
C TRP A 76 19.10 34.26 6.43
N SER A 77 19.06 35.42 7.09
CA SER A 77 19.45 35.54 8.48
C SER A 77 18.85 36.78 9.14
N VAL A 78 18.75 36.76 10.46
CA VAL A 78 18.22 37.89 11.21
C VAL A 78 18.78 37.90 12.63
N LYS A 79 19.07 39.09 13.14
CA LYS A 79 19.50 39.23 14.53
C LYS A 79 18.32 39.69 15.38
N LEU A 80 17.79 38.77 16.17
CA LEU A 80 16.59 39.03 16.96
C LEU A 80 16.87 39.91 18.18
N ASN A 81 17.91 39.55 18.92
CA ASN A 81 18.24 40.26 20.15
C ASN A 81 19.75 40.35 20.33
N GLY A 82 20.25 41.56 20.56
CA GLY A 82 21.67 41.80 20.73
C GLY A 82 22.27 41.15 21.96
N ASP A 83 21.53 41.11 23.05
CA ASP A 83 22.06 40.63 24.31
C ASP A 83 21.83 39.14 24.56
N GLU A 84 20.83 38.57 23.89
CA GLU A 84 20.46 37.18 24.15
C GLU A 84 20.73 36.27 22.97
N ALA A 85 21.40 35.15 23.25
CA ALA A 85 21.61 34.11 22.26
C ALA A 85 20.30 33.40 21.92
N VAL A 86 20.22 32.86 20.71
CA VAL A 86 19.08 32.03 20.33
C VAL A 86 19.29 30.62 20.86
N ASN A 87 18.40 30.18 21.74
CA ASN A 87 18.55 28.89 22.39
C ASN A 87 18.01 27.74 21.54
N THR A 88 16.94 28.00 20.80
CA THR A 88 16.31 26.95 20.01
C THR A 88 15.52 27.50 18.82
N VAL A 89 15.54 26.74 17.72
CA VAL A 89 14.76 27.07 16.54
C VAL A 89 13.95 25.84 16.10
N ARG A 90 12.67 26.04 15.86
CA ARG A 90 11.76 24.96 15.48
C ARG A 90 10.74 25.42 14.45
N TRP A 91 10.69 24.74 13.32
CA TRP A 91 9.73 25.08 12.26
C TRP A 91 8.31 24.69 12.67
N ARG A 92 7.34 25.41 12.13
CA ARG A 92 5.95 24.99 12.23
C ARG A 92 5.82 23.81 11.29
N PRO A 93 5.19 22.72 11.75
CA PRO A 93 5.28 21.47 10.98
C PRO A 93 4.34 21.41 9.78
N THR A 94 3.76 22.54 9.42
CA THR A 94 2.82 22.60 8.30
C THR A 94 3.50 23.03 7.01
N LYS A 95 3.13 22.37 5.91
CA LYS A 95 3.71 22.67 4.60
C LYS A 95 2.90 23.73 3.88
N ASP A 96 1.74 24.06 4.43
CA ASP A 96 0.88 25.10 3.86
C ASP A 96 1.36 26.49 4.26
N THR A 97 2.39 26.53 5.10
CA THR A 97 3.00 27.78 5.54
C THR A 97 4.52 27.65 5.56
N PHE A 98 5.20 28.77 5.78
CA PHE A 98 6.64 28.75 5.97
C PHE A 98 7.00 29.60 7.18
N ILE A 99 6.59 29.13 8.35
CA ILE A 99 6.77 29.87 9.59
C ILE A 99 7.83 29.22 10.48
N LEU A 100 8.79 30.02 10.94
CA LEU A 100 9.85 29.53 11.80
C LEU A 100 9.78 30.18 13.18
N ALA A 101 9.99 29.38 14.21
CA ALA A 101 9.98 29.88 15.58
C ALA A 101 11.38 29.92 16.16
N ALA A 102 11.68 30.96 16.93
CA ALA A 102 12.98 31.11 17.56
C ALA A 102 12.85 31.67 18.97
N ALA A 103 13.56 31.05 19.91
CA ALA A 103 13.55 31.50 21.29
C ALA A 103 14.88 32.13 21.68
N ALA A 104 14.82 33.37 22.14
CA ALA A 104 15.98 34.07 22.67
C ALA A 104 15.59 34.78 23.95
N GLY A 105 16.29 34.47 25.04
CA GLY A 105 15.94 35.01 26.33
C GLY A 105 14.54 34.57 26.74
N GLU A 106 13.67 35.54 26.98
CA GLU A 106 12.30 35.26 27.41
C GLU A 106 11.28 35.49 26.30
N ASP A 107 11.76 35.67 25.07
CA ASP A 107 10.87 35.94 23.95
C ASP A 107 10.78 34.76 22.98
N ILE A 108 9.62 34.61 22.36
CA ILE A 108 9.46 33.72 21.21
C ILE A 108 9.21 34.57 19.97
N PHE A 109 9.98 34.35 18.93
CA PHE A 109 9.77 35.07 17.68
C PHE A 109 9.21 34.16 16.59
N LEU A 110 8.14 34.60 15.95
CA LEU A 110 7.57 33.89 14.83
C LEU A 110 7.83 34.67 13.55
N MET A 111 8.56 34.07 12.62
CA MET A 111 9.01 34.78 11.43
C MET A 111 8.76 33.98 10.16
N ILE A 112 8.81 34.69 9.02
CA ILE A 112 8.75 34.05 7.73
C ILE A 112 10.06 34.31 7.00
N PRO A 113 10.98 33.34 7.05
CA PRO A 113 12.28 33.47 6.39
C PRO A 113 12.14 33.76 4.90
N THR A 114 13.00 34.62 4.37
CA THR A 114 13.00 34.88 2.94
C THR A 114 13.67 33.70 2.24
N HIS A 115 12.88 32.98 1.45
CA HIS A 115 13.31 31.73 0.85
C HIS A 115 12.62 31.53 -0.49
N PRO A 116 13.33 30.94 -1.46
CA PRO A 116 12.81 30.66 -2.80
C PRO A 116 11.45 29.95 -2.79
N SER A 117 11.16 29.18 -1.75
CA SER A 117 9.89 28.48 -1.65
C SER A 117 8.77 29.41 -1.24
N VAL A 118 9.12 30.59 -0.72
CA VAL A 118 8.12 31.55 -0.28
C VAL A 118 7.60 32.38 -1.45
N THR A 119 6.53 31.89 -2.07
CA THR A 119 5.83 32.62 -3.11
C THR A 119 5.00 33.73 -2.48
N PRO A 120 4.51 34.69 -3.28
CA PRO A 120 3.55 35.66 -2.75
C PRO A 120 2.36 34.99 -2.08
N ALA A 121 1.93 33.85 -2.62
CA ALA A 121 0.83 33.09 -2.06
C ALA A 121 1.18 32.48 -0.71
N LEU A 122 2.36 31.89 -0.62
CA LEU A 122 2.78 31.23 0.62
C LEU A 122 3.09 32.24 1.72
N ASP A 123 3.60 33.41 1.33
CA ASP A 123 3.84 34.49 2.27
C ASP A 123 2.52 34.92 2.90
N GLN A 124 1.53 35.16 2.06
CA GLN A 124 0.20 35.58 2.52
C GLN A 124 -0.43 34.55 3.44
N ALA A 125 -0.35 33.28 3.05
CA ALA A 125 -0.91 32.19 3.85
C ALA A 125 -0.25 32.13 5.22
N SER A 126 1.06 32.39 5.25
CA SER A 126 1.81 32.39 6.49
C SER A 126 1.42 33.59 7.37
N ARG A 127 1.31 34.76 6.76
CA ARG A 127 0.96 35.97 7.49
C ARG A 127 -0.45 35.87 8.06
N ASP A 128 -1.36 35.25 7.31
CA ASP A 128 -2.73 35.06 7.77
C ASP A 128 -2.78 34.19 9.02
N ILE A 129 -1.92 33.17 9.05
CA ILE A 129 -1.85 32.27 10.20
C ILE A 129 -1.35 32.99 11.44
N LEU A 130 -0.38 33.88 11.24
CA LEU A 130 0.20 34.65 12.34
C LEU A 130 -0.70 35.78 12.82
N ASN A 131 -1.57 36.27 11.94
CA ASN A 131 -2.43 37.42 12.26
C ASN A 131 -3.78 37.02 12.84
N ALA A 132 -4.20 35.78 12.60
CA ALA A 132 -5.54 35.31 12.94
C ALA A 132 -5.90 35.53 14.41
N GLY A 133 -4.94 35.31 15.31
CA GLY A 133 -5.19 35.39 16.74
C GLY A 133 -5.51 36.78 17.25
N PHE A 134 -5.13 37.80 16.49
CA PHE A 134 -5.31 39.19 16.90
C PHE A 134 -6.75 39.55 17.23
N GLY A 135 -6.95 40.20 18.38
CA GLY A 135 -8.25 40.68 18.78
C GLY A 135 -9.22 39.60 19.23
N HIS A 136 -8.69 38.53 19.81
CA HIS A 136 -9.52 37.44 20.30
C HIS A 136 -9.85 37.64 21.78
N ALA A 137 -11.10 37.99 22.06
CA ALA A 137 -11.52 38.28 23.43
C ALA A 137 -11.61 37.00 24.25
N GLU A 151 4.00 40.08 33.13
CA GLU A 151 3.55 39.27 34.25
C GLU A 151 2.30 38.43 33.86
N PRO A 152 1.56 38.80 32.81
CA PRO A 152 0.77 37.68 32.30
C PRO A 152 1.66 36.58 31.69
N PRO A 153 1.13 35.35 31.56
CA PRO A 153 1.93 34.21 31.09
C PRO A 153 2.62 34.50 29.77
N GLY A 154 1.88 35.12 28.85
CA GLY A 154 2.44 35.51 27.57
C GLY A 154 2.04 36.90 27.13
N LYS A 155 2.97 37.59 26.48
CA LYS A 155 2.73 38.91 25.91
C LYS A 155 2.89 38.89 24.41
N TRP A 156 1.76 38.96 23.69
CA TRP A 156 1.82 38.93 22.24
C TRP A 156 1.87 40.36 21.70
N ALA A 157 2.78 40.60 20.77
CA ALA A 157 2.94 41.92 20.17
C ALA A 157 3.80 41.87 18.92
N ARG A 158 3.75 42.93 18.13
CA ARG A 158 4.69 43.12 17.04
C ARG A 158 6.07 43.31 17.63
N PRO A 159 7.11 42.78 16.96
CA PRO A 159 8.46 42.83 17.54
C PRO A 159 9.16 44.16 17.33
N GLY A 160 8.58 45.02 16.49
CA GLY A 160 9.19 46.30 16.16
C GLY A 160 9.53 46.35 14.69
N THR A 161 9.64 47.56 14.15
CA THR A 161 9.80 47.77 12.72
C THR A 161 11.05 47.08 12.16
N ARG A 162 12.15 47.15 12.90
CA ARG A 162 13.42 46.55 12.45
C ARG A 162 13.26 45.06 12.16
N LEU A 163 12.73 44.32 13.13
CA LEU A 163 12.50 42.90 12.96
C LEU A 163 11.35 42.62 11.99
N GLU A 164 10.36 43.51 11.99
CA GLU A 164 9.22 43.39 11.07
C GLU A 164 9.67 43.46 9.62
N ASP A 165 10.65 44.31 9.35
CA ASP A 165 11.17 44.49 7.99
C ASP A 165 11.86 43.23 7.47
N GLU A 166 12.31 42.38 8.40
CA GLU A 166 13.04 41.17 8.03
C GLU A 166 12.15 39.94 8.05
N GLY A 167 10.86 40.13 8.29
CA GLY A 167 9.90 39.05 8.25
C GLY A 167 9.51 38.47 9.60
N VAL A 168 10.03 39.06 10.67
CA VAL A 168 9.63 38.67 12.02
C VAL A 168 8.38 39.44 12.39
N LEU A 169 7.28 38.74 12.63
CA LEU A 169 5.99 39.39 12.76
C LEU A 169 5.40 39.32 14.18
N LEU A 170 5.86 38.36 14.97
CA LEU A 170 5.34 38.23 16.33
C LEU A 170 6.44 38.04 17.37
N ARG A 171 6.25 38.67 18.52
CA ARG A 171 7.07 38.41 19.69
C ARG A 171 6.16 37.98 20.83
N ILE A 172 6.41 36.80 21.38
CA ILE A 172 5.66 36.35 22.54
C ILE A 172 6.60 36.34 23.74
N THR A 173 6.27 37.14 24.74
CA THR A 173 7.13 37.28 25.91
C THR A 173 6.60 36.47 27.08
N VAL A 174 7.40 35.52 27.53
CA VAL A 174 7.03 34.71 28.67
C VAL A 174 7.89 35.14 29.85
N ARG A 175 7.61 34.53 31.00
CA ARG A 175 8.22 34.94 32.26
C ARG A 175 9.72 34.65 32.43
N SER A 176 10.19 33.51 31.94
CA SER A 176 11.58 33.12 32.17
C SER A 176 12.24 32.61 30.90
N THR A 177 13.57 32.47 30.95
CA THR A 177 14.36 32.09 29.79
C THR A 177 13.92 30.76 29.19
N ILE A 178 13.70 30.76 27.88
CA ILE A 178 13.19 29.59 27.17
C ILE A 178 14.31 28.69 26.68
N LYS A 179 14.24 27.41 27.02
CA LYS A 179 15.26 26.45 26.63
C LYS A 179 14.73 25.40 25.66
N ALA A 180 13.42 25.39 25.44
CA ALA A 180 12.80 24.39 24.57
C ALA A 180 11.52 24.88 23.90
N ILE A 181 11.41 24.59 22.61
CA ILE A 181 10.18 24.83 21.87
C ILE A 181 9.71 23.54 21.21
N SER A 182 8.43 23.21 21.40
CA SER A 182 7.86 22.01 20.79
C SER A 182 6.50 22.29 20.18
N TRP A 183 6.40 22.14 18.86
CA TRP A 183 5.15 22.32 18.13
C TRP A 183 4.24 21.10 18.24
N HIS A 184 2.92 21.35 18.22
CA HIS A 184 1.96 20.29 17.97
C HIS A 184 1.87 20.08 16.47
N ARG A 185 1.58 18.86 16.04
CA ARG A 185 1.74 18.50 14.62
C ARG A 185 0.87 19.34 13.68
N ARG A 186 -0.32 19.74 14.12
CA ARG A 186 -1.21 20.52 13.27
C ARG A 186 -0.81 21.99 13.23
N GLY A 187 0.10 22.40 14.11
CA GLY A 187 0.72 23.70 14.03
C GLY A 187 -0.02 24.88 14.66
N ASP A 188 -1.04 24.60 15.46
CA ASP A 188 -1.77 25.68 16.13
C ASP A 188 -1.38 25.77 17.59
N HIS A 189 -0.70 24.75 18.09
CA HIS A 189 -0.23 24.76 19.47
C HIS A 189 1.27 24.52 19.53
N PHE A 190 1.95 25.25 20.40
CA PHE A 190 3.36 24.99 20.66
C PHE A 190 3.69 25.29 22.11
N ALA A 191 4.57 24.49 22.69
CA ALA A 191 4.93 24.63 24.10
C ALA A 191 6.33 25.21 24.25
N THR A 192 6.53 25.98 25.32
CA THR A 192 7.85 26.46 25.66
C THR A 192 8.17 26.05 27.09
N VAL A 193 9.44 25.83 27.37
CA VAL A 193 9.86 25.40 28.70
C VAL A 193 10.92 26.33 29.27
N SER A 194 10.62 26.90 30.43
CA SER A 194 11.56 27.77 31.13
C SER A 194 11.88 27.20 32.50
N PRO A 195 13.01 26.48 32.59
CA PRO A 195 13.43 25.72 33.78
C PRO A 195 13.45 26.54 35.08
N SER A 196 13.55 27.86 34.97
CA SER A 196 13.57 28.71 36.15
C SER A 196 12.31 29.55 36.27
N GLY A 197 11.26 29.14 35.56
CA GLY A 197 10.01 29.87 35.60
C GLY A 197 9.12 29.42 36.75
N GLN A 198 9.61 28.43 37.49
CA GLN A 198 8.90 27.89 38.64
C GLN A 198 7.50 27.41 38.26
N ARG A 199 6.49 28.01 38.85
CA ARG A 199 5.11 27.66 38.59
C ARG A 199 4.75 27.87 37.12
N SER A 200 5.49 28.75 36.45
CA SER A 200 5.22 29.10 35.06
C SER A 200 6.23 28.47 34.09
N SER A 201 6.90 27.42 34.54
CA SER A 201 7.98 26.80 33.76
C SER A 201 7.53 26.19 32.44
N VAL A 202 6.28 25.73 32.39
CA VAL A 202 5.75 25.11 31.18
C VAL A 202 4.52 25.86 30.66
N ALA A 203 4.60 26.35 29.43
CA ALA A 203 3.51 27.11 28.85
C ALA A 203 3.04 26.51 27.53
N ILE A 204 1.73 26.45 27.33
CA ILE A 204 1.15 26.08 26.06
C ILE A 204 0.63 27.32 25.33
N HIS A 205 1.11 27.54 24.12
CA HIS A 205 0.67 28.69 23.33
C HIS A 205 -0.28 28.24 22.22
N THR A 206 -1.34 29.01 22.00
CA THR A 206 -2.28 28.72 20.91
C THR A 206 -2.23 29.82 19.87
N LEU A 207 -1.72 29.48 18.69
CA LEU A 207 -1.46 30.45 17.64
C LEU A 207 -2.71 31.13 17.10
N SER A 208 -3.80 30.37 16.97
CA SER A 208 -5.04 30.90 16.39
C SER A 208 -5.81 31.82 17.33
N LYS A 209 -5.32 31.97 18.56
CA LYS A 209 -5.99 32.83 19.53
C LYS A 209 -5.04 33.83 20.18
N HIS A 210 -3.76 33.74 19.83
CA HIS A 210 -2.70 34.47 20.52
C HIS A 210 -2.84 34.28 22.03
N LEU A 211 -3.03 33.03 22.43
CA LEU A 211 -3.26 32.69 23.82
C LEU A 211 -2.10 31.93 24.44
N THR A 212 -1.74 32.28 25.67
CA THR A 212 -0.68 31.61 26.41
C THR A 212 -1.18 31.18 27.78
N GLN A 213 -1.09 29.89 28.06
CA GLN A 213 -1.59 29.35 29.33
C GLN A 213 -0.53 28.59 30.11
N ILE A 214 -0.70 28.56 31.44
CA ILE A 214 0.12 27.73 32.31
C ILE A 214 -0.75 26.64 32.93
N PRO A 215 -0.94 25.53 32.20
CA PRO A 215 -1.97 24.52 32.51
C PRO A 215 -1.60 23.51 33.61
N PHE A 216 -0.31 23.32 33.87
CA PHE A 216 0.16 22.32 34.85
C PHE A 216 0.73 23.05 36.07
N ARG A 217 0.00 23.12 37.18
CA ARG A 217 0.47 23.96 38.29
C ARG A 217 1.23 23.26 39.43
N LYS A 218 1.05 21.96 39.65
CA LYS A 218 1.97 21.26 40.54
C LYS A 218 2.65 20.19 39.71
N LEU A 219 3.83 20.60 39.28
CA LEU A 219 4.71 19.82 38.45
C LEU A 219 5.92 19.41 39.28
N ASN A 220 6.24 20.26 40.26
CA ASN A 220 7.23 19.98 41.31
C ASN A 220 8.49 19.25 40.87
N GLY A 221 9.55 20.00 40.66
CA GLY A 221 10.75 19.48 40.07
C GLY A 221 11.07 20.50 39.02
N LEU A 222 12.27 20.45 38.46
CA LEU A 222 12.63 21.45 37.46
C LEU A 222 12.36 20.97 36.04
N ALA A 223 11.38 21.60 35.40
CA ALA A 223 11.02 21.27 34.03
C ALA A 223 12.19 21.58 33.10
N GLN A 224 12.55 20.61 32.27
CA GLN A 224 13.71 20.75 31.40
C GLN A 224 13.31 20.96 29.95
N THR A 225 12.33 20.19 29.50
CA THR A 225 11.82 20.30 28.15
C THR A 225 10.44 19.63 28.06
N ALA A 226 9.84 19.65 26.88
CA ALA A 226 8.51 19.08 26.69
C ALA A 226 8.27 18.73 25.23
N SER A 227 7.24 17.91 25.01
CA SER A 227 6.89 17.48 23.66
C SER A 227 5.41 17.11 23.58
N PHE A 228 4.82 17.29 22.40
CA PHE A 228 3.48 16.83 22.14
C PHE A 228 3.52 15.37 21.68
N HIS A 229 2.35 14.79 21.47
CA HIS A 229 2.27 13.39 21.07
C HIS A 229 1.89 13.29 19.59
N PRO A 230 2.58 12.42 18.85
CA PRO A 230 2.41 12.29 17.40
C PRO A 230 1.02 11.87 16.93
N LEU A 231 0.28 11.09 17.73
CA LEU A 231 -1.03 10.61 17.29
C LEU A 231 -2.17 10.81 18.30
N ARG A 232 -1.84 11.12 19.54
CA ARG A 232 -2.86 11.21 20.57
C ARG A 232 -2.83 12.54 21.31
N PRO A 233 -3.92 12.88 22.03
CA PRO A 233 -3.90 14.14 22.76
C PRO A 233 -3.16 14.00 24.09
N LEU A 234 -1.87 13.73 24.01
CA LEU A 234 -1.03 13.58 25.19
C LEU A 234 0.10 14.59 25.18
N PHE A 235 0.70 14.82 26.34
CA PHE A 235 1.74 15.81 26.48
C PHE A 235 2.80 15.30 27.47
N PHE A 236 4.06 15.34 27.04
CA PHE A 236 5.15 14.88 27.88
C PHE A 236 5.94 16.07 28.43
N VAL A 237 6.19 16.06 29.73
CA VAL A 237 7.02 17.07 30.37
C VAL A 237 8.18 16.41 31.10
N ALA A 238 9.41 16.75 30.70
CA ALA A 238 10.58 16.19 31.33
C ALA A 238 11.11 17.09 32.44
N THR A 239 11.25 16.50 33.63
CA THR A 239 11.90 17.18 34.73
C THR A 239 13.32 16.63 34.81
N GLN A 240 13.99 16.84 35.94
CA GLN A 240 15.36 16.37 36.06
C GLN A 240 15.45 14.84 36.11
N ARG A 241 14.46 14.18 36.71
CA ARG A 241 14.55 12.74 36.93
C ARG A 241 13.44 11.92 36.27
N SER A 242 12.34 12.57 35.89
CA SER A 242 11.22 11.83 35.32
C SER A 242 10.51 12.58 34.19
N ILE A 243 9.67 11.86 33.46
CA ILE A 243 8.87 12.44 32.39
C ILE A 243 7.38 12.26 32.67
N ARG A 244 6.69 13.36 32.91
CA ARG A 244 5.27 13.30 33.23
C ARG A 244 4.41 13.31 31.97
N CYS A 245 3.43 12.41 31.92
CA CYS A 245 2.54 12.30 30.77
C CYS A 245 1.15 12.80 31.12
N TYR A 246 0.68 13.80 30.37
CA TYR A 246 -0.59 14.46 30.68
C TYR A 246 -1.67 14.23 29.63
N ASP A 247 -2.91 14.16 30.09
CA ASP A 247 -4.07 14.19 29.22
C ASP A 247 -4.37 15.66 28.91
N LEU A 248 -4.18 16.05 27.65
CA LEU A 248 -4.36 17.45 27.26
C LEU A 248 -5.83 17.88 27.30
N GLN A 249 -6.74 16.92 27.09
CA GLN A 249 -8.16 17.22 27.10
C GLN A 249 -8.67 17.49 28.52
N LYS A 250 -8.09 16.81 29.49
CA LYS A 250 -8.52 16.94 30.88
C LYS A 250 -7.52 17.73 31.74
N LEU A 251 -6.34 17.97 31.18
CA LEU A 251 -5.22 18.57 31.91
C LEU A 251 -4.95 17.77 33.18
N GLU A 252 -4.87 16.45 33.01
CA GLU A 252 -4.66 15.54 34.13
C GLU A 252 -3.48 14.61 33.87
N LEU A 253 -2.74 14.28 34.92
CA LEU A 253 -1.60 13.38 34.81
C LEU A 253 -2.07 11.95 34.57
N VAL A 254 -1.45 11.28 33.59
CA VAL A 254 -1.86 9.94 33.24
C VAL A 254 -0.86 8.92 33.81
N LYS A 255 0.42 9.17 33.57
CA LYS A 255 1.48 8.28 34.04
C LYS A 255 2.79 9.04 34.19
N ILE A 256 3.71 8.47 34.97
CA ILE A 256 5.03 9.06 35.14
C ILE A 256 6.12 8.09 34.71
N VAL A 257 6.82 8.46 33.64
CA VAL A 257 7.92 7.65 33.12
C VAL A 257 9.18 7.89 33.96
N GLN A 258 9.84 6.82 34.36
CA GLN A 258 11.02 6.90 35.23
C GLN A 258 12.27 6.38 34.55
N PRO A 259 13.05 7.28 33.94
CA PRO A 259 14.30 6.93 33.26
C PRO A 259 15.41 6.50 34.22
N GLY A 260 15.33 6.93 35.47
CA GLY A 260 16.31 6.55 36.47
C GLY A 260 17.63 7.27 36.23
N ALA A 261 17.54 8.47 35.69
CA ALA A 261 18.70 9.32 35.47
C ALA A 261 18.73 10.45 36.49
N LYS A 262 19.93 10.93 36.83
CA LYS A 262 20.06 11.99 37.83
C LYS A 262 19.72 13.36 37.25
N TRP A 263 19.94 13.54 35.96
CA TRP A 263 19.54 14.78 35.29
C TRP A 263 19.24 14.53 33.81
N ILE A 264 17.96 14.59 33.45
CA ILE A 264 17.53 14.43 32.07
C ILE A 264 17.83 15.67 31.25
N SER A 265 18.47 15.50 30.11
CA SER A 265 18.84 16.62 29.25
C SER A 265 17.87 16.79 28.08
N SER A 266 17.30 15.68 27.64
CA SER A 266 16.47 15.69 26.43
C SER A 266 15.73 14.37 26.25
N PHE A 267 14.66 14.40 25.44
CA PHE A 267 13.96 13.19 25.05
C PHE A 267 13.24 13.40 23.72
N ASP A 268 12.82 12.31 23.10
CA ASP A 268 12.12 12.38 21.82
C ASP A 268 11.12 11.25 21.71
N VAL A 269 9.98 11.51 21.06
CA VAL A 269 8.93 10.53 20.93
C VAL A 269 8.93 9.90 19.54
N HIS A 270 8.84 8.58 19.49
CA HIS A 270 8.74 7.87 18.23
C HIS A 270 7.40 8.20 17.58
N PRO A 271 7.40 8.33 16.24
CA PRO A 271 6.20 8.68 15.45
C PRO A 271 4.97 7.83 15.77
N GLY A 272 5.18 6.63 16.29
CA GLY A 272 4.06 5.76 16.65
C GLY A 272 3.58 6.02 18.06
N GLY A 273 4.34 6.83 18.80
CA GLY A 273 3.87 7.38 20.07
C GLY A 273 4.03 6.45 21.26
N ASP A 274 4.59 5.27 21.03
CA ASP A 274 4.70 4.26 22.09
C ASP A 274 6.12 4.06 22.59
N ASN A 275 7.07 4.84 22.08
CA ASN A 275 8.46 4.69 22.47
C ASN A 275 9.17 6.02 22.71
N LEU A 276 10.11 6.03 23.64
CA LEU A 276 10.90 7.21 23.96
C LEU A 276 12.38 6.90 23.99
N VAL A 277 13.19 7.86 23.53
CA VAL A 277 14.61 7.84 23.84
C VAL A 277 14.89 9.01 24.77
N VAL A 278 15.70 8.79 25.79
CA VAL A 278 15.98 9.83 26.77
C VAL A 278 17.48 10.05 26.90
N GLY A 279 17.89 11.32 26.82
CA GLY A 279 19.27 11.68 27.01
C GLY A 279 19.45 12.33 28.36
N SER A 280 20.64 12.19 28.93
CA SER A 280 20.91 12.72 30.26
C SER A 280 22.34 13.21 30.38
N TYR A 281 22.57 14.11 31.33
CA TYR A 281 23.91 14.59 31.62
C TYR A 281 24.70 13.50 32.34
N ASP A 282 23.99 12.50 32.84
CA ASP A 282 24.59 11.35 33.50
C ASP A 282 25.32 10.45 32.52
N LYS A 283 25.15 10.74 31.23
CA LYS A 283 25.75 10.01 30.11
C LYS A 283 25.02 8.70 29.81
N ARG A 284 23.76 8.59 30.24
CA ARG A 284 22.97 7.41 29.93
C ARG A 284 21.97 7.72 28.84
N LEU A 285 21.93 6.87 27.82
CA LEU A 285 20.90 6.95 26.79
C LEU A 285 19.91 5.83 27.04
N LEU A 286 18.63 6.19 27.13
CA LEU A 286 17.61 5.26 27.56
C LEU A 286 16.49 5.10 26.55
N TRP A 287 16.13 3.85 26.26
CA TRP A 287 14.97 3.56 25.44
C TRP A 287 13.83 3.11 26.36
N HIS A 288 12.67 3.74 26.17
CA HIS A 288 11.52 3.40 26.99
C HIS A 288 10.43 2.72 26.18
N ASP A 289 10.11 1.50 26.58
CA ASP A 289 9.01 0.75 26.00
C ASP A 289 7.76 1.03 26.82
N LEU A 290 7.01 2.05 26.43
CA LEU A 290 5.89 2.55 27.21
C LEU A 290 4.80 1.50 27.43
N ASP A 291 4.61 0.64 26.44
CA ASP A 291 3.60 -0.42 26.53
C ASP A 291 3.85 -1.40 27.68
N LEU A 292 5.12 -1.65 27.99
CA LEU A 292 5.44 -2.69 28.99
C LEU A 292 5.71 -2.14 30.39
N SER A 293 6.40 -1.00 30.47
CA SER A 293 6.71 -0.42 31.78
C SER A 293 7.09 1.05 31.73
N ASN A 294 7.25 1.65 32.91
CA ASN A 294 7.71 3.03 33.03
C ASN A 294 9.22 3.11 33.27
N ARG A 295 9.87 1.95 33.36
CA ARG A 295 11.31 1.88 33.53
C ARG A 295 11.95 1.64 32.17
N PRO A 296 13.25 1.96 32.04
CA PRO A 296 13.92 1.83 30.73
C PRO A 296 14.03 0.38 30.25
N TYR A 297 13.92 0.17 28.95
CA TYR A 297 14.13 -1.14 28.35
C TYR A 297 15.62 -1.43 28.21
N LYS A 298 16.35 -0.47 27.63
CA LYS A 298 17.81 -0.58 27.51
C LYS A 298 18.49 0.71 27.93
N THR A 299 19.67 0.57 28.53
CA THR A 299 20.50 1.72 28.87
C THR A 299 21.75 1.71 28.01
N MET A 300 22.05 2.85 27.38
CA MET A 300 23.15 2.91 26.43
C MET A 300 24.16 4.00 26.80
N ARG A 301 25.40 3.58 27.01
CA ARG A 301 26.48 4.51 27.36
C ARG A 301 27.57 4.46 26.30
N PHE A 302 27.56 5.42 25.39
CA PHE A 302 28.56 5.45 24.33
C PHE A 302 29.35 6.75 24.32
N HIS A 303 29.25 7.51 25.40
CA HIS A 303 29.91 8.81 25.46
C HIS A 303 30.64 9.04 26.78
N THR A 304 31.78 9.72 26.69
CA THR A 304 32.59 10.02 27.86
C THR A 304 32.13 11.32 28.51
N GLU A 305 31.22 12.03 27.84
CA GLU A 305 30.69 13.27 28.37
C GLU A 305 29.16 13.30 28.22
N ALA A 306 28.55 14.34 28.79
CA ALA A 306 27.09 14.45 28.86
C ALA A 306 26.42 14.37 27.49
N ILE A 307 25.23 13.75 27.46
CA ILE A 307 24.42 13.71 26.26
C ILE A 307 23.54 14.96 26.18
N ARG A 308 23.58 15.65 25.04
CA ARG A 308 22.93 16.94 24.91
C ARG A 308 21.59 16.89 24.18
N ALA A 309 21.42 15.91 23.30
CA ALA A 309 20.20 15.82 22.50
C ALA A 309 19.99 14.42 21.93
N VAL A 310 18.73 14.06 21.76
CA VAL A 310 18.35 12.79 21.12
C VAL A 310 17.24 13.03 20.12
N ARG A 311 17.23 12.29 19.02
CA ARG A 311 16.21 12.48 18.00
C ARG A 311 15.90 11.20 17.23
N PHE A 312 14.62 10.87 17.14
CA PHE A 312 14.13 9.80 16.27
C PHE A 312 14.03 10.30 14.83
N HIS A 313 14.30 9.42 13.87
CA HIS A 313 13.90 9.71 12.50
C HIS A 313 12.39 9.59 12.44
N LYS A 314 11.74 10.56 11.79
CA LYS A 314 10.29 10.66 11.84
C LYS A 314 9.59 10.21 10.57
N GLY A 315 10.37 9.71 9.61
CA GLY A 315 9.82 9.38 8.31
C GLY A 315 9.79 7.91 7.94
N GLY A 316 9.89 7.03 8.93
CA GLY A 316 9.73 5.61 8.70
C GLY A 316 11.01 4.78 8.77
N LEU A 317 12.15 5.46 8.78
CA LEU A 317 13.43 4.76 8.91
C LEU A 317 13.69 4.42 10.37
N PRO A 318 14.13 3.18 10.63
CA PRO A 318 14.38 2.73 12.01
C PRO A 318 15.71 3.22 12.55
N LEU A 319 15.82 4.53 12.73
CA LEU A 319 17.06 5.15 13.20
C LEU A 319 16.81 6.18 14.29
N PHE A 320 17.76 6.33 15.19
CA PHE A 320 17.78 7.46 16.12
C PHE A 320 19.22 7.77 16.51
N ALA A 321 19.42 8.93 17.11
CA ALA A 321 20.79 9.37 17.41
C ALA A 321 20.86 10.24 18.66
N ASP A 322 22.05 10.30 19.26
CA ASP A 322 22.28 11.12 20.44
C ASP A 322 23.45 12.07 20.17
N ALA A 323 23.48 13.19 20.88
CA ALA A 323 24.55 14.16 20.74
C ALA A 323 25.20 14.44 22.09
N SER A 324 26.54 14.38 22.12
CA SER A 324 27.27 14.53 23.37
C SER A 324 28.30 15.64 23.35
N ASP A 325 28.70 16.06 24.54
CA ASP A 325 29.75 17.07 24.69
C ASP A 325 31.13 16.55 24.35
N ASP A 326 31.24 15.25 24.09
CA ASP A 326 32.51 14.67 23.70
C ASP A 326 32.80 14.95 22.22
N GLY A 327 31.86 15.63 21.57
CA GLY A 327 32.03 16.06 20.19
C GLY A 327 31.49 15.08 19.16
N SER A 328 30.96 13.95 19.61
CA SER A 328 30.49 12.92 18.69
C SER A 328 28.97 12.75 18.68
N LEU A 329 28.48 12.13 17.62
CA LEU A 329 27.10 11.67 17.55
C LEU A 329 27.12 10.16 17.36
N GLN A 330 26.30 9.45 18.11
CA GLN A 330 26.18 8.01 17.92
C GLN A 330 24.87 7.70 17.22
N ILE A 331 24.98 7.07 16.04
CA ILE A 331 23.81 6.67 15.29
C ILE A 331 23.42 5.25 15.66
N PHE A 332 22.14 5.02 15.87
CA PHE A 332 21.64 3.71 16.24
C PHE A 332 20.66 3.18 15.23
N HIS A 333 20.57 1.86 15.14
CA HIS A 333 19.44 1.23 14.49
C HIS A 333 18.43 0.93 15.60
N GLY A 334 17.21 1.43 15.44
CA GLY A 334 16.19 1.24 16.45
C GLY A 334 14.87 0.89 15.80
N LYS A 335 14.44 -0.35 16.01
CA LYS A 335 13.18 -0.80 15.44
C LYS A 335 12.16 -1.02 16.55
N VAL A 336 10.99 -0.40 16.40
CA VAL A 336 9.93 -0.55 17.39
C VAL A 336 9.26 -1.91 17.25
N PRO A 337 8.70 -2.43 18.36
CA PRO A 337 8.08 -3.76 18.39
C PRO A 337 6.93 -3.97 17.42
N ASN A 338 6.76 -5.22 16.98
CA ASN A 338 5.68 -5.59 16.08
C ASN A 338 5.28 -7.05 16.23
N ASP A 339 4.48 -7.53 15.28
CA ASP A 339 4.16 -8.94 15.13
C ASP A 339 5.36 -9.82 15.47
N GLN A 340 6.42 -9.67 14.68
CA GLN A 340 7.63 -10.49 14.81
C GLN A 340 8.48 -10.13 16.02
N LEU A 341 8.49 -8.85 16.38
CA LEU A 341 9.37 -8.35 17.44
C LEU A 341 8.67 -8.16 18.78
N GLU A 342 9.09 -8.93 19.77
CA GLU A 342 8.55 -8.80 21.12
C GLU A 342 9.17 -7.61 21.84
N ASN A 343 10.37 -7.22 21.40
CA ASN A 343 11.10 -6.12 22.00
C ASN A 343 11.73 -5.23 20.93
N PRO A 344 12.08 -3.98 21.29
CA PRO A 344 12.75 -3.13 20.31
C PRO A 344 14.14 -3.64 19.94
N THR A 345 14.44 -3.68 18.65
CA THR A 345 15.76 -4.07 18.20
C THR A 345 16.68 -2.85 18.16
N ILE A 346 17.59 -2.78 19.12
CA ILE A 346 18.51 -1.66 19.23
C ILE A 346 19.94 -2.07 18.94
N VAL A 347 20.49 -1.54 17.85
CA VAL A 347 21.86 -1.85 17.47
C VAL A 347 22.58 -0.58 17.05
N PRO A 348 23.70 -0.26 17.72
CA PRO A 348 24.52 0.90 17.33
C PRO A 348 25.21 0.63 16.00
N VAL A 349 25.05 1.53 15.04
CA VAL A 349 25.60 1.30 13.70
C VAL A 349 26.80 2.19 13.38
N LYS A 350 26.80 3.42 13.87
CA LYS A 350 27.87 4.35 13.52
C LYS A 350 28.02 5.52 14.50
N MET A 351 29.27 5.84 14.83
CA MET A 351 29.57 7.06 15.57
C MET A 351 30.15 8.10 14.63
N LEU A 352 29.59 9.31 14.66
CA LEU A 352 30.00 10.37 13.75
C LEU A 352 30.91 11.37 14.44
N LYS A 353 32.10 11.57 13.89
CA LYS A 353 33.09 12.46 14.48
C LYS A 353 33.50 13.54 13.48
N GLY A 354 33.89 14.70 13.98
CA GLY A 354 34.20 15.83 13.12
C GLY A 354 33.99 17.17 13.78
N HIS A 355 32.99 17.26 14.67
CA HIS A 355 32.78 18.47 15.44
C HIS A 355 33.96 18.65 16.39
N LYS A 356 34.40 19.90 16.55
CA LYS A 356 35.47 20.19 17.48
C LYS A 356 34.91 20.60 18.83
N VAL A 357 35.42 19.99 19.90
CA VAL A 357 34.98 20.33 21.24
C VAL A 357 35.58 21.66 21.67
N VAL A 358 34.74 22.58 22.13
CA VAL A 358 35.19 23.89 22.55
C VAL A 358 34.60 24.23 23.92
N ASN A 359 35.49 24.50 24.86
CA ASN A 359 35.11 24.78 26.24
C ASN A 359 34.25 23.66 26.82
N LYS A 360 34.69 22.43 26.58
CA LYS A 360 34.00 21.23 27.07
C LYS A 360 32.55 21.14 26.60
N LEU A 361 32.30 21.66 25.41
CA LEU A 361 31.02 21.50 24.75
C LEU A 361 31.24 20.91 23.37
N GLY A 362 30.37 20.00 22.95
CA GLY A 362 30.53 19.34 21.67
C GLY A 362 29.33 19.55 20.76
N VAL A 363 28.50 18.52 20.64
CA VAL A 363 27.31 18.59 19.80
C VAL A 363 26.10 18.88 20.68
N LEU A 364 25.29 19.86 20.28
CA LEU A 364 24.25 20.39 21.16
C LEU A 364 22.83 20.05 20.71
N ASP A 365 22.65 19.75 19.42
CA ASP A 365 21.32 19.47 18.90
C ASP A 365 21.37 18.60 17.65
N ILE A 366 20.29 17.86 17.39
CA ILE A 366 20.18 16.99 16.24
C ILE A 366 18.83 17.16 15.54
N ASP A 367 18.80 16.89 14.24
CA ASP A 367 17.54 16.75 13.52
C ASP A 367 17.71 15.84 12.31
N TRP A 368 16.68 15.06 12.02
CA TRP A 368 16.69 14.17 10.87
C TRP A 368 15.96 14.80 9.68
N HIS A 369 16.34 14.39 8.47
CA HIS A 369 15.58 14.71 7.28
C HIS A 369 14.22 14.02 7.37
N PRO A 370 13.16 14.68 6.85
CA PRO A 370 11.82 14.10 6.88
C PRO A 370 11.73 12.69 6.28
N ARG A 371 12.49 12.42 5.22
CA ARG A 371 12.40 11.14 4.53
C ARG A 371 13.71 10.37 4.44
N GLU A 372 14.82 11.08 4.28
CA GLU A 372 16.10 10.42 4.00
C GLU A 372 16.92 10.17 5.26
N PRO A 373 17.85 9.20 5.20
CA PRO A 373 18.68 8.93 6.37
C PRO A 373 19.80 9.96 6.50
N TRP A 374 19.40 11.21 6.69
CA TRP A 374 20.32 12.33 6.80
C TRP A 374 20.07 13.02 8.12
N CYS A 375 21.13 13.45 8.79
CA CYS A 375 20.97 14.18 10.04
C CYS A 375 21.86 15.42 10.07
N VAL A 376 21.38 16.46 10.73
CA VAL A 376 22.15 17.67 10.92
C VAL A 376 22.49 17.83 12.40
N SER A 377 23.60 18.48 12.69
CA SER A 377 24.07 18.60 14.06
C SER A 377 24.46 20.04 14.39
N ALA A 378 24.11 20.47 15.60
CA ALA A 378 24.48 21.79 16.08
C ALA A 378 25.80 21.71 16.84
N GLY A 379 26.77 22.52 16.45
CA GLY A 379 28.09 22.44 17.02
C GLY A 379 28.50 23.66 17.82
N ALA A 380 29.10 23.41 18.98
CA ALA A 380 29.70 24.47 19.79
C ALA A 380 30.88 25.12 19.07
N ASP A 381 31.41 24.43 18.07
CA ASP A 381 32.56 24.93 17.31
C ASP A 381 32.16 26.01 16.30
N GLY A 382 30.91 26.44 16.36
CA GLY A 382 30.42 27.52 15.52
C GLY A 382 29.88 27.06 14.18
N THR A 383 29.74 25.74 14.01
CA THR A 383 29.26 25.20 12.76
C THR A 383 28.03 24.31 12.93
N ALA A 384 27.34 24.08 11.82
CA ALA A 384 26.36 23.02 11.71
C ALA A 384 26.85 22.07 10.62
N ARG A 385 26.69 20.77 10.83
CA ARG A 385 27.26 19.81 9.90
C ARG A 385 26.21 18.81 9.42
N LEU A 386 26.19 18.57 8.11
CA LEU A 386 25.26 17.65 7.51
C LEU A 386 25.91 16.29 7.31
N TRP A 387 25.22 15.24 7.75
CA TRP A 387 25.74 13.88 7.67
C TRP A 387 24.81 13.01 6.85
N MET A 388 25.38 12.20 5.97
CA MET A 388 24.58 11.26 5.18
C MET A 388 25.41 10.04 4.76
N ALA B 14 67.14 -17.09 -28.35
CA ALA B 14 66.26 -18.00 -27.63
C ALA B 14 64.81 -17.53 -27.72
N PRO B 15 63.87 -18.48 -27.86
CA PRO B 15 62.44 -18.15 -27.95
C PRO B 15 61.81 -17.82 -26.60
N VAL B 16 61.75 -16.53 -26.27
CA VAL B 16 61.09 -16.07 -25.06
C VAL B 16 59.62 -16.49 -25.09
N ALA B 17 59.09 -16.89 -23.94
CA ALA B 17 57.68 -17.28 -23.83
C ALA B 17 56.78 -16.16 -24.34
N GLN B 18 55.74 -16.53 -25.10
CA GLN B 18 54.92 -15.55 -25.78
C GLN B 18 53.43 -15.76 -25.52
N VAL B 19 52.64 -14.77 -25.93
CA VAL B 19 51.20 -14.81 -25.78
C VAL B 19 50.56 -14.44 -27.11
N LYS B 20 49.50 -15.14 -27.50
CA LYS B 20 48.78 -14.82 -28.72
C LYS B 20 47.68 -13.82 -28.41
N VAL B 21 47.66 -12.73 -29.19
CA VAL B 21 46.70 -11.66 -28.97
C VAL B 21 45.91 -11.37 -30.24
N ILE B 22 44.68 -10.86 -30.06
CA ILE B 22 43.90 -10.38 -31.17
C ILE B 22 43.54 -8.91 -30.96
N PHE B 23 44.08 -8.03 -31.79
CA PHE B 23 43.79 -6.61 -31.70
C PHE B 23 42.45 -6.27 -32.31
N THR B 24 41.65 -5.51 -31.56
CA THR B 24 40.37 -5.00 -32.03
C THR B 24 40.21 -3.59 -31.50
N THR B 25 39.30 -2.81 -32.08
CA THR B 25 39.14 -1.42 -31.69
C THR B 25 37.80 -0.82 -32.06
N THR B 26 37.51 0.33 -31.46
CA THR B 26 36.33 1.12 -31.78
C THR B 26 36.75 2.31 -32.65
N GLU B 27 37.95 2.80 -32.37
CA GLU B 27 38.53 3.96 -33.03
C GLU B 27 39.09 3.71 -34.44
N PRO B 28 38.59 4.45 -35.44
CA PRO B 28 39.32 4.37 -36.70
C PRO B 28 40.57 5.25 -36.67
N GLU B 31 41.26 1.99 -38.62
CA GLU B 31 41.43 0.79 -37.81
C GLU B 31 42.53 -0.06 -38.41
N LEU B 32 42.43 -1.38 -38.25
CA LEU B 32 43.54 -2.27 -38.57
C LEU B 32 43.11 -3.30 -39.61
N PRO B 33 44.03 -3.69 -40.52
CA PRO B 33 43.63 -4.75 -41.47
C PRO B 33 43.57 -6.10 -40.78
N GLU B 34 42.55 -6.91 -41.06
CA GLU B 34 42.39 -8.21 -40.40
C GLU B 34 43.60 -9.12 -40.62
N SER B 35 44.36 -8.83 -41.68
CA SER B 35 45.59 -9.54 -41.97
C SER B 35 46.50 -9.46 -40.75
N LYS B 36 46.60 -8.27 -40.16
CA LYS B 36 47.60 -8.00 -39.13
C LYS B 36 47.05 -7.80 -37.72
N ARG B 37 45.84 -8.30 -37.43
CA ARG B 37 45.24 -8.07 -36.12
C ARG B 37 45.52 -9.16 -35.08
N GLN B 38 45.80 -10.38 -35.53
CA GLN B 38 46.24 -11.42 -34.62
C GLN B 38 47.76 -11.49 -34.65
N LEU B 39 48.37 -11.63 -33.48
CA LEU B 39 49.81 -11.43 -33.37
C LEU B 39 50.45 -12.21 -32.22
N LEU B 40 51.66 -12.69 -32.46
CA LEU B 40 52.47 -13.31 -31.42
C LEU B 40 53.31 -12.24 -30.73
N VAL B 41 53.25 -12.24 -29.40
CA VAL B 41 53.81 -11.15 -28.61
C VAL B 41 54.43 -11.68 -27.32
N PRO B 42 55.62 -11.16 -26.96
CA PRO B 42 56.30 -11.52 -25.70
C PRO B 42 55.37 -11.43 -24.49
N ALA B 43 55.32 -12.50 -23.70
CA ALA B 43 54.40 -12.60 -22.57
C ALA B 43 54.66 -11.54 -21.50
N ASP B 44 55.89 -11.03 -21.46
CA ASP B 44 56.29 -10.08 -20.43
C ASP B 44 56.03 -8.64 -20.86
N ILE B 45 55.48 -8.47 -22.05
CA ILE B 45 55.25 -7.13 -22.61
C ILE B 45 54.28 -6.35 -21.73
N ARG B 46 54.24 -5.03 -21.92
CA ARG B 46 53.42 -4.17 -21.09
C ARG B 46 52.68 -3.17 -21.98
N ARG B 47 52.01 -2.20 -21.37
CA ARG B 47 51.27 -1.20 -22.14
C ARG B 47 52.22 -0.44 -23.07
N TYR B 48 53.42 -0.20 -22.56
CA TYR B 48 54.46 0.53 -23.30
C TYR B 48 54.80 -0.19 -24.58
N GLY B 49 55.22 -1.45 -24.47
CA GLY B 49 55.64 -2.22 -25.62
C GLY B 49 54.50 -2.50 -26.59
N LEU B 50 53.32 -2.82 -26.05
CA LEU B 50 52.17 -3.08 -26.90
C LEU B 50 51.72 -1.91 -27.77
N SER B 51 51.96 -0.69 -27.30
CA SER B 51 51.52 0.51 -28.03
C SER B 51 52.53 0.99 -29.06
N ARG B 52 53.81 0.65 -28.88
CA ARG B 52 54.78 0.93 -29.93
C ARG B 52 54.68 -0.12 -31.03
N ILE B 53 54.19 -1.31 -30.68
CA ILE B 53 53.89 -2.30 -31.69
C ILE B 53 52.75 -1.76 -32.54
N LEU B 54 51.77 -1.16 -31.87
CA LEU B 54 50.67 -0.50 -32.56
C LEU B 54 51.16 0.73 -33.32
N ASN B 55 52.26 1.30 -32.85
CA ASN B 55 52.82 2.47 -33.49
C ASN B 55 53.91 2.10 -34.50
N SER B 56 54.02 0.81 -34.78
CA SER B 56 54.99 0.32 -35.75
C SER B 56 54.61 0.59 -37.20
N GLU B 57 55.66 0.69 -38.01
CA GLU B 57 55.62 0.57 -39.46
C GLU B 57 54.61 -0.49 -39.89
N SER B 58 54.69 -1.63 -39.22
CA SER B 58 53.91 -2.82 -39.56
C SER B 58 52.42 -2.56 -39.36
N MET B 59 52.08 -2.11 -38.16
CA MET B 59 50.70 -2.11 -37.68
C MET B 59 49.82 -0.92 -38.09
N LEU B 60 50.21 0.30 -37.72
CA LEU B 60 49.39 1.48 -38.04
C LEU B 60 50.20 2.71 -38.41
N ASP B 61 51.52 2.60 -38.30
CA ASP B 61 52.45 3.63 -38.76
C ASP B 61 52.16 5.00 -38.13
N THR B 62 51.45 5.00 -37.00
CA THR B 62 51.29 6.21 -36.22
C THR B 62 52.58 6.30 -35.42
N GLY B 63 53.25 7.44 -35.46
CA GLY B 63 54.53 7.56 -34.80
C GLY B 63 54.52 7.37 -33.29
N SER B 64 53.67 8.13 -32.61
CA SER B 64 53.67 8.10 -31.15
C SER B 64 52.32 8.34 -30.49
N ILE B 65 51.27 7.71 -30.99
CA ILE B 65 49.99 7.81 -30.31
C ILE B 65 50.02 6.88 -29.12
N PRO B 66 49.73 7.41 -27.92
CA PRO B 66 49.73 6.54 -26.76
C PRO B 66 48.44 5.77 -26.65
N PHE B 67 48.53 4.45 -26.49
CA PHE B 67 47.35 3.61 -26.40
C PHE B 67 47.24 2.96 -25.05
N ASP B 68 46.01 2.65 -24.66
CA ASP B 68 45.76 1.80 -23.50
C ASP B 68 45.03 0.57 -23.97
N PHE B 69 45.02 -0.48 -23.16
CA PHE B 69 44.46 -1.75 -23.61
C PHE B 69 43.47 -2.32 -22.61
N LEU B 70 42.30 -2.66 -23.12
CA LEU B 70 41.24 -3.25 -22.31
C LEU B 70 41.12 -4.73 -22.58
N ILE B 71 41.10 -5.53 -21.51
CA ILE B 71 40.93 -6.96 -21.66
C ILE B 71 39.70 -7.36 -20.85
N ASN B 72 38.62 -7.65 -21.57
CA ASN B 72 37.36 -8.08 -20.96
C ASN B 72 36.84 -7.04 -19.96
N GLY B 73 37.10 -5.77 -20.25
CA GLY B 73 36.62 -4.67 -19.43
C GLY B 73 37.59 -4.10 -18.41
N SER B 74 38.82 -4.61 -18.38
CA SER B 74 39.82 -4.10 -17.45
C SER B 74 41.05 -3.60 -18.19
N PHE B 75 41.62 -2.48 -17.72
CA PHE B 75 42.82 -1.92 -18.33
C PHE B 75 44.05 -2.75 -17.96
N LEU B 76 45.07 -2.68 -18.79
CA LEU B 76 46.29 -3.44 -18.60
C LEU B 76 47.36 -2.60 -17.91
N ARG B 77 47.54 -2.79 -16.60
CA ARG B 77 48.52 -2.03 -15.86
C ARG B 77 49.85 -2.74 -15.72
N SER B 78 49.86 -4.05 -15.97
CA SER B 78 51.06 -4.85 -15.83
C SER B 78 51.34 -5.65 -17.10
N SER B 79 52.18 -6.67 -16.97
CA SER B 79 52.50 -7.54 -18.09
C SER B 79 51.31 -8.42 -18.44
N LEU B 80 51.31 -8.94 -19.67
CA LEU B 80 50.21 -9.78 -20.14
C LEU B 80 50.10 -11.08 -19.35
N GLU B 81 51.24 -11.68 -19.01
CA GLU B 81 51.24 -12.93 -18.26
C GLU B 81 50.56 -12.75 -16.90
N ASP B 82 50.79 -11.61 -16.26
CA ASP B 82 50.19 -11.33 -14.95
C ASP B 82 48.68 -11.35 -15.04
N TYR B 83 48.13 -10.89 -16.17
CA TYR B 83 46.69 -10.94 -16.37
C TYR B 83 46.24 -12.39 -16.51
N LEU B 84 47.01 -13.18 -17.25
CA LEU B 84 46.70 -14.59 -17.48
C LEU B 84 46.66 -15.37 -16.18
N THR B 85 47.70 -15.22 -15.36
CA THR B 85 47.77 -15.92 -14.08
C THR B 85 46.76 -15.38 -13.06
N SER B 86 46.51 -14.08 -13.11
CA SER B 86 45.56 -13.46 -12.18
C SER B 86 44.19 -14.09 -12.37
N ASN B 87 43.86 -14.38 -13.63
CA ASN B 87 42.61 -15.04 -13.94
C ASN B 87 42.87 -16.53 -14.14
N GLY B 88 41.92 -17.22 -14.74
CA GLY B 88 42.06 -18.64 -14.98
C GLY B 88 42.58 -19.03 -16.36
N LEU B 89 43.30 -18.12 -17.00
CA LEU B 89 43.80 -18.41 -18.34
C LEU B 89 45.21 -19.00 -18.32
N SER B 90 45.55 -19.70 -19.40
CA SER B 90 46.64 -20.67 -19.35
C SER B 90 47.90 -20.32 -20.14
N LEU B 91 48.07 -19.05 -20.50
CA LEU B 91 49.28 -18.56 -21.17
C LEU B 91 49.36 -19.06 -22.62
N GLU B 92 48.43 -19.93 -23.01
CA GLU B 92 48.24 -20.24 -24.41
C GLU B 92 46.77 -20.00 -24.69
N THR B 93 46.20 -19.12 -23.90
CA THR B 93 44.90 -18.52 -24.14
C THR B 93 45.03 -17.33 -25.08
N THR B 94 44.08 -17.19 -26.00
CA THR B 94 44.13 -16.09 -26.96
C THR B 94 43.44 -14.86 -26.38
N LEU B 95 44.22 -13.81 -26.12
CA LEU B 95 43.71 -12.59 -25.51
C LEU B 95 43.22 -11.60 -26.55
N THR B 96 41.95 -11.20 -26.43
CA THR B 96 41.42 -10.14 -27.28
C THR B 96 41.62 -8.78 -26.61
N LEU B 97 42.66 -8.07 -27.03
CA LEU B 97 42.93 -6.74 -26.50
C LEU B 97 42.31 -5.66 -27.37
N GLN B 98 41.32 -4.95 -26.83
CA GLN B 98 40.81 -3.78 -27.53
C GLN B 98 41.58 -2.55 -27.10
N TYR B 99 42.17 -1.86 -28.07
CA TYR B 99 42.98 -0.70 -27.77
C TYR B 99 42.20 0.60 -27.97
N VAL B 100 42.54 1.58 -27.14
CA VAL B 100 41.86 2.87 -27.17
C VAL B 100 42.91 3.98 -27.11
N ARG B 101 42.51 5.20 -27.45
CA ARG B 101 43.40 6.34 -27.26
C ARG B 101 43.59 6.62 -25.78
N SER B 102 44.84 6.80 -25.36
CA SER B 102 45.13 7.15 -23.99
C SER B 102 44.60 8.56 -23.74
N LEU B 103 43.88 8.73 -22.64
CA LEU B 103 43.34 10.04 -22.29
C LEU B 103 44.45 11.07 -22.13
N ILE B 104 44.40 12.12 -22.94
CA ILE B 104 45.33 13.23 -22.76
C ILE B 104 44.91 13.95 -21.49
N PRO B 105 45.77 13.92 -20.47
CA PRO B 105 45.39 14.38 -19.13
C PRO B 105 44.96 15.84 -19.13
N PRO B 106 43.78 16.12 -18.55
CA PRO B 106 43.30 17.51 -18.52
C PRO B 106 43.86 18.21 -17.29
N VAL B 107 45.06 18.75 -17.44
CA VAL B 107 45.75 19.42 -16.35
C VAL B 107 45.21 20.84 -16.19
N TYR B 108 45.46 21.43 -15.04
CA TYR B 108 45.02 22.79 -14.73
C TYR B 108 45.68 23.80 -15.68
N GLU B 109 44.92 24.78 -16.12
CA GLU B 109 45.50 25.83 -16.96
C GLU B 109 45.22 27.25 -16.46
N ALA B 110 43.97 27.51 -16.05
CA ALA B 110 43.61 28.83 -15.55
C ALA B 110 42.33 28.84 -14.71
N SER B 111 42.14 29.94 -13.98
CA SER B 111 40.95 30.12 -13.15
C SER B 111 40.32 31.50 -13.37
N PHE B 112 38.99 31.54 -13.40
CA PHE B 112 38.27 32.81 -13.49
C PHE B 112 37.74 33.19 -12.11
N GLU B 113 38.30 34.26 -11.54
CA GLU B 113 37.95 34.66 -10.19
C GLU B 113 36.59 35.36 -10.11
N HIS B 114 35.81 34.98 -9.10
CA HIS B 114 34.53 35.62 -8.81
C HIS B 114 34.54 36.12 -7.37
N ASP B 115 33.62 37.02 -7.04
CA ASP B 115 33.49 37.50 -5.66
C ASP B 115 32.56 36.62 -4.85
N ASP B 116 31.82 35.75 -5.52
CA ASP B 116 30.93 34.83 -4.83
C ASP B 116 30.98 33.44 -5.46
N TRP B 117 30.23 32.51 -4.87
CA TRP B 117 30.16 31.13 -5.35
C TRP B 117 29.71 31.04 -6.80
N VAL B 118 30.36 30.19 -7.58
CA VAL B 118 29.96 29.94 -8.96
C VAL B 118 28.99 28.77 -9.01
N SER B 119 27.76 29.04 -9.44
CA SER B 119 26.72 28.02 -9.43
C SER B 119 26.59 27.27 -10.76
N ALA B 120 26.92 27.94 -11.86
CA ALA B 120 26.74 27.34 -13.18
C ALA B 120 27.83 27.75 -14.17
N VAL B 121 28.09 26.88 -15.13
CA VAL B 121 29.11 27.10 -16.14
C VAL B 121 28.63 26.56 -17.49
N ASP B 122 28.95 27.27 -18.57
CA ASP B 122 28.66 26.79 -19.91
C ASP B 122 29.61 27.42 -20.92
N VAL B 123 29.83 26.74 -22.04
CA VAL B 123 30.75 27.21 -23.06
C VAL B 123 30.10 27.40 -24.42
N LEU B 124 30.35 28.55 -25.03
CA LEU B 124 29.93 28.80 -26.40
C LEU B 124 31.12 28.64 -27.35
N SER B 125 31.23 27.46 -27.96
CA SER B 125 32.33 27.20 -28.89
C SER B 125 31.79 26.70 -30.22
N ALA B 126 32.67 26.58 -31.21
CA ALA B 126 32.29 26.13 -32.53
C ALA B 126 31.70 24.72 -32.50
N THR B 127 32.16 23.92 -31.55
CA THR B 127 31.72 22.53 -31.45
C THR B 127 30.62 22.35 -30.40
N SER B 128 30.50 23.31 -29.48
CA SER B 128 29.49 23.27 -28.44
C SER B 128 28.09 23.26 -29.07
N PRO B 129 27.09 22.70 -28.35
CA PRO B 129 25.72 22.61 -28.88
C PRO B 129 25.16 23.94 -29.34
N ALA B 130 25.38 25.00 -28.56
CA ALA B 130 24.87 26.32 -28.90
C ALA B 130 25.54 26.88 -30.15
N GLY B 131 26.81 26.54 -30.32
CA GLY B 131 27.56 27.00 -31.48
C GLY B 131 27.05 26.38 -32.77
N ARG B 132 26.70 25.10 -32.69
CA ARG B 132 26.19 24.37 -33.84
C ARG B 132 24.78 24.85 -34.22
N TRP B 133 23.96 25.08 -33.21
CA TRP B 133 22.63 25.67 -33.40
C TRP B 133 22.72 27.05 -34.03
N SER B 134 23.78 27.78 -33.68
CA SER B 134 23.99 29.13 -34.18
C SER B 134 24.27 29.14 -35.69
N SER B 135 25.02 28.16 -36.15
CA SER B 135 25.40 28.08 -37.56
C SER B 135 24.19 27.78 -38.45
N ALA B 136 23.37 26.83 -38.01
CA ALA B 136 22.17 26.45 -38.76
C ALA B 136 21.22 27.63 -38.96
N ALA B 141 22.68 33.57 -33.87
CA ALA B 141 22.55 33.52 -35.32
C ALA B 141 23.92 33.55 -35.99
N ALA B 142 24.86 34.27 -35.39
CA ALA B 142 26.22 34.34 -35.93
C ALA B 142 26.99 33.08 -35.59
N VAL B 143 28.24 32.98 -36.05
CA VAL B 143 29.15 31.90 -35.67
C VAL B 143 30.55 32.46 -35.43
N GLN B 144 31.38 31.68 -34.73
CA GLN B 144 32.64 32.17 -34.18
C GLN B 144 33.83 31.29 -34.59
N PRO B 145 35.00 31.91 -34.79
CA PRO B 145 36.22 31.22 -35.23
C PRO B 145 37.19 30.79 -34.11
N GLY B 146 37.77 31.75 -33.41
CA GLY B 146 38.74 31.48 -32.36
C GLY B 146 38.36 32.29 -31.15
N GLN B 147 37.08 32.61 -31.05
CA GLN B 147 36.63 33.49 -30.00
C GLN B 147 35.39 32.96 -29.30
N GLU B 148 35.63 31.94 -28.48
CA GLU B 148 34.57 31.26 -27.77
C GLU B 148 34.32 31.95 -26.44
N ARG B 149 33.13 31.74 -25.88
CA ARG B 149 32.72 32.47 -24.70
C ARG B 149 32.44 31.50 -23.56
N VAL B 150 32.76 31.92 -22.34
CA VAL B 150 32.45 31.13 -21.17
C VAL B 150 31.41 31.85 -20.32
N LEU B 151 30.29 31.18 -20.05
CA LEU B 151 29.25 31.77 -19.23
C LEU B 151 29.35 31.27 -17.79
N SER B 152 29.27 32.20 -16.85
CA SER B 152 29.33 31.83 -15.44
C SER B 152 28.21 32.49 -14.65
N ALA B 153 27.39 31.66 -14.01
CA ALA B 153 26.37 32.14 -13.09
C ALA B 153 26.94 32.14 -11.68
N SER B 154 26.49 33.08 -10.87
CA SER B 154 26.97 33.16 -9.49
C SER B 154 25.82 33.30 -8.50
N TYR B 155 26.09 32.96 -7.25
CA TYR B 155 25.13 33.09 -6.17
C TYR B 155 24.82 34.57 -5.85
N ASP B 156 25.60 35.48 -6.43
CA ASP B 156 25.35 36.90 -6.23
C ASP B 156 24.24 37.41 -7.16
N GLY B 157 23.73 36.51 -7.99
CA GLY B 157 22.61 36.83 -8.86
C GLY B 157 22.98 37.36 -10.24
N LEU B 158 24.27 37.35 -10.55
CA LEU B 158 24.73 37.91 -11.82
C LEU B 158 25.35 36.88 -12.75
N LEU B 159 25.01 36.99 -14.03
CA LEU B 159 25.68 36.21 -15.09
C LEU B 159 26.91 36.96 -15.57
N ARG B 160 27.94 36.22 -15.98
CA ARG B 160 29.16 36.83 -16.49
C ARG B 160 29.67 36.09 -17.72
N ILE B 161 30.07 36.84 -18.73
CA ILE B 161 30.61 36.28 -19.96
C ILE B 161 32.11 36.49 -20.05
N TRP B 162 32.86 35.41 -20.19
CA TRP B 162 34.31 35.50 -20.26
C TRP B 162 34.83 35.12 -21.65
N ASN B 163 36.05 35.54 -21.95
CA ASN B 163 36.72 35.16 -23.18
C ASN B 163 37.96 34.32 -22.95
N ALA B 164 38.80 34.21 -23.98
CA ALA B 164 39.97 33.34 -23.96
C ALA B 164 40.97 33.66 -22.84
N SER B 165 41.21 34.94 -22.59
CA SER B 165 42.24 35.33 -21.62
C SER B 165 41.65 35.67 -20.26
N GLY B 166 40.45 35.16 -19.98
CA GLY B 166 39.90 35.19 -18.63
C GLY B 166 39.52 36.57 -18.14
N SER B 167 38.97 37.40 -19.03
CA SER B 167 38.51 38.72 -18.63
C SER B 167 37.03 38.90 -18.95
N VAL B 168 36.31 39.60 -18.08
CA VAL B 168 34.87 39.73 -18.22
C VAL B 168 34.48 40.67 -19.34
N ILE B 169 33.83 40.11 -20.36
CA ILE B 169 33.32 40.91 -21.47
C ILE B 169 31.99 41.57 -21.10
N ALA B 170 31.04 40.76 -20.63
CA ALA B 170 29.71 41.26 -20.30
C ALA B 170 29.27 40.82 -18.90
N THR B 171 28.37 41.60 -18.31
CA THR B 171 27.82 41.29 -17.00
C THR B 171 26.34 41.65 -16.95
N SER B 172 25.52 40.73 -16.46
CA SER B 172 24.08 40.93 -16.39
C SER B 172 23.72 42.06 -15.43
N PRO B 173 22.62 42.78 -15.73
CA PRO B 173 22.16 43.85 -14.85
C PRO B 173 21.64 43.31 -13.51
N SER B 174 21.69 44.13 -12.47
CA SER B 174 21.21 43.73 -11.16
C SER B 174 19.69 43.57 -11.16
N GLY B 175 19.14 43.11 -10.04
CA GLY B 175 17.71 42.93 -9.90
C GLY B 175 16.95 44.23 -10.06
N SER B 176 17.61 45.33 -9.69
CA SER B 176 17.02 46.66 -9.81
C SER B 176 16.81 47.09 -11.26
N HIS B 177 17.48 46.40 -12.18
CA HIS B 177 17.41 46.75 -13.60
C HIS B 177 16.91 45.59 -14.47
N GLY B 178 16.03 44.78 -13.91
CA GLY B 178 15.41 43.70 -14.66
C GLY B 178 16.19 42.40 -14.66
N GLY B 179 17.32 42.39 -13.94
CA GLY B 179 18.10 41.19 -13.80
C GLY B 179 17.51 40.28 -12.73
N HIS B 180 18.25 39.25 -12.34
CA HIS B 180 17.80 38.35 -11.30
C HIS B 180 17.83 39.03 -9.94
N THR B 181 16.83 38.72 -9.11
CA THR B 181 16.69 39.36 -7.80
C THR B 181 17.08 38.41 -6.69
N ALA B 182 17.74 37.32 -7.08
CA ALA B 182 18.25 36.33 -6.12
C ALA B 182 19.38 35.55 -6.76
N SER B 183 19.95 34.60 -6.02
CA SER B 183 21.02 33.75 -6.52
C SER B 183 20.60 32.98 -7.76
N ILE B 184 21.49 32.89 -8.73
CA ILE B 184 21.25 32.10 -9.93
C ILE B 184 21.75 30.68 -9.70
N LYS B 185 20.96 29.70 -10.13
CA LYS B 185 21.27 28.29 -9.89
C LYS B 185 21.72 27.56 -11.14
N ALA B 186 21.22 27.98 -12.29
CA ALA B 186 21.56 27.34 -13.56
C ALA B 186 21.50 28.32 -14.71
N ALA B 187 22.36 28.09 -15.71
CA ALA B 187 22.41 28.94 -16.89
C ALA B 187 23.14 28.23 -18.02
N LYS B 188 22.59 28.33 -19.23
CA LYS B 188 23.20 27.72 -20.40
C LYS B 188 23.06 28.59 -21.64
N PHE B 189 23.95 28.39 -22.59
CA PHE B 189 23.86 29.04 -23.88
C PHE B 189 22.74 28.41 -24.71
N LEU B 190 21.87 29.24 -25.27
CA LEU B 190 20.85 28.75 -26.19
C LEU B 190 21.47 28.76 -27.57
N THR B 191 22.12 29.88 -27.86
CA THR B 191 22.87 30.14 -29.07
C THR B 191 23.85 31.25 -28.71
N SER B 192 24.63 31.71 -29.68
CA SER B 192 25.50 32.85 -29.45
C SER B 192 24.63 34.09 -29.28
N ASP B 193 23.40 34.00 -29.80
CA ASP B 193 22.46 35.10 -29.78
C ASP B 193 21.66 35.20 -28.48
N ARG B 194 21.40 34.06 -27.84
CA ARG B 194 20.48 34.01 -26.72
C ARG B 194 20.96 33.14 -25.56
N LEU B 195 20.70 33.60 -24.32
CA LEU B 195 21.02 32.82 -23.14
C LEU B 195 19.75 32.48 -22.36
N ALA B 196 19.88 31.56 -21.41
CA ALA B 196 18.81 31.26 -20.47
C ALA B 196 19.38 31.03 -19.09
N SER B 197 18.69 31.52 -18.06
CA SER B 197 19.16 31.37 -16.69
C SER B 197 18.00 31.23 -15.71
N ALA B 198 18.25 30.57 -14.59
CA ALA B 198 17.23 30.36 -13.57
C ALA B 198 17.86 30.37 -12.18
N GLY B 199 17.05 30.66 -11.16
CA GLY B 199 17.57 30.80 -9.81
C GLY B 199 16.55 30.76 -8.70
N MET B 200 16.90 31.37 -7.57
CA MET B 200 16.08 31.31 -6.37
C MET B 200 14.91 32.28 -6.38
N ASP B 201 14.84 33.12 -7.41
CA ASP B 201 13.72 34.06 -7.55
C ASP B 201 12.55 33.41 -8.28
N ARG B 202 12.63 32.10 -8.46
CA ARG B 202 11.58 31.30 -9.11
C ARG B 202 11.35 31.68 -10.56
N THR B 203 12.25 32.47 -11.13
CA THR B 203 12.11 32.89 -12.51
C THR B 203 13.09 32.18 -13.45
N VAL B 204 12.75 32.18 -14.73
CA VAL B 204 13.68 31.84 -15.79
C VAL B 204 13.81 33.05 -16.69
N ARG B 205 15.03 33.51 -16.91
CA ARG B 205 15.23 34.72 -17.70
C ARG B 205 15.96 34.45 -19.01
N VAL B 206 15.34 34.83 -20.11
CA VAL B 206 15.95 34.72 -21.43
C VAL B 206 16.66 36.01 -21.76
N TRP B 207 17.90 35.91 -22.22
CA TRP B 207 18.71 37.08 -22.50
C TRP B 207 19.09 37.16 -23.96
N LYS B 208 19.42 38.37 -24.42
CA LYS B 208 20.04 38.54 -25.73
C LYS B 208 21.44 39.09 -25.55
N TYR B 209 22.42 38.37 -26.11
CA TYR B 209 23.81 38.78 -25.98
C TYR B 209 24.31 39.45 -27.25
N THR B 210 24.77 40.69 -27.11
CA THR B 210 25.35 41.43 -28.22
C THR B 210 26.78 41.79 -27.90
N GLU B 211 27.65 41.77 -28.90
CA GLU B 211 29.06 42.03 -28.70
C GLU B 211 29.54 43.08 -29.70
N SER B 212 29.74 44.31 -29.23
CA SER B 212 30.18 45.42 -30.07
C SER B 212 31.55 45.13 -30.64
N ASP B 213 32.49 44.83 -29.75
CA ASP B 213 33.80 44.34 -30.13
C ASP B 213 34.14 43.26 -29.11
N HIS B 214 35.24 42.56 -29.35
CA HIS B 214 35.48 41.31 -28.64
C HIS B 214 36.03 41.45 -27.23
N PHE B 215 36.00 42.66 -26.68
CA PHE B 215 36.24 42.84 -25.25
C PHE B 215 35.11 43.61 -24.58
N THR B 216 34.02 43.82 -25.32
CA THR B 216 32.86 44.54 -24.81
C THR B 216 31.57 43.88 -25.25
N GLY B 217 30.71 43.57 -24.29
CA GLY B 217 29.45 42.91 -24.59
C GLY B 217 28.32 43.40 -23.72
N GLU B 218 27.11 42.93 -24.02
CA GLU B 218 25.95 43.39 -23.27
C GLU B 218 24.85 42.33 -23.19
N LEU B 219 24.24 42.22 -22.01
CA LEU B 219 23.16 41.30 -21.76
C LEU B 219 21.85 42.02 -21.43
N LYS B 220 20.81 41.80 -22.24
CA LYS B 220 19.52 42.44 -22.01
C LYS B 220 18.42 41.39 -21.92
N PRO B 221 17.62 41.45 -20.85
CA PRO B 221 16.53 40.51 -20.57
C PRO B 221 15.48 40.50 -21.68
N THR B 222 15.14 39.31 -22.17
CA THR B 222 14.12 39.16 -23.20
C THR B 222 12.79 38.77 -22.59
N LEU B 223 12.84 37.81 -21.67
CA LEU B 223 11.64 37.32 -21.00
C LEU B 223 11.85 37.11 -19.51
N GLU B 224 10.78 37.34 -18.74
CA GLU B 224 10.73 36.89 -17.36
C GLU B 224 9.70 35.77 -17.30
N LEU B 225 10.15 34.57 -16.93
CA LEU B 225 9.28 33.40 -16.99
C LEU B 225 8.90 32.94 -15.59
N TYR B 226 7.61 32.82 -15.36
CA TYR B 226 7.09 32.50 -14.04
C TYR B 226 6.28 31.22 -14.08
N GLY B 227 6.24 30.50 -12.96
CA GLY B 227 5.64 29.18 -12.94
C GLY B 227 5.98 28.36 -11.70
N HIS B 228 7.27 28.18 -11.46
CA HIS B 228 7.71 27.34 -10.35
C HIS B 228 7.39 27.95 -8.97
N THR B 229 7.18 27.08 -8.00
CA THR B 229 6.79 27.48 -6.66
C THR B 229 8.02 27.49 -5.74
N GLY B 230 9.16 27.10 -6.30
CA GLY B 230 10.38 27.03 -5.53
C GLY B 230 11.60 27.35 -6.38
N SER B 231 12.78 27.17 -5.81
CA SER B 231 14.03 27.44 -6.52
C SER B 231 14.15 26.62 -7.80
N VAL B 232 14.51 27.28 -8.89
CA VAL B 232 14.72 26.60 -10.16
C VAL B 232 16.21 26.26 -10.27
N ASP B 233 16.53 24.99 -10.12
CA ASP B 233 17.91 24.57 -9.89
C ASP B 233 18.59 23.93 -11.11
N TRP B 234 17.81 23.49 -12.07
CA TRP B 234 18.38 22.81 -13.24
C TRP B 234 17.81 23.37 -14.53
N LEU B 235 18.62 23.37 -15.58
CA LEU B 235 18.27 24.03 -16.83
C LEU B 235 18.84 23.30 -18.04
N ASP B 236 17.98 22.90 -18.96
CA ASP B 236 18.44 22.40 -20.24
C ASP B 236 17.75 23.17 -21.35
N VAL B 237 18.45 23.38 -22.46
CA VAL B 237 17.93 24.24 -23.52
C VAL B 237 18.08 23.61 -24.89
N ASP B 238 17.23 24.01 -25.83
CA ASP B 238 17.43 23.64 -27.21
C ASP B 238 17.38 24.86 -28.13
N GLY B 239 18.53 25.21 -28.70
CA GLY B 239 18.66 26.39 -29.53
C GLY B 239 17.96 26.33 -30.88
N HIS B 240 17.62 25.14 -31.37
CA HIS B 240 16.93 25.02 -32.65
C HIS B 240 15.46 25.48 -32.53
N SER B 241 14.73 24.89 -31.60
CA SER B 241 13.31 25.19 -31.42
C SER B 241 13.05 26.34 -30.45
N LYS B 242 14.11 26.87 -29.84
CA LYS B 242 13.96 27.88 -28.78
C LYS B 242 13.10 27.38 -27.63
N HIS B 243 13.48 26.25 -27.04
CA HIS B 243 12.72 25.70 -25.91
C HIS B 243 13.62 25.47 -24.70
N ILE B 244 13.02 25.46 -23.51
CA ILE B 244 13.75 25.36 -22.26
C ILE B 244 13.14 24.35 -21.31
N LEU B 245 13.99 23.52 -20.70
CA LEU B 245 13.55 22.60 -19.65
C LEU B 245 14.08 23.02 -18.28
N THR B 246 13.23 22.93 -17.27
CA THR B 246 13.63 23.29 -15.91
C THR B 246 13.20 22.24 -14.90
N ALA B 247 14.06 22.00 -13.92
CA ALA B 247 13.72 21.19 -12.76
C ALA B 247 13.81 22.05 -11.51
N SER B 248 12.79 21.98 -10.66
CA SER B 248 12.72 22.88 -9.51
C SER B 248 12.47 22.16 -8.20
N ALA B 249 12.80 22.82 -7.09
CA ALA B 249 12.62 22.28 -5.76
C ALA B 249 11.16 21.96 -5.45
N ASP B 250 10.24 22.59 -6.19
CA ASP B 250 8.82 22.37 -6.00
C ASP B 250 8.38 20.99 -6.48
N GLY B 251 9.32 20.27 -7.09
CA GLY B 251 9.05 18.91 -7.55
C GLY B 251 8.39 18.89 -8.92
N ALA B 252 8.52 20.00 -9.64
CA ALA B 252 7.88 20.12 -10.94
C ALA B 252 8.89 20.32 -12.07
N ILE B 253 8.57 19.78 -13.24
CA ILE B 253 9.38 19.98 -14.43
C ILE B 253 8.72 21.00 -15.34
N GLY B 254 9.49 22.00 -15.75
CA GLY B 254 8.96 23.08 -16.56
C GLY B 254 9.43 23.05 -18.00
N PHE B 255 8.47 23.18 -18.92
CA PHE B 255 8.77 23.26 -20.34
C PHE B 255 8.45 24.65 -20.84
N TRP B 256 9.45 25.33 -21.41
CA TRP B 256 9.34 26.74 -21.69
C TRP B 256 9.72 27.07 -23.13
N SER B 257 9.17 28.15 -23.66
CA SER B 257 9.60 28.71 -24.93
C SER B 257 10.36 29.99 -24.68
N ALA B 258 11.43 30.23 -25.42
CA ALA B 258 12.27 31.40 -25.19
C ALA B 258 11.86 32.56 -26.07
N SER B 259 10.76 32.39 -26.79
CA SER B 259 10.22 33.45 -27.62
C SER B 259 8.93 33.96 -27.01
N LYS B 260 8.79 35.28 -26.98
CA LYS B 260 7.62 35.92 -26.37
C LYS B 260 6.33 35.56 -27.09
N ALA B 261 6.45 35.22 -28.37
CA ALA B 261 5.28 34.96 -29.21
C ALA B 261 4.54 33.67 -28.81
N SER B 262 5.29 32.61 -28.52
CA SER B 262 4.68 31.30 -28.26
C SER B 262 4.54 31.02 -26.76
N ALA B 263 4.96 31.99 -25.93
CA ALA B 263 4.86 31.83 -24.49
C ALA B 263 3.54 32.39 -23.95
N PRO B 264 2.81 31.55 -23.20
CA PRO B 264 1.53 31.93 -22.58
C PRO B 264 1.67 33.05 -21.55
N GLU B 265 0.54 33.55 -21.06
CA GLU B 265 0.55 34.60 -20.05
C GLU B 265 0.78 34.01 -18.66
N PRO B 266 1.44 34.78 -17.77
CA PRO B 266 1.86 34.24 -16.47
C PRO B 266 0.71 34.04 -15.49
N ASP B 267 0.98 33.28 -14.44
CA ASP B 267 0.11 33.29 -13.27
C ASP B 267 0.46 34.54 -12.47
N ALA B 268 -0.43 35.53 -12.54
CA ALA B 268 -0.15 36.86 -11.98
C ALA B 268 0.12 36.82 -10.48
N SER B 269 -0.28 35.72 -9.84
CA SER B 269 -0.07 35.54 -8.41
C SER B 269 1.39 35.26 -8.07
N LEU B 270 2.13 34.75 -9.06
CA LEU B 270 3.54 34.44 -8.89
C LEU B 270 4.42 35.66 -9.16
N LEU B 271 3.79 36.76 -9.57
CA LEU B 271 4.53 37.95 -9.96
C LEU B 271 4.94 38.79 -8.76
N PRO B 272 6.12 39.43 -8.84
CA PRO B 272 6.71 40.23 -7.76
C PRO B 272 5.81 41.39 -7.33
N GLY B 273 4.81 41.73 -8.14
CA GLY B 273 3.86 42.77 -7.80
C GLY B 273 2.83 42.31 -6.78
N ALA B 274 2.28 41.12 -7.00
CA ALA B 274 1.20 40.60 -6.17
C ALA B 274 1.49 40.61 -4.68
N HIS B 275 0.44 40.63 -3.88
CA HIS B 275 0.53 40.44 -2.44
C HIS B 275 -0.38 39.27 -2.08
N VAL B 276 -0.79 38.55 -3.12
CA VAL B 276 -1.69 37.42 -3.01
C VAL B 276 -1.13 36.33 -2.09
N SER B 287 8.64 46.55 -17.36
CA SER B 287 9.61 46.67 -18.44
C SER B 287 9.67 45.40 -19.26
N THR B 288 10.52 44.46 -18.86
CA THR B 288 10.69 43.19 -19.55
C THR B 288 9.38 42.41 -19.58
N ALA B 289 9.07 41.84 -20.74
CA ALA B 289 7.87 41.02 -20.89
C ALA B 289 7.89 39.84 -19.93
N GLN B 290 6.74 39.57 -19.33
CA GLN B 290 6.59 38.47 -18.38
C GLN B 290 5.68 37.41 -18.95
N ARG B 291 6.15 36.15 -18.96
CA ARG B 291 5.39 35.05 -19.55
C ARG B 291 5.39 33.78 -18.70
N GLY B 292 4.65 32.78 -19.16
CA GLY B 292 4.54 31.52 -18.45
C GLY B 292 5.05 30.35 -19.27
N PRO B 293 4.90 29.12 -18.74
CA PRO B 293 5.40 27.91 -19.39
C PRO B 293 4.43 27.32 -20.42
N LEU B 294 4.93 26.40 -21.23
CA LEU B 294 4.09 25.63 -22.13
C LEU B 294 3.58 24.40 -21.39
N GLY B 295 4.34 24.00 -20.38
CA GLY B 295 3.98 22.87 -19.55
C GLY B 295 4.72 22.91 -18.22
N LEU B 296 4.00 22.69 -17.13
CA LEU B 296 4.59 22.61 -15.81
C LEU B 296 3.98 21.42 -15.07
N TRP B 297 4.76 20.36 -14.92
CA TRP B 297 4.23 19.10 -14.39
C TRP B 297 4.87 18.72 -13.05
N SER B 298 4.04 18.66 -12.02
CA SER B 298 4.48 18.25 -10.70
C SER B 298 4.46 16.74 -10.60
N ILE B 299 5.55 16.11 -11.02
CA ILE B 299 5.62 14.66 -11.14
C ILE B 299 6.51 14.01 -10.10
N HIS B 300 7.03 14.82 -9.17
CA HIS B 300 7.93 14.30 -8.15
C HIS B 300 7.44 14.62 -6.74
N THR B 301 7.79 13.75 -5.78
CA THR B 301 7.38 13.91 -4.39
C THR B 301 8.53 14.49 -3.57
N ALA B 302 9.55 14.98 -4.27
CA ALA B 302 10.74 15.55 -3.66
C ALA B 302 11.33 16.54 -4.65
N PRO B 303 12.28 17.39 -4.20
CA PRO B 303 12.91 18.36 -5.11
C PRO B 303 13.37 17.74 -6.44
N ALA B 304 12.92 18.34 -7.54
CA ALA B 304 13.36 17.91 -8.87
C ALA B 304 14.75 18.48 -9.12
N THR B 305 15.71 17.58 -9.34
CA THR B 305 17.11 17.98 -9.42
C THR B 305 17.63 18.10 -10.85
N ALA B 306 16.99 17.42 -11.80
CA ALA B 306 17.46 17.45 -13.17
C ALA B 306 16.34 17.28 -14.20
N ALA B 307 16.52 17.93 -15.34
CA ALA B 307 15.60 17.82 -16.46
C ALA B 307 16.34 18.11 -17.75
N ILE B 308 16.40 17.13 -18.64
CA ILE B 308 17.16 17.26 -19.88
C ILE B 308 16.38 16.83 -21.10
N PHE B 309 16.71 17.40 -22.25
CA PHE B 309 16.14 16.95 -23.52
C PHE B 309 16.80 15.65 -23.92
N ASP B 310 15.99 14.77 -24.50
CA ASP B 310 16.52 13.56 -25.12
C ASP B 310 17.31 13.93 -26.38
N PRO B 311 18.54 13.39 -26.50
CA PRO B 311 19.44 13.72 -27.61
C PRO B 311 18.87 13.31 -28.96
N ARG B 312 18.24 12.14 -29.00
CA ARG B 312 17.63 11.64 -30.22
C ARG B 312 16.31 12.32 -30.53
N ASP B 313 15.50 12.52 -29.50
CA ASP B 313 14.14 13.01 -29.69
C ASP B 313 13.84 14.21 -28.77
N ARG B 314 13.62 15.39 -29.34
CA ARG B 314 13.33 16.57 -28.52
C ARG B 314 11.92 16.45 -27.93
N THR B 315 11.11 15.55 -28.48
CA THR B 315 9.73 15.38 -28.04
C THR B 315 9.74 14.67 -26.68
N VAL B 316 10.90 14.09 -26.34
CA VAL B 316 11.05 13.34 -25.12
C VAL B 316 11.99 14.05 -24.15
N ALA B 317 11.65 14.03 -22.87
CA ALA B 317 12.50 14.62 -21.84
C ALA B 317 12.67 13.66 -20.68
N TYR B 318 13.83 13.74 -20.02
CA TYR B 318 14.07 12.92 -18.84
C TYR B 318 14.31 13.78 -17.62
N SER B 319 13.69 13.39 -16.51
CA SER B 319 13.83 14.13 -15.27
C SER B 319 14.38 13.23 -14.17
N ALA B 320 15.12 13.83 -13.24
CA ALA B 320 15.63 13.12 -12.08
C ALA B 320 15.38 13.95 -10.83
N SER B 321 15.11 13.28 -9.72
CA SER B 321 14.77 13.98 -8.48
C SER B 321 15.25 13.25 -7.24
N GLN B 322 15.04 13.88 -6.09
CA GLN B 322 15.41 13.31 -4.81
C GLN B 322 14.41 12.26 -4.34
N ASP B 323 13.37 12.03 -5.15
CA ASP B 323 12.40 10.98 -4.86
C ASP B 323 12.86 9.63 -5.40
N HIS B 324 14.15 9.55 -5.74
CA HIS B 324 14.81 8.32 -6.19
C HIS B 324 14.39 7.90 -7.60
N THR B 325 13.68 8.77 -8.31
CA THR B 325 13.14 8.37 -9.61
C THR B 325 13.72 9.09 -10.82
N VAL B 326 13.87 8.36 -11.91
CA VAL B 326 14.08 8.93 -13.23
C VAL B 326 12.80 8.77 -14.02
N ARG B 327 12.27 9.87 -14.53
CA ARG B 327 11.00 9.82 -15.25
C ARG B 327 11.13 10.36 -16.67
N THR B 328 10.52 9.66 -17.61
CA THR B 328 10.57 10.04 -19.01
C THR B 328 9.31 10.79 -19.39
N LEU B 329 9.47 11.93 -20.06
CA LEU B 329 8.34 12.79 -20.36
C LEU B 329 8.06 12.90 -21.85
N ASP B 330 6.80 12.70 -22.21
CA ASP B 330 6.34 12.97 -23.57
C ASP B 330 5.92 14.42 -23.63
N LEU B 331 6.77 15.27 -24.19
CA LEU B 331 6.57 16.72 -24.14
C LEU B 331 5.31 17.18 -24.89
N THR B 332 4.96 16.48 -25.96
CA THR B 332 3.80 16.89 -26.75
C THR B 332 2.48 16.60 -26.01
N THR B 333 2.45 15.52 -25.23
CA THR B 333 1.24 15.19 -24.48
C THR B 333 1.35 15.57 -23.01
N GLY B 334 2.56 15.87 -22.56
CA GLY B 334 2.80 16.21 -21.17
C GLY B 334 2.41 15.09 -20.21
N GLN B 335 2.90 13.89 -20.50
CA GLN B 335 2.54 12.71 -19.71
C GLN B 335 3.75 11.88 -19.32
N VAL B 336 3.68 11.23 -18.16
CA VAL B 336 4.73 10.34 -17.71
C VAL B 336 4.52 8.94 -18.28
N VAL B 337 5.19 8.65 -19.39
CA VAL B 337 5.03 7.36 -20.07
C VAL B 337 5.88 6.28 -19.42
N SER B 338 6.83 6.68 -18.59
CA SER B 338 7.70 5.72 -17.91
C SER B 338 8.23 6.26 -16.58
N THR B 339 8.52 5.35 -15.66
CA THR B 339 9.05 5.72 -14.36
C THR B 339 10.07 4.70 -13.88
N LEU B 340 11.28 5.17 -13.60
CA LEU B 340 12.36 4.32 -13.11
C LEU B 340 12.68 4.71 -11.68
N THR B 341 12.71 3.72 -10.78
CA THR B 341 12.93 4.00 -9.37
C THR B 341 14.23 3.38 -8.85
N LEU B 342 15.22 4.22 -8.61
CA LEU B 342 16.51 3.77 -8.08
C LEU B 342 16.50 3.71 -6.56
N THR B 343 17.65 3.39 -5.98
CA THR B 343 17.76 3.18 -4.54
C THR B 343 18.01 4.48 -3.78
N HIS B 344 18.65 5.45 -4.43
CA HIS B 344 19.08 6.67 -3.76
C HIS B 344 18.53 7.92 -4.43
N PRO B 345 18.50 9.05 -3.68
CA PRO B 345 18.14 10.33 -4.29
C PRO B 345 19.06 10.68 -5.45
N LEU B 346 18.53 11.37 -6.46
CA LEU B 346 19.29 11.70 -7.64
C LEU B 346 19.47 13.21 -7.74
N LEU B 347 20.71 13.65 -8.01
CA LEU B 347 21.04 15.06 -7.96
C LEU B 347 21.47 15.61 -9.31
N SER B 348 21.70 14.71 -10.27
CA SER B 348 22.13 15.11 -11.60
C SER B 348 21.81 14.05 -12.63
N LEU B 349 21.56 14.49 -13.85
CA LEU B 349 21.24 13.58 -14.95
C LEU B 349 21.93 14.05 -16.22
N SER B 350 22.32 13.09 -17.05
CA SER B 350 22.95 13.40 -18.33
C SER B 350 22.67 12.31 -19.34
N ALA B 351 22.53 12.70 -20.60
CA ALA B 351 22.19 11.76 -21.66
C ALA B 351 23.42 11.43 -22.50
N LEU B 352 23.50 10.17 -22.91
CA LEU B 352 24.59 9.68 -23.76
C LEU B 352 24.01 9.22 -25.09
N THR B 353 24.86 9.15 -26.12
CA THR B 353 24.36 8.80 -27.44
C THR B 353 23.87 7.34 -27.45
N ARG B 354 24.75 6.37 -27.21
CA ARG B 354 24.34 4.96 -27.24
C ARG B 354 23.25 4.68 -26.19
N THR B 357 23.13 6.03 -31.06
CA THR B 357 21.74 6.08 -30.61
C THR B 357 21.17 4.64 -30.62
N THR B 358 22.07 3.67 -30.64
CA THR B 358 21.71 2.24 -30.53
C THR B 358 20.71 2.01 -29.40
N SER B 359 20.77 2.87 -28.39
CA SER B 359 19.81 2.90 -27.30
C SER B 359 19.82 4.28 -26.64
N PRO B 360 18.87 4.54 -25.73
CA PRO B 360 19.10 5.69 -24.86
C PRO B 360 19.86 5.29 -23.60
N LEU B 361 20.87 6.07 -23.23
CA LEU B 361 21.65 5.76 -22.03
C LEU B 361 21.86 7.01 -21.17
N LEU B 362 21.43 6.95 -19.92
CA LEU B 362 21.54 8.09 -19.02
C LEU B 362 22.50 7.84 -17.87
N ALA B 363 23.15 8.92 -17.42
CA ALA B 363 23.99 8.88 -16.23
C ALA B 363 23.28 9.64 -15.12
N ALA B 364 23.12 9.00 -13.96
CA ALA B 364 22.43 9.63 -12.84
C ALA B 364 23.33 9.76 -11.62
N GLY B 365 23.66 11.00 -11.26
CA GLY B 365 24.42 11.27 -10.06
C GLY B 365 23.56 11.12 -8.82
N THR B 366 24.11 10.47 -7.80
CA THR B 366 23.35 10.19 -6.58
C THR B 366 23.93 10.93 -5.39
N SER B 367 23.08 11.19 -4.39
CA SER B 367 23.51 11.79 -3.15
C SER B 367 24.38 10.83 -2.36
N ALA B 368 24.30 9.54 -2.71
CA ALA B 368 25.09 8.50 -2.07
C ALA B 368 26.48 8.36 -2.68
N ARG B 369 26.94 9.43 -3.34
CA ARG B 369 28.33 9.59 -3.79
C ARG B 369 28.70 8.81 -5.06
N HIS B 370 27.76 8.04 -5.61
CA HIS B 370 28.04 7.28 -6.83
C HIS B 370 27.17 7.70 -8.00
N ILE B 371 27.54 7.27 -9.20
CA ILE B 371 26.72 7.46 -10.39
C ILE B 371 26.02 6.15 -10.75
N THR B 372 24.81 6.25 -11.27
CA THR B 372 24.08 5.07 -11.72
C THR B 372 23.72 5.20 -13.19
N MET B 373 24.21 4.27 -14.01
CA MET B 373 23.89 4.25 -15.43
C MET B 373 22.58 3.52 -15.65
N VAL B 374 21.67 4.12 -16.39
CA VAL B 374 20.32 3.57 -16.52
C VAL B 374 19.72 3.65 -17.92
N ASP B 375 18.81 2.72 -18.20
CA ASP B 375 17.98 2.77 -19.38
C ASP B 375 16.56 3.08 -18.89
N PRO B 376 16.03 4.24 -19.31
CA PRO B 376 14.82 4.85 -18.75
C PRO B 376 13.58 3.94 -18.68
N ARG B 377 13.50 2.92 -19.52
CA ARG B 377 12.32 2.07 -19.61
C ARG B 377 12.39 0.77 -18.80
N ALA B 378 13.44 0.61 -18.01
CA ALA B 378 13.62 -0.60 -17.19
C ALA B 378 12.61 -0.82 -16.06
N SER B 379 12.05 0.27 -15.52
CA SER B 379 11.04 0.27 -14.44
C SER B 379 11.72 0.10 -13.07
N SER B 380 12.87 -0.56 -13.07
CA SER B 380 13.67 -0.81 -11.87
C SER B 380 14.99 -1.42 -12.29
N ALA B 381 16.03 -1.24 -11.48
CA ALA B 381 17.38 -1.55 -11.91
C ALA B 381 17.60 -3.05 -11.90
N THR B 382 17.92 -3.60 -13.07
CA THR B 382 18.18 -5.03 -13.20
C THR B 382 19.49 -5.36 -12.49
N THR B 383 19.85 -6.63 -12.47
CA THR B 383 21.11 -7.03 -11.85
C THR B 383 22.25 -6.54 -12.72
N SER B 384 21.96 -6.35 -14.01
CA SER B 384 22.97 -5.84 -14.93
C SER B 384 22.99 -4.31 -15.00
N VAL B 385 23.28 -3.66 -13.86
CA VAL B 385 23.26 -2.21 -13.79
C VAL B 385 24.69 -1.74 -13.53
N MET B 386 25.10 -0.64 -14.18
CA MET B 386 26.46 -0.14 -14.01
C MET B 386 26.53 0.99 -12.99
N THR B 387 27.58 0.99 -12.17
CA THR B 387 27.79 2.03 -11.16
C THR B 387 29.18 2.67 -11.29
N LEU B 388 29.24 3.99 -11.18
CA LEU B 388 30.51 4.70 -11.21
C LEU B 388 30.87 5.15 -9.81
N ARG B 389 31.92 4.53 -9.25
CA ARG B 389 32.31 4.82 -7.88
C ARG B 389 33.66 5.53 -7.81
N GLY B 390 33.85 6.32 -6.77
CA GLY B 390 35.09 7.07 -6.60
C GLY B 390 34.88 8.38 -5.87
N HIS B 391 33.74 9.04 -6.13
CA HIS B 391 33.43 10.31 -5.50
C HIS B 391 33.18 10.12 -4.00
N ALA B 392 33.53 11.13 -3.21
CA ALA B 392 33.39 11.06 -1.77
C ALA B 392 32.27 11.95 -1.25
N ASN B 393 31.51 12.53 -2.17
CA ASN B 393 30.42 13.43 -1.80
C ASN B 393 29.32 13.44 -2.85
N LYS B 394 28.32 14.30 -2.66
CA LYS B 394 27.20 14.41 -3.57
C LYS B 394 27.65 14.75 -4.98
N VAL B 395 27.18 13.99 -5.97
CA VAL B 395 27.46 14.30 -7.37
C VAL B 395 26.32 15.12 -7.96
N VAL B 396 26.58 16.39 -8.21
CA VAL B 396 25.52 17.33 -8.57
C VAL B 396 25.59 17.81 -10.02
N SER B 397 26.57 17.34 -10.77
CA SER B 397 26.72 17.78 -12.15
C SER B 397 27.36 16.72 -13.04
N LEU B 398 26.94 16.68 -14.30
CA LEU B 398 27.43 15.70 -15.27
C LEU B 398 27.56 16.32 -16.66
N SER B 399 28.52 15.82 -17.43
CA SER B 399 28.73 16.27 -18.80
C SER B 399 29.47 15.22 -19.62
N PRO B 400 28.95 14.89 -20.81
CA PRO B 400 29.54 13.83 -21.63
C PRO B 400 30.75 14.33 -22.42
N SER B 401 31.62 13.39 -22.81
CA SER B 401 32.78 13.73 -23.63
C SER B 401 32.33 14.15 -25.03
N PRO B 402 32.90 15.24 -25.54
CA PRO B 402 32.64 15.73 -26.90
C PRO B 402 33.23 14.84 -27.98
N GLU B 403 34.31 14.13 -27.68
CA GLU B 403 34.98 13.31 -28.68
C GLU B 403 34.87 11.80 -28.45
N ASN B 404 34.75 11.37 -27.21
CA ASN B 404 34.49 9.95 -26.97
C ASN B 404 33.11 9.72 -26.39
N GLU B 405 32.30 9.03 -27.16
CA GLU B 405 30.95 8.63 -26.77
C GLU B 405 30.93 7.84 -25.46
N TYR B 406 31.99 7.09 -25.17
CA TYR B 406 32.01 6.19 -24.01
C TYR B 406 32.40 6.91 -22.71
N SER B 407 32.86 8.16 -22.84
CA SER B 407 33.41 8.88 -21.70
C SER B 407 32.55 10.07 -21.26
N LEU B 408 32.68 10.44 -19.99
CA LEU B 408 31.96 11.58 -19.43
C LEU B 408 32.67 12.09 -18.18
N VAL B 409 32.34 13.31 -17.77
CA VAL B 409 32.95 13.89 -16.57
C VAL B 409 31.87 14.25 -15.55
N SER B 410 32.18 14.07 -14.27
CA SER B 410 31.24 14.36 -13.20
C SER B 410 31.75 15.44 -12.27
N GLY B 411 30.84 16.24 -11.71
CA GLY B 411 31.20 17.25 -10.75
C GLY B 411 30.60 16.94 -9.39
N SER B 412 31.42 16.97 -8.35
CA SER B 412 30.97 16.56 -7.03
C SER B 412 31.28 17.58 -5.94
N HIS B 413 30.55 17.48 -4.84
CA HIS B 413 30.76 18.36 -3.68
C HIS B 413 32.02 17.98 -2.91
N ASP B 414 32.70 16.92 -3.34
CA ASP B 414 33.98 16.55 -2.72
C ASP B 414 35.08 17.50 -3.16
N GLY B 415 34.79 18.32 -4.17
CA GLY B 415 35.72 19.31 -4.66
C GLY B 415 36.42 18.89 -5.93
N THR B 416 36.17 17.67 -6.38
CA THR B 416 36.86 17.14 -7.55
C THR B 416 35.94 16.96 -8.76
N CYS B 417 36.56 16.81 -9.92
CA CYS B 417 35.89 16.36 -11.12
C CYS B 417 36.54 15.06 -11.58
N ARG B 418 35.72 14.04 -11.83
CA ARG B 418 36.25 12.74 -12.22
C ARG B 418 35.85 12.35 -13.64
N VAL B 419 36.83 11.97 -14.43
CA VAL B 419 36.60 11.55 -15.80
C VAL B 419 36.40 10.03 -15.85
N TRP B 420 35.35 9.61 -16.54
CA TRP B 420 34.99 8.19 -16.57
C TRP B 420 35.11 7.61 -17.97
N ASP B 421 35.47 6.33 -18.04
CA ASP B 421 35.42 5.60 -19.30
C ASP B 421 34.52 4.38 -19.10
N LEU B 422 33.33 4.44 -19.68
CA LEU B 422 32.33 3.39 -19.47
C LEU B 422 32.72 2.05 -20.09
N ARG B 423 33.82 2.03 -20.84
CA ARG B 423 34.35 0.78 -21.36
C ARG B 423 35.13 0.05 -20.27
N SER B 424 35.64 0.81 -19.31
CA SER B 424 36.26 0.24 -18.13
C SER B 424 35.20 -0.25 -17.17
N VAL B 425 35.14 -1.55 -16.94
CA VAL B 425 34.17 -2.10 -16.01
C VAL B 425 34.60 -3.44 -15.40
N ARG B 426 34.40 -3.56 -14.09
CA ARG B 426 34.70 -4.78 -13.36
C ARG B 426 33.47 -5.20 -12.57
N PRO B 427 33.45 -6.46 -12.09
CA PRO B 427 32.36 -6.90 -11.22
C PRO B 427 32.37 -6.18 -9.88
N ALA B 428 31.20 -6.02 -9.28
CA ALA B 428 31.10 -5.33 -7.99
C ALA B 428 31.51 -6.26 -6.86
N THR B 429 32.10 -5.68 -5.83
CA THR B 429 32.55 -6.44 -4.67
C THR B 429 31.46 -6.50 -3.60
N LYS B 430 31.86 -6.78 -2.37
CA LYS B 430 30.94 -6.75 -1.24
C LYS B 430 30.40 -5.34 -0.97
N GLU B 431 30.94 -4.36 -1.69
CA GLU B 431 30.47 -2.98 -1.62
C GLU B 431 28.98 -2.93 -1.94
N GLU B 432 28.58 -3.64 -2.99
CA GLU B 432 27.20 -3.77 -3.40
C GLU B 432 26.80 -5.25 -3.35
N GLY B 433 27.59 -6.03 -2.63
CA GLY B 433 27.36 -7.46 -2.54
C GLY B 433 27.29 -8.14 -3.90
N SER B 434 28.18 -7.72 -4.80
CA SER B 434 28.34 -8.33 -6.11
C SER B 434 27.11 -8.11 -6.97
N LEU B 435 26.56 -6.90 -6.90
CA LEU B 435 25.42 -6.51 -7.72
C LEU B 435 25.88 -5.56 -8.82
N GLY B 436 25.66 -5.96 -10.07
CA GLY B 436 26.04 -5.16 -11.22
C GLY B 436 27.54 -5.06 -11.44
N GLY B 437 27.95 -4.04 -12.19
CA GLY B 437 29.35 -3.81 -12.46
C GLY B 437 29.77 -2.43 -11.99
N VAL B 438 31.06 -2.26 -11.72
CA VAL B 438 31.57 -1.00 -11.21
C VAL B 438 32.69 -0.43 -12.09
N SER B 439 32.61 0.87 -12.39
CA SER B 439 33.68 1.56 -13.09
C SER B 439 34.38 2.55 -12.16
N GLU B 440 35.70 2.64 -12.29
CA GLU B 440 36.48 3.59 -11.51
C GLU B 440 37.04 4.67 -12.43
N PRO B 441 37.26 5.87 -11.88
CA PRO B 441 37.72 7.01 -12.69
C PRO B 441 39.02 6.75 -13.43
N VAL B 442 39.17 7.31 -14.62
CA VAL B 442 40.41 7.22 -15.36
C VAL B 442 41.26 8.44 -15.10
N TYR B 443 40.66 9.44 -14.45
CA TYR B 443 41.37 10.66 -14.09
C TYR B 443 40.61 11.43 -13.01
N VAL B 444 41.36 12.10 -12.13
CA VAL B 444 40.75 12.95 -11.11
C VAL B 444 41.24 14.38 -11.21
N ILE B 445 40.33 15.30 -11.53
CA ILE B 445 40.65 16.71 -11.54
C ILE B 445 40.46 17.29 -10.14
N GLU B 446 41.57 17.60 -9.48
CA GLU B 446 41.53 18.16 -8.14
C GLU B 446 41.24 19.66 -8.21
N ARG B 447 40.83 20.24 -7.08
CA ARG B 447 40.56 21.66 -7.01
C ARG B 447 41.88 22.41 -6.86
N GLU B 448 42.25 23.19 -7.88
CA GLU B 448 43.55 23.84 -7.90
C GLU B 448 43.71 24.87 -6.78
N SER B 449 42.60 25.46 -6.35
CA SER B 449 42.61 26.37 -5.21
C SER B 449 43.18 25.69 -3.97
N TRP B 450 42.78 24.43 -3.76
CA TRP B 450 43.28 23.65 -2.63
C TRP B 450 44.69 23.11 -2.86
N ALA B 451 44.94 22.62 -4.07
CA ALA B 451 46.21 22.00 -4.41
C ALA B 451 47.35 23.03 -4.38
N SER B 452 46.99 24.30 -4.53
CA SER B 452 47.96 25.39 -4.53
C SER B 452 48.68 25.53 -3.20
N LYS B 453 48.00 25.19 -2.11
CA LYS B 453 48.57 25.42 -0.78
C LYS B 453 49.66 24.41 -0.43
N GLY B 454 49.72 23.32 -1.19
CA GLY B 454 50.76 22.32 -1.03
C GLY B 454 50.45 21.36 0.10
N LYS B 455 49.37 21.65 0.83
CA LYS B 455 48.91 20.79 1.91
C LYS B 455 48.54 19.42 1.34
N LYS B 456 48.83 18.36 2.09
CA LYS B 456 48.45 17.01 1.70
C LYS B 456 47.28 16.52 2.52
N LYS B 457 46.53 17.45 3.09
CA LYS B 457 45.29 17.13 3.77
C LYS B 457 44.12 17.85 3.10
N ARG B 458 43.14 17.05 2.70
CA ARG B 458 42.02 17.51 1.90
C ARG B 458 40.97 18.21 2.76
N PRO B 459 40.19 19.11 2.13
CA PRO B 459 39.08 19.72 2.85
C PRO B 459 38.05 18.68 3.24
N VAL B 460 37.48 18.81 4.44
CA VAL B 460 36.44 17.89 4.87
C VAL B 460 35.10 18.38 4.34
N ALA B 461 34.31 17.45 3.82
CA ALA B 461 32.98 17.77 3.29
C ALA B 461 33.01 18.86 2.22
N GLY B 462 34.10 18.93 1.46
CA GLY B 462 34.24 19.97 0.46
C GLY B 462 34.09 21.34 1.07
N ASP B 463 34.83 21.61 2.13
CA ASP B 463 34.64 22.79 2.97
C ASP B 463 34.73 24.12 2.22
N GLY B 464 35.75 24.28 1.40
CA GLY B 464 35.93 25.52 0.65
C GLY B 464 36.01 25.32 -0.84
N CYS B 465 35.72 24.10 -1.30
CA CYS B 465 36.01 23.74 -2.69
C CYS B 465 34.92 22.97 -3.43
N LYS B 466 33.68 22.99 -2.92
CA LYS B 466 32.61 22.22 -3.56
C LYS B 466 32.42 22.60 -5.02
N VAL B 467 32.24 21.60 -5.88
CA VAL B 467 31.98 21.82 -7.29
C VAL B 467 30.48 21.77 -7.56
N PHE B 468 29.96 22.80 -8.22
CA PHE B 468 28.53 22.90 -8.47
C PHE B 468 28.17 22.62 -9.92
N SER B 469 29.09 22.91 -10.83
CA SER B 469 28.81 22.76 -12.26
C SER B 469 30.09 22.49 -13.06
N VAL B 470 30.00 21.49 -13.94
CA VAL B 470 31.10 21.19 -14.85
C VAL B 470 30.59 21.00 -16.27
N VAL B 471 31.34 21.47 -17.25
CA VAL B 471 30.99 21.32 -18.65
C VAL B 471 32.20 20.89 -19.46
N TRP B 472 32.05 19.85 -20.26
CA TRP B 472 33.16 19.34 -21.06
C TRP B 472 33.00 19.75 -22.52
N ASP B 473 33.89 20.64 -22.95
CA ASP B 473 33.93 21.08 -24.33
C ASP B 473 35.30 20.70 -24.88
N LYS B 474 35.49 20.79 -26.19
CA LYS B 474 36.78 20.49 -26.80
C LYS B 474 37.78 21.59 -26.52
N LEU B 475 37.27 22.73 -26.07
CA LEU B 475 38.12 23.83 -25.64
C LEU B 475 38.72 23.51 -24.28
N GLY B 476 38.05 22.63 -23.54
CA GLY B 476 38.55 22.18 -22.25
C GLY B 476 37.44 21.82 -21.28
N ILE B 477 37.82 21.47 -20.06
CA ILE B 477 36.86 21.14 -19.01
C ILE B 477 36.74 22.29 -18.03
N PHE B 478 35.57 22.91 -17.99
CA PHE B 478 35.35 24.07 -17.14
C PHE B 478 34.44 23.73 -15.96
N SER B 479 34.92 24.00 -14.75
CA SER B 479 34.18 23.66 -13.55
C SER B 479 34.14 24.83 -12.57
N GLY B 480 32.93 25.20 -12.15
CA GLY B 480 32.74 26.28 -11.19
C GLY B 480 32.17 25.75 -9.89
N GLY B 481 32.41 26.46 -8.80
CA GLY B 481 31.93 26.02 -7.51
C GLY B 481 32.09 26.98 -6.35
N GLU B 482 32.12 26.43 -5.14
CA GLU B 482 32.15 27.21 -3.90
C GLU B 482 33.40 28.05 -3.75
N ASP B 483 34.51 27.62 -4.35
CA ASP B 483 35.77 28.35 -4.22
C ASP B 483 35.80 29.63 -5.07
N LYS B 484 34.64 29.99 -5.62
CA LYS B 484 34.43 31.25 -6.33
C LYS B 484 35.21 31.29 -7.65
N LYS B 485 35.62 30.12 -8.15
CA LYS B 485 36.42 30.07 -9.36
C LYS B 485 35.81 29.17 -10.42
N VAL B 486 35.97 29.56 -11.68
CA VAL B 486 35.76 28.65 -12.81
C VAL B 486 37.11 28.05 -13.18
N GLN B 487 37.28 26.76 -12.94
CA GLN B 487 38.57 26.11 -13.16
C GLN B 487 38.62 25.47 -14.55
N VAL B 488 39.69 25.78 -15.29
CA VAL B 488 39.86 25.27 -16.64
C VAL B 488 40.88 24.14 -16.67
N ASN B 489 40.51 23.04 -17.32
CA ASN B 489 41.40 21.89 -17.46
C ASN B 489 41.46 21.44 -18.91
N ARG B 490 42.68 21.26 -19.44
CA ARG B 490 42.86 20.82 -20.82
C ARG B 490 44.25 20.26 -21.05
N GLY B 491 44.38 19.44 -22.09
CA GLY B 491 45.66 18.87 -22.46
C GLY B 491 46.50 19.84 -23.27
N LEU C 19 -20.99 10.79 16.09
CA LEU C 19 -21.73 11.92 15.52
C LEU C 19 -22.33 11.62 14.14
N PRO C 20 -21.58 10.93 13.24
CA PRO C 20 -22.22 10.63 11.95
C PRO C 20 -23.41 9.67 12.08
N SER C 21 -24.12 9.46 10.97
CA SER C 21 -25.29 8.59 10.97
C SER C 21 -24.94 7.21 10.41
N PRO C 22 -25.71 6.18 10.81
CA PRO C 22 -25.52 4.80 10.35
C PRO C 22 -25.44 4.65 8.83
N ASP C 23 -26.12 5.52 8.10
CA ASP C 23 -26.12 5.47 6.64
C ASP C 23 -24.73 5.70 6.07
N GLU C 24 -23.95 6.55 6.72
CA GLU C 24 -22.61 6.89 6.27
C GLU C 24 -21.58 5.89 6.77
N LEU C 25 -22.02 4.93 7.58
CA LEU C 25 -21.10 4.04 8.26
C LEU C 25 -21.17 2.61 7.75
N LYS C 26 -21.51 2.46 6.47
CA LYS C 26 -21.56 1.14 5.84
C LYS C 26 -20.15 0.62 5.57
N PRO C 27 -19.97 -0.70 5.55
CA PRO C 27 -20.99 -1.75 5.72
C PRO C 27 -21.10 -2.27 7.16
N PHE C 28 -22.30 -2.72 7.54
CA PHE C 28 -22.50 -3.44 8.78
C PHE C 28 -23.67 -4.42 8.62
N PRO C 29 -23.63 -5.54 9.36
CA PRO C 29 -24.69 -6.55 9.25
C PRO C 29 -26.05 -6.04 9.71
N THR C 30 -27.10 -6.38 8.96
CA THR C 30 -28.44 -5.91 9.28
C THR C 30 -29.47 -7.04 9.37
N VAL C 31 -29.18 -8.18 8.75
CA VAL C 31 -30.20 -9.23 8.63
C VAL C 31 -29.69 -10.64 8.93
N GLN C 32 -30.62 -11.48 9.36
CA GLN C 32 -30.38 -12.90 9.59
C GLN C 32 -30.41 -13.64 8.25
N GLN C 33 -29.39 -14.44 7.97
CA GLN C 33 -29.28 -15.08 6.66
C GLN C 33 -29.03 -16.59 6.71
N THR C 34 -28.44 -17.08 7.79
CA THR C 34 -28.26 -18.52 7.94
C THR C 34 -28.46 -18.95 9.39
N ILE C 35 -29.18 -20.05 9.56
CA ILE C 35 -29.41 -20.63 10.88
C ILE C 35 -28.73 -21.99 10.98
N PHE C 36 -28.06 -22.23 12.11
CA PHE C 36 -27.37 -23.49 12.32
C PHE C 36 -28.14 -24.35 13.33
N ARG C 37 -28.77 -25.41 12.84
CA ARG C 37 -29.60 -26.26 13.67
C ARG C 37 -28.98 -27.65 13.84
N GLY C 38 -29.18 -28.24 15.03
CA GLY C 38 -28.65 -29.55 15.31
C GLY C 38 -28.38 -29.75 16.79
N HIS C 39 -27.96 -28.67 17.46
CA HIS C 39 -27.74 -28.72 18.89
C HIS C 39 -29.05 -28.92 19.65
N GLU C 40 -28.98 -29.63 20.76
CA GLU C 40 -30.11 -29.72 21.67
C GLU C 40 -29.74 -29.04 22.99
N GLY C 41 -30.56 -28.08 23.38
CA GLY C 41 -30.23 -27.23 24.52
C GLY C 41 -29.42 -26.02 24.06
N ARG C 42 -28.95 -25.23 25.01
CA ARG C 42 -28.26 -23.98 24.70
C ARG C 42 -26.98 -24.19 23.90
N VAL C 43 -26.76 -23.32 22.92
CA VAL C 43 -25.46 -23.22 22.26
C VAL C 43 -24.62 -22.20 23.02
N ARG C 44 -23.55 -22.67 23.67
CA ARG C 44 -22.80 -21.83 24.59
C ARG C 44 -21.68 -21.04 23.94
N SER C 45 -21.24 -21.46 22.76
CA SER C 45 -20.10 -20.80 22.13
C SER C 45 -20.09 -20.91 20.60
N VAL C 46 -19.54 -19.89 19.95
CA VAL C 46 -19.37 -19.89 18.50
C VAL C 46 -17.98 -19.40 18.12
N ALA C 47 -17.40 -20.01 17.08
CA ALA C 47 -16.07 -19.61 16.61
C ALA C 47 -15.88 -19.98 15.15
N ILE C 48 -15.48 -19.00 14.34
CA ILE C 48 -15.20 -19.22 12.93
C ILE C 48 -13.72 -19.54 12.73
N ASP C 49 -13.43 -20.50 11.86
CA ASP C 49 -12.06 -20.93 11.61
C ASP C 49 -11.25 -19.77 10.99
N PRO C 50 -9.91 -19.82 11.12
CA PRO C 50 -9.03 -18.76 10.61
C PRO C 50 -9.26 -18.40 9.15
N THR C 51 -9.67 -19.35 8.32
CA THR C 51 -9.85 -19.10 6.89
C THR C 51 -11.25 -18.61 6.56
N GLY C 52 -12.08 -18.46 7.59
CA GLY C 52 -13.41 -17.90 7.42
C GLY C 52 -14.39 -18.79 6.67
N VAL C 53 -14.07 -20.09 6.61
CA VAL C 53 -14.86 -21.02 5.83
C VAL C 53 -15.83 -21.83 6.69
N ALA C 54 -15.42 -22.14 7.92
CA ALA C 54 -16.24 -22.99 8.78
C ALA C 54 -16.56 -22.35 10.13
N LEU C 55 -17.68 -22.78 10.71
CA LEU C 55 -18.08 -22.35 12.04
C LEU C 55 -17.92 -23.50 13.03
N ALA C 56 -17.59 -23.17 14.28
CA ALA C 56 -17.55 -24.16 15.34
C ALA C 56 -18.54 -23.78 16.45
N THR C 57 -19.22 -24.79 16.99
CA THR C 57 -20.16 -24.56 18.07
C THR C 57 -20.01 -25.61 19.17
N GLY C 58 -20.43 -25.23 20.37
CA GLY C 58 -20.46 -26.15 21.51
C GLY C 58 -21.63 -25.78 22.39
N GLY C 59 -22.20 -26.77 23.06
CA GLY C 59 -23.40 -26.52 23.86
C GLY C 59 -23.73 -27.51 24.94
N ASP C 60 -24.96 -27.41 25.43
CA ASP C 60 -25.47 -28.25 26.51
C ASP C 60 -25.32 -29.75 26.24
N ASP C 61 -25.52 -30.16 24.98
CA ASP C 61 -25.50 -31.58 24.65
C ASP C 61 -24.09 -32.18 24.68
N GLY C 62 -23.10 -31.35 25.03
CA GLY C 62 -21.75 -31.83 25.21
C GLY C 62 -21.07 -32.17 23.90
N THR C 63 -21.65 -31.69 22.80
CA THR C 63 -21.11 -31.96 21.48
C THR C 63 -20.40 -30.76 20.87
N VAL C 64 -19.33 -31.02 20.14
CA VAL C 64 -18.70 -30.01 19.31
C VAL C 64 -19.15 -30.21 17.88
N ARG C 65 -19.59 -29.14 17.22
CA ARG C 65 -20.10 -29.23 15.86
C ARG C 65 -19.45 -28.24 14.92
N VAL C 66 -19.01 -28.72 13.76
CA VAL C 66 -18.36 -27.88 12.76
C VAL C 66 -19.26 -27.76 11.53
N TRP C 67 -19.41 -26.53 11.03
CA TRP C 67 -20.42 -26.25 10.00
C TRP C 67 -19.83 -25.58 8.76
N GLU C 68 -20.47 -25.83 7.62
CA GLU C 68 -20.24 -25.01 6.44
C GLU C 68 -20.94 -23.68 6.64
N LEU C 69 -20.17 -22.59 6.68
CA LEU C 69 -20.65 -21.31 7.19
C LEU C 69 -21.90 -20.74 6.49
N LEU C 70 -21.84 -20.60 5.17
CA LEU C 70 -22.92 -19.92 4.45
C LEU C 70 -24.19 -20.72 4.25
N THR C 71 -24.07 -22.04 4.10
CA THR C 71 -25.26 -22.87 3.90
C THR C 71 -25.84 -23.30 5.23
N GLY C 72 -24.96 -23.50 6.21
CA GLY C 72 -25.38 -23.91 7.53
C GLY C 72 -25.43 -25.42 7.65
N ARG C 73 -24.61 -26.10 6.87
CA ARG C 73 -24.60 -27.55 6.87
C ARG C 73 -23.60 -28.06 7.92
N GLN C 74 -24.04 -29.03 8.71
CA GLN C 74 -23.16 -29.67 9.68
C GLN C 74 -22.30 -30.71 9.00
N VAL C 75 -20.98 -30.48 9.01
CA VAL C 75 -20.06 -31.36 8.30
C VAL C 75 -19.31 -32.30 9.24
N TRP C 76 -19.35 -31.99 10.54
CA TRP C 76 -18.63 -32.80 11.52
C TRP C 76 -19.13 -32.55 12.94
N SER C 77 -19.10 -33.58 13.77
CA SER C 77 -19.49 -33.45 15.17
C SER C 77 -18.88 -34.54 16.03
N VAL C 78 -18.79 -34.28 17.34
CA VAL C 78 -18.26 -35.24 18.29
C VAL C 78 -18.79 -34.95 19.69
N LYS C 79 -19.11 -36.01 20.43
CA LYS C 79 -19.53 -35.86 21.81
C LYS C 79 -18.35 -36.15 22.73
N LEU C 80 -17.80 -35.11 23.33
CA LEU C 80 -16.59 -35.23 24.13
C LEU C 80 -16.86 -35.88 25.48
N ASN C 81 -17.89 -35.39 26.17
CA ASN C 81 -18.23 -35.89 27.49
C ASN C 81 -19.74 -35.88 27.67
N GLY C 82 -20.29 -37.01 28.10
CA GLY C 82 -21.71 -37.17 28.29
C GLY C 82 -22.30 -36.29 29.38
N ASP C 83 -21.54 -36.06 30.43
CA ASP C 83 -22.04 -35.36 31.61
C ASP C 83 -21.80 -33.86 31.54
N GLU C 84 -20.83 -33.45 30.73
CA GLU C 84 -20.43 -32.05 30.70
C GLU C 84 -20.74 -31.35 29.39
N ALA C 85 -21.38 -30.20 29.50
CA ALA C 85 -21.61 -29.34 28.35
C ALA C 85 -20.30 -28.71 27.90
N VAL C 86 -20.20 -28.40 26.61
CA VAL C 86 -19.05 -27.66 26.11
C VAL C 86 -19.25 -26.18 26.37
N ASN C 87 -18.37 -25.58 27.17
CA ASN C 87 -18.52 -24.19 27.56
C ASN C 87 -18.00 -23.21 26.52
N THR C 88 -16.92 -23.60 25.83
CA THR C 88 -16.30 -22.71 24.85
C THR C 88 -15.50 -23.47 23.79
N VAL C 89 -15.53 -22.95 22.57
CA VAL C 89 -14.73 -23.49 21.48
C VAL C 89 -13.94 -22.38 20.80
N ARG C 90 -12.65 -22.61 20.61
CA ARG C 90 -11.76 -21.61 20.01
C ARG C 90 -10.73 -22.27 19.11
N TRP C 91 -10.68 -21.84 17.85
CA TRP C 91 -9.73 -22.38 16.89
C TRP C 91 -8.31 -21.91 17.19
N ARG C 92 -7.33 -22.72 16.81
CA ARG C 92 -5.95 -22.27 16.82
C ARG C 92 -5.85 -21.29 15.65
N PRO C 93 -5.27 -20.11 15.90
CA PRO C 93 -5.39 -19.01 14.93
C PRO C 93 -4.44 -19.14 13.74
N THR C 94 -3.84 -20.32 13.58
CA THR C 94 -2.89 -20.56 12.51
C THR C 94 -3.55 -21.22 11.31
N LYS C 95 -3.18 -20.79 10.11
CA LYS C 95 -3.75 -21.34 8.88
C LYS C 95 -2.95 -22.54 8.38
N ASP C 96 -1.80 -22.78 8.99
CA ASP C 96 -0.96 -23.91 8.64
C ASP C 96 -1.47 -25.20 9.27
N THR C 97 -2.51 -25.06 10.10
CA THR C 97 -3.13 -26.20 10.75
C THR C 97 -4.65 -26.08 10.71
N PHE C 98 -5.34 -27.13 11.14
CA PHE C 98 -6.78 -27.09 11.31
C PHE C 98 -7.12 -27.68 12.67
N ILE C 99 -6.70 -26.99 13.72
CA ILE C 99 -6.86 -27.47 15.09
C ILE C 99 -7.92 -26.68 15.85
N LEU C 100 -8.85 -27.41 16.46
CA LEU C 100 -9.93 -26.79 17.23
C LEU C 100 -9.82 -27.16 18.71
N ALA C 101 -10.04 -26.19 19.58
CA ALA C 101 -10.00 -26.42 21.02
C ALA C 101 -11.41 -26.37 21.60
N ALA C 102 -11.68 -27.25 22.55
CA ALA C 102 -12.99 -27.29 23.20
C ALA C 102 -12.86 -27.57 24.69
N ALA C 103 -13.57 -26.80 25.49
CA ALA C 103 -13.54 -26.99 26.94
C ALA C 103 -14.86 -27.56 27.44
N ALA C 104 -14.77 -28.70 28.11
CA ALA C 104 -15.92 -29.31 28.76
C ALA C 104 -15.51 -29.79 30.15
N GLY C 105 -16.22 -29.31 31.16
CA GLY C 105 -15.87 -29.61 32.54
C GLY C 105 -14.48 -29.09 32.88
N GLU C 106 -13.59 -30.00 33.27
CA GLU C 106 -12.25 -29.64 33.69
C GLU C 106 -11.21 -30.01 32.63
N ASP C 107 -11.69 -30.41 31.46
CA ASP C 107 -10.80 -30.84 30.37
C ASP C 107 -10.77 -29.87 29.20
N ILE C 108 -9.62 -29.80 28.54
CA ILE C 108 -9.53 -29.15 27.24
C ILE C 108 -9.27 -30.24 26.21
N PHE C 109 -10.07 -30.28 25.15
CA PHE C 109 -9.83 -31.23 24.09
C PHE C 109 -9.31 -30.53 22.85
N LEU C 110 -8.22 -31.05 22.30
CA LEU C 110 -7.65 -30.53 21.07
C LEU C 110 -7.87 -31.54 19.95
N MET C 111 -8.62 -31.13 18.93
CA MET C 111 -9.04 -32.06 17.89
C MET C 111 -8.80 -31.53 16.48
N ILE C 112 -8.86 -32.45 15.52
CA ILE C 112 -8.80 -32.08 14.11
C ILE C 112 -10.12 -32.46 13.45
N PRO C 113 -11.01 -31.48 13.30
CA PRO C 113 -12.32 -31.71 12.67
C PRO C 113 -12.17 -32.29 11.26
N THR C 114 -13.05 -33.22 10.89
CA THR C 114 -13.04 -33.73 9.53
C THR C 114 -13.72 -32.70 8.62
N HIS C 115 -12.92 -32.13 7.72
CA HIS C 115 -13.38 -31.02 6.91
C HIS C 115 -12.67 -31.04 5.56
N PRO C 116 -13.36 -30.66 4.48
CA PRO C 116 -12.80 -30.61 3.13
C PRO C 116 -11.45 -29.87 3.02
N SER C 117 -11.19 -28.92 3.91
CA SER C 117 -9.93 -28.21 3.87
C SER C 117 -8.80 -29.04 4.47
N VAL C 118 -9.16 -30.10 5.19
CA VAL C 118 -8.17 -30.97 5.81
C VAL C 118 -7.64 -31.99 4.81
N THR C 119 -6.55 -31.62 4.14
CA THR C 119 -5.85 -32.52 3.24
C THR C 119 -5.03 -33.49 4.07
N PRO C 120 -4.53 -34.58 3.45
CA PRO C 120 -3.58 -35.45 4.15
C PRO C 120 -2.38 -34.67 4.66
N ALA C 121 -1.97 -33.63 3.93
CA ALA C 121 -0.87 -32.78 4.32
C ALA C 121 -1.22 -31.94 5.55
N LEU C 122 -2.41 -31.35 5.53
CA LEU C 122 -2.84 -30.49 6.64
C LEU C 122 -3.13 -31.32 7.89
N ASP C 123 -3.63 -32.53 7.69
CA ASP C 123 -3.86 -33.46 8.80
C ASP C 123 -2.54 -33.79 9.49
N GLN C 124 -1.55 -34.17 8.70
CA GLN C 124 -0.23 -34.52 9.23
C GLN C 124 0.40 -33.36 9.98
N ALA C 125 0.33 -32.17 9.38
CA ALA C 125 0.90 -30.96 9.98
C ALA C 125 0.24 -30.66 11.32
N SER C 126 -1.06 -30.90 11.40
CA SER C 126 -1.81 -30.65 12.63
C SER C 126 -1.42 -31.65 13.72
N ARG C 127 -1.32 -32.92 13.34
CA ARG C 127 -0.95 -33.97 14.28
C ARG C 127 0.46 -33.76 14.82
N ASP C 128 1.36 -33.31 13.95
CA ASP C 128 2.74 -33.03 14.35
C ASP C 128 2.80 -31.94 15.40
N ILE C 129 1.94 -30.93 15.25
CA ILE C 129 1.87 -29.81 16.18
C ILE C 129 1.37 -30.30 17.54
N LEU C 130 0.41 -31.21 17.52
CA LEU C 130 -0.18 -31.75 18.75
C LEU C 130 0.73 -32.76 19.44
N ASN C 131 1.59 -33.41 18.67
CA ASN C 131 2.45 -34.47 19.20
C ASN C 131 3.81 -33.97 19.68
N ALA C 132 4.21 -32.79 19.21
CA ALA C 132 5.56 -32.26 19.46
C ALA C 132 5.92 -32.18 20.94
N GLY C 133 4.95 -31.81 21.76
CA GLY C 133 5.17 -31.62 23.18
C GLY C 133 5.47 -32.87 23.99
N PHE C 134 5.09 -34.03 23.44
CA PHE C 134 5.25 -35.31 24.12
C PHE C 134 6.68 -35.60 24.55
N GLY C 135 6.85 -35.98 25.82
CA GLY C 135 8.15 -36.39 26.34
C GLY C 135 9.14 -35.26 26.52
N HIS C 136 8.62 -34.06 26.79
CA HIS C 136 9.48 -32.89 26.99
C HIS C 136 9.82 -32.70 28.46
N ALA C 137 11.06 -33.01 28.82
CA ALA C 137 11.50 -32.93 30.21
C ALA C 137 11.65 -31.48 30.66
N GLU C 151 -4.04 -33.00 39.75
CA GLU C 151 -3.50 -32.21 40.86
C GLU C 151 -2.27 -31.37 40.48
N PRO C 152 -1.50 -31.81 39.47
CA PRO C 152 -0.63 -30.81 38.83
C PRO C 152 -1.49 -29.81 38.06
N PRO C 153 -0.93 -28.62 37.72
CA PRO C 153 -1.74 -27.58 37.07
C PRO C 153 -2.46 -28.10 35.83
N GLY C 154 -1.75 -28.87 35.02
CA GLY C 154 -2.34 -29.48 33.85
C GLY C 154 -1.92 -30.92 33.72
N LYS C 155 -2.86 -31.75 33.28
CA LYS C 155 -2.61 -33.17 33.08
C LYS C 155 -2.84 -33.55 31.63
N TRP C 156 -1.75 -33.77 30.88
CA TRP C 156 -1.83 -34.05 29.45
C TRP C 156 -1.86 -35.55 29.15
N ALA C 157 -2.77 -35.95 28.26
CA ALA C 157 -2.91 -37.36 27.87
C ALA C 157 -3.76 -37.53 26.61
N ARG C 158 -3.68 -38.71 26.01
CA ARG C 158 -4.61 -39.10 24.96
C ARG C 158 -6.02 -39.20 25.55
N PRO C 159 -7.04 -38.84 24.76
CA PRO C 159 -8.41 -38.78 25.29
C PRO C 159 -9.11 -40.12 25.33
N GLY C 160 -8.53 -41.14 24.70
CA GLY C 160 -9.16 -42.45 24.63
C GLY C 160 -9.50 -42.82 23.20
N THR C 161 -9.62 -44.12 22.94
CA THR C 161 -9.81 -44.64 21.59
C THR C 161 -11.04 -44.06 20.89
N ARG C 162 -12.15 -43.96 21.62
CA ARG C 162 -13.40 -43.46 21.06
C ARG C 162 -13.23 -42.06 20.48
N LEU C 163 -12.67 -41.16 21.28
CA LEU C 163 -12.45 -39.78 20.84
C LEU C 163 -11.31 -39.69 19.83
N GLU C 164 -10.31 -40.55 19.99
CA GLU C 164 -9.18 -40.58 19.06
C GLU C 164 -9.62 -40.93 17.64
N ASP C 165 -10.58 -41.85 17.53
CA ASP C 165 -11.09 -42.28 16.24
C ASP C 165 -11.84 -41.14 15.53
N GLU C 166 -12.31 -40.17 16.30
CA GLU C 166 -13.07 -39.07 15.74
C GLU C 166 -12.21 -37.82 15.51
N GLY C 167 -10.91 -37.94 15.76
CA GLY C 167 -9.97 -36.87 15.50
C GLY C 167 -9.58 -36.03 16.71
N VAL C 168 -10.08 -36.42 17.88
CA VAL C 168 -9.68 -35.76 19.13
C VAL C 168 -8.42 -36.43 19.65
N LEU C 169 -7.34 -35.67 19.74
CA LEU C 169 -6.03 -36.28 20.00
C LEU C 169 -5.41 -35.95 21.37
N LEU C 170 -5.86 -34.86 22.00
CA LEU C 170 -5.32 -34.50 23.30
C LEU C 170 -6.39 -34.11 24.32
N ARG C 171 -6.18 -34.53 25.57
CA ARG C 171 -6.98 -34.06 26.69
C ARG C 171 -6.08 -33.46 27.76
N ILE C 172 -6.33 -32.20 28.10
CA ILE C 172 -5.61 -31.54 29.19
C ILE C 172 -6.56 -31.31 30.36
N THR C 173 -6.24 -31.89 31.51
CA THR C 173 -7.11 -31.80 32.67
C THR C 173 -6.61 -30.76 33.68
N VAL C 174 -7.44 -29.76 33.94
CA VAL C 174 -7.11 -28.73 34.93
C VAL C 174 -7.92 -28.94 36.20
N ARG C 175 -7.66 -28.12 37.20
CA ARG C 175 -8.23 -28.33 38.53
C ARG C 175 -9.74 -28.04 38.61
N SER C 176 -10.20 -27.02 37.89
CA SER C 176 -11.60 -26.61 37.99
C SER C 176 -12.24 -26.35 36.62
N THR C 177 -13.56 -26.21 36.60
CA THR C 177 -14.32 -26.06 35.36
C THR C 177 -13.87 -24.87 34.53
N ILE C 178 -13.63 -25.11 33.24
CA ILE C 178 -13.11 -24.08 32.35
C ILE C 178 -14.23 -23.29 31.68
N LYS C 179 -14.14 -21.97 31.79
CA LYS C 179 -15.17 -21.09 31.23
C LYS C 179 -14.64 -20.21 30.10
N ALA C 180 -13.33 -20.24 29.88
CA ALA C 180 -12.72 -19.39 28.86
C ALA C 180 -11.46 -19.98 28.26
N ILE C 181 -11.35 -19.92 26.93
CA ILE C 181 -10.14 -20.28 26.22
C ILE C 181 -9.67 -19.14 25.34
N SER C 182 -8.39 -18.78 25.46
CA SER C 182 -7.84 -17.71 24.62
C SER C 182 -6.49 -18.11 24.04
N TRP C 183 -6.43 -18.23 22.72
CA TRP C 183 -5.18 -18.55 22.04
C TRP C 183 -4.30 -17.33 21.89
N HIS C 184 -2.99 -17.55 21.95
CA HIS C 184 -2.04 -16.54 21.50
C HIS C 184 -1.94 -16.66 19.99
N ARG C 185 -1.66 -15.53 19.32
CA ARG C 185 -1.74 -15.44 17.87
C ARG C 185 -0.84 -16.42 17.11
N ARG C 186 0.30 -16.76 17.69
CA ARG C 186 1.21 -17.70 17.03
C ARG C 186 0.77 -19.15 17.22
N GLY C 187 -0.16 -19.38 18.14
CA GLY C 187 -0.80 -20.68 18.28
C GLY C 187 -0.06 -21.70 19.10
N ASP C 188 0.96 -21.27 19.84
CA ASP C 188 1.72 -22.19 20.67
C ASP C 188 1.37 -22.02 22.14
N HIS C 189 0.69 -20.91 22.45
CA HIS C 189 0.21 -20.67 23.80
C HIS C 189 -1.30 -20.43 23.80
N PHE C 190 -1.96 -20.99 24.81
CA PHE C 190 -3.37 -20.70 25.02
C PHE C 190 -3.68 -20.72 26.50
N ALA C 191 -4.56 -19.83 26.93
CA ALA C 191 -4.90 -19.70 28.33
C ALA C 191 -6.29 -20.26 28.61
N THR C 192 -6.45 -20.80 29.81
CA THR C 192 -7.76 -21.24 30.27
C THR C 192 -8.10 -20.57 31.60
N VAL C 193 -9.38 -20.33 31.83
CA VAL C 193 -9.82 -19.67 33.05
C VAL C 193 -10.86 -20.49 33.78
N SER C 194 -10.58 -20.82 35.04
CA SER C 194 -11.51 -21.55 35.89
C SER C 194 -11.87 -20.71 37.11
N PRO C 195 -13.00 -19.99 37.04
CA PRO C 195 -13.44 -19.00 38.05
C PRO C 195 -13.49 -19.54 39.48
N SER C 196 -13.58 -20.85 39.65
CA SER C 196 -13.62 -21.45 40.98
C SER C 196 -12.35 -22.23 41.26
N GLY C 197 -11.31 -21.94 40.48
CA GLY C 197 -10.03 -22.63 40.62
C GLY C 197 -9.13 -22.02 41.66
N GLN C 198 -9.59 -20.94 42.29
CA GLN C 198 -8.85 -20.26 43.35
C GLN C 198 -7.47 -19.79 42.86
N ARG C 199 -6.41 -20.25 43.52
CA ARG C 199 -5.05 -19.88 43.14
C ARG C 199 -4.68 -20.35 41.73
N SER C 200 -5.37 -21.40 41.27
CA SER C 200 -5.06 -21.99 39.98
C SER C 200 -6.08 -21.61 38.93
N SER C 201 -6.80 -20.53 39.17
CA SER C 201 -7.90 -20.11 38.30
C SER C 201 -7.43 -19.74 36.90
N VAL C 202 -6.20 -19.26 36.77
CA VAL C 202 -5.67 -18.87 35.48
C VAL C 202 -4.44 -19.68 35.10
N ALA C 203 -4.51 -20.38 33.98
CA ALA C 203 -3.40 -21.22 33.52
C ALA C 203 -2.94 -20.86 32.11
N ILE C 204 -1.64 -20.84 31.92
CA ILE C 204 -1.06 -20.70 30.58
C ILE C 204 -0.53 -22.04 30.10
N HIS C 205 -1.00 -22.48 28.93
CA HIS C 205 -0.55 -23.74 28.37
C HIS C 205 0.37 -23.51 27.18
N THR C 206 1.44 -24.32 27.10
CA THR C 206 2.37 -24.23 25.99
C THR C 206 2.32 -25.52 25.19
N LEU C 207 1.80 -25.43 23.97
CA LEU C 207 1.54 -26.60 23.14
C LEU C 207 2.81 -27.36 22.75
N SER C 208 3.88 -26.63 22.49
CA SER C 208 5.12 -27.25 22.03
C SER C 208 5.87 -27.98 23.14
N LYS C 209 5.36 -27.90 24.37
CA LYS C 209 6.01 -28.56 25.50
C LYS C 209 5.05 -29.43 26.30
N HIS C 210 3.77 -29.40 25.93
CA HIS C 210 2.71 -30.00 26.74
C HIS C 210 2.84 -29.52 28.19
N LEU C 211 3.05 -28.22 28.35
CA LEU C 211 3.30 -27.62 29.65
C LEU C 211 2.13 -26.76 30.12
N THR C 212 1.80 -26.86 31.40
CA THR C 212 0.76 -26.05 31.99
C THR C 212 1.26 -25.35 33.25
N GLN C 213 1.16 -24.03 33.27
CA GLN C 213 1.67 -23.26 34.39
C GLN C 213 0.60 -22.37 35.03
N ILE C 214 0.78 -22.09 36.31
CA ILE C 214 -0.05 -21.12 37.01
C ILE C 214 0.85 -19.94 37.41
N PRO C 215 1.04 -18.99 36.48
CA PRO C 215 2.09 -17.97 36.61
C PRO C 215 1.73 -16.80 37.53
N PHE C 216 0.45 -16.59 37.81
CA PHE C 216 0.00 -15.43 38.56
C PHE C 216 -0.42 -15.82 39.98
N ARG C 217 0.36 -15.38 40.96
CA ARG C 217 0.19 -15.86 42.33
C ARG C 217 -0.84 -15.12 43.17
N LYS C 218 -0.96 -13.80 42.96
CA LYS C 218 -2.01 -13.04 43.60
C LYS C 218 -2.96 -12.36 42.64
N LEU C 219 -4.19 -12.84 42.59
CA LEU C 219 -5.23 -12.15 41.85
C LEU C 219 -6.20 -11.58 42.87
N ASN C 220 -6.36 -12.32 43.97
CA ASN C 220 -7.23 -11.94 45.09
C ASN C 220 -8.56 -11.37 44.61
N GLY C 221 -9.14 -12.08 43.66
CA GLY C 221 -10.33 -11.68 42.95
C GLY C 221 -10.73 -12.89 42.14
N LEU C 222 -11.94 -12.91 41.61
CA LEU C 222 -12.41 -14.06 40.85
C LEU C 222 -12.19 -13.88 39.36
N ALA C 223 -11.27 -14.66 38.81
CA ALA C 223 -10.98 -14.61 37.38
C ALA C 223 -12.19 -15.07 36.58
N GLN C 224 -12.56 -14.26 35.59
CA GLN C 224 -13.76 -14.54 34.79
C GLN C 224 -13.38 -15.02 33.41
N THR C 225 -12.40 -14.36 32.81
CA THR C 225 -11.89 -14.73 31.51
C THR C 225 -10.51 -14.11 31.31
N ALA C 226 -9.91 -14.34 30.14
CA ALA C 226 -8.58 -13.82 29.87
C ALA C 226 -8.32 -13.73 28.37
N SER C 227 -7.30 -12.97 28.02
CA SER C 227 -6.94 -12.77 26.63
C SER C 227 -5.46 -12.43 26.47
N PHE C 228 -4.88 -12.82 25.34
CA PHE C 228 -3.52 -12.43 25.02
C PHE C 228 -3.54 -11.07 24.32
N HIS C 229 -2.37 -10.55 24.02
CA HIS C 229 -2.27 -9.24 23.38
C HIS C 229 -1.89 -9.42 21.91
N PRO C 230 -2.58 -8.69 21.02
CA PRO C 230 -2.41 -8.82 19.57
C PRO C 230 -1.01 -8.49 19.03
N LEU C 231 -0.26 -7.61 19.66
CA LEU C 231 1.06 -7.24 19.14
C LEU C 231 2.21 -7.23 20.16
N ARG C 232 1.90 -7.29 21.44
CA ARG C 232 2.90 -7.14 22.49
C ARG C 232 2.82 -8.31 23.47
N PRO C 233 3.90 -8.53 24.25
CA PRO C 233 3.85 -9.62 25.23
C PRO C 233 3.09 -9.21 26.49
N LEU C 234 1.81 -8.95 26.34
CA LEU C 234 0.96 -8.56 27.46
C LEU C 234 -0.16 -9.58 27.63
N PHE C 235 -0.76 -9.60 28.80
CA PHE C 235 -1.79 -10.58 29.10
C PHE C 235 -2.87 -9.94 29.97
N PHE C 236 -4.12 -10.10 29.55
CA PHE C 236 -5.23 -9.51 30.27
C PHE C 236 -5.99 -10.57 31.06
N VAL C 237 -6.23 -10.29 32.34
CA VAL C 237 -7.05 -11.16 33.17
C VAL C 237 -8.21 -10.33 33.71
N ALA C 238 -9.42 -10.74 33.38
CA ALA C 238 -10.59 -10.03 33.86
C ALA C 238 -11.12 -10.69 35.12
N THR C 239 -11.26 -9.90 36.19
CA THR C 239 -11.92 -10.36 37.39
C THR C 239 -13.32 -9.80 37.36
N GLN C 240 -14.02 -9.83 38.49
CA GLN C 240 -15.38 -9.32 38.52
C GLN C 240 -15.42 -7.81 38.31
N ARG C 241 -14.42 -7.11 38.83
CA ARG C 241 -14.50 -5.66 38.82
C ARG C 241 -13.41 -4.95 38.04
N SER C 242 -12.31 -5.64 37.75
CA SER C 242 -11.19 -5.01 37.05
C SER C 242 -10.49 -5.94 36.07
N ILE C 243 -9.65 -5.36 35.22
CA ILE C 243 -8.86 -6.13 34.26
C ILE C 243 -7.36 -5.92 34.50
N ARG C 244 -6.68 -6.97 34.94
CA ARG C 244 -5.26 -6.89 35.26
C ARG C 244 -4.41 -7.12 34.02
N CYS C 245 -3.43 -6.23 33.81
CA CYS C 245 -2.55 -6.34 32.64
C CYS C 245 -1.15 -6.75 33.07
N TYR C 246 -0.68 -7.86 32.51
CA TYR C 246 0.60 -8.44 32.94
C TYR C 246 1.67 -8.40 31.85
N ASP C 247 2.92 -8.24 32.28
CA ASP C 247 4.07 -8.43 31.40
C ASP C 247 4.35 -9.93 31.37
N LEU C 248 4.14 -10.55 30.21
CA LEU C 248 4.32 -12.00 30.09
C LEU C 248 5.79 -12.41 30.20
N GLN C 249 6.68 -11.51 29.83
CA GLN C 249 8.11 -11.79 29.90
C GLN C 249 8.61 -11.79 31.34
N LYS C 250 8.02 -10.96 32.19
CA LYS C 250 8.46 -10.83 33.57
C LYS C 250 7.48 -11.45 34.56
N LEU C 251 6.28 -11.79 34.07
CA LEU C 251 5.18 -12.25 34.92
C LEU C 251 4.94 -11.25 36.05
N GLU C 252 4.87 -9.98 35.68
CA GLU C 252 4.68 -8.89 36.64
C GLU C 252 3.51 -8.00 36.24
N LEU C 253 2.80 -7.48 37.24
CA LEU C 253 1.65 -6.62 36.98
C LEU C 253 2.09 -5.27 36.41
N VAL C 254 1.47 -4.88 35.31
CA VAL C 254 1.80 -3.64 34.62
C VAL C 254 0.73 -2.58 34.82
N LYS C 255 -0.53 -2.99 34.67
CA LYS C 255 -1.64 -2.06 34.72
C LYS C 255 -2.93 -2.71 35.24
N ILE C 256 -3.80 -1.90 35.80
CA ILE C 256 -5.12 -2.36 36.22
C ILE C 256 -6.20 -1.50 35.58
N VAL C 257 -6.96 -2.09 34.67
CA VAL C 257 -8.06 -1.40 34.02
C VAL C 257 -9.29 -1.45 34.92
N GLN C 258 -9.94 -0.31 35.11
CA GLN C 258 -11.11 -0.24 35.99
C GLN C 258 -12.35 0.18 35.19
N PRO C 259 -13.14 -0.80 34.72
CA PRO C 259 -14.36 -0.58 33.96
C PRO C 259 -15.49 0.02 34.78
N GLY C 260 -15.45 -0.18 36.10
CA GLY C 260 -16.47 0.34 36.98
C GLY C 260 -17.79 -0.40 36.88
N ALA C 261 -17.69 -1.69 36.58
CA ALA C 261 -18.87 -2.55 36.58
C ALA C 261 -18.83 -3.45 37.81
N LYS C 262 -20.00 -3.85 38.30
CA LYS C 262 -20.08 -4.67 39.50
C LYS C 262 -19.71 -6.12 39.21
N TRP C 263 -19.96 -6.55 37.98
CA TRP C 263 -19.54 -7.89 37.56
C TRP C 263 -19.26 -7.94 36.06
N ILE C 264 -17.98 -8.07 35.71
CA ILE C 264 -17.58 -8.16 34.31
C ILE C 264 -17.88 -9.55 33.75
N SER C 265 -18.53 -9.59 32.60
CA SER C 265 -18.91 -10.85 31.98
C SER C 265 -17.95 -11.23 30.86
N SER C 266 -17.37 -10.22 30.21
CA SER C 266 -16.55 -10.45 29.02
C SER C 266 -15.79 -9.21 28.59
N PHE C 267 -14.75 -9.41 27.80
CA PHE C 267 -14.01 -8.29 27.19
C PHE C 267 -13.29 -8.74 25.93
N ASP C 268 -12.87 -7.78 25.12
CA ASP C 268 -12.17 -8.07 23.87
C ASP C 268 -11.17 -6.96 23.54
N VAL C 269 -10.05 -7.35 22.94
CA VAL C 269 -9.00 -6.39 22.61
C VAL C 269 -9.02 -6.04 21.12
N HIS C 270 -8.91 -4.75 20.82
CA HIS C 270 -8.82 -4.29 19.44
C HIS C 270 -7.49 -4.74 18.85
N PRO C 271 -7.50 -5.12 17.55
CA PRO C 271 -6.31 -5.62 16.84
C PRO C 271 -5.07 -4.74 16.99
N GLY C 272 -5.25 -3.45 17.26
CA GLY C 272 -4.14 -2.56 17.44
C GLY C 272 -3.65 -2.53 18.88
N GLY C 273 -4.40 -3.17 19.76
CA GLY C 273 -3.94 -3.46 21.10
C GLY C 273 -4.08 -2.31 22.10
N ASP C 274 -4.64 -1.19 21.66
CA ASP C 274 -4.72 -0.02 22.52
C ASP C 274 -6.15 0.30 22.95
N ASN C 275 -7.09 -0.57 22.62
CA ASN C 275 -8.49 -0.35 22.97
C ASN C 275 -9.17 -1.62 23.48
N LEU C 276 -10.11 -1.44 24.41
CA LEU C 276 -10.86 -2.55 24.97
C LEU C 276 -12.37 -2.28 24.95
N VAL C 277 -13.16 -3.33 24.71
CA VAL C 277 -14.58 -3.30 25.02
C VAL C 277 -14.86 -4.28 26.15
N VAL C 278 -15.71 -3.87 27.09
CA VAL C 278 -16.01 -4.71 28.24
C VAL C 278 -17.52 -4.92 28.39
N GLY C 279 -17.92 -6.18 28.56
CA GLY C 279 -19.31 -6.50 28.80
C GLY C 279 -19.52 -6.87 30.26
N SER C 280 -20.71 -6.63 30.78
CA SER C 280 -21.01 -6.89 32.18
C SER C 280 -22.45 -7.33 32.40
N TYR C 281 -22.68 -8.01 33.50
CA TYR C 281 -24.04 -8.43 33.87
C TYR C 281 -24.85 -7.23 34.33
N ASP C 282 -24.16 -6.15 34.66
CA ASP C 282 -24.79 -4.89 35.07
C ASP C 282 -25.49 -4.19 33.91
N LYS C 283 -25.33 -4.73 32.70
CA LYS C 283 -25.90 -4.20 31.47
C LYS C 283 -25.07 -3.01 30.97
N ARG C 284 -23.81 -2.97 31.39
CA ARG C 284 -22.91 -1.92 30.94
C ARG C 284 -21.95 -2.41 29.86
N LEU C 285 -21.92 -1.68 28.75
CA LEU C 285 -20.91 -1.91 27.72
C LEU C 285 -19.93 -0.74 27.77
N LEU C 286 -18.65 -1.06 27.90
CA LEU C 286 -17.64 -0.03 28.16
C LEU C 286 -16.52 -0.04 27.12
N TRP C 287 -16.19 1.14 26.61
CA TRP C 287 -15.03 1.29 25.74
C TRP C 287 -13.89 1.91 26.54
N HIS C 288 -12.72 1.29 26.48
CA HIS C 288 -11.57 1.78 27.20
C HIS C 288 -10.49 2.32 26.27
N ASP C 289 -10.17 3.60 26.43
CA ASP C 289 -9.06 4.20 25.71
C ASP C 289 -7.82 4.07 26.58
N LEU C 290 -7.08 2.98 26.38
CA LEU C 290 -5.96 2.62 27.24
C LEU C 290 -4.85 3.67 27.26
N ASP C 291 -4.63 4.32 26.13
CA ASP C 291 -3.60 5.36 26.02
C ASP C 291 -3.84 6.52 27.00
N LEU C 292 -5.11 6.83 27.24
CA LEU C 292 -5.45 8.02 28.02
C LEU C 292 -5.73 7.73 29.49
N SER C 293 -6.40 6.62 29.78
CA SER C 293 -6.73 6.28 31.16
C SER C 293 -7.09 4.80 31.32
N ASN C 294 -7.27 4.39 32.58
CA ASN C 294 -7.70 3.03 32.88
C ASN C 294 -9.21 2.97 33.07
N ARG C 295 -9.85 4.13 32.98
CA ARG C 295 -11.29 4.21 33.13
C ARG C 295 -11.99 4.35 31.77
N PRO C 296 -13.30 4.01 31.71
CA PRO C 296 -13.99 3.98 30.42
C PRO C 296 -14.11 5.32 29.73
N TYR C 297 -14.02 5.29 28.40
CA TYR C 297 -14.23 6.47 27.58
C TYR C 297 -15.73 6.72 27.42
N LYS C 298 -16.46 5.67 27.08
CA LYS C 298 -17.91 5.74 26.97
C LYS C 298 -18.57 4.54 27.65
N THR C 299 -19.75 4.78 28.24
CA THR C 299 -20.55 3.70 28.80
C THR C 299 -21.81 3.54 27.96
N MET C 300 -22.11 2.32 27.55
CA MET C 300 -23.21 2.07 26.64
C MET C 300 -24.22 1.07 27.18
N ARG C 301 -25.47 1.51 27.32
CA ARG C 301 -26.55 0.67 27.80
C ARG C 301 -27.64 0.55 26.75
N PHE C 302 -27.65 -0.56 26.02
CA PHE C 302 -28.65 -0.77 24.98
C PHE C 302 -29.43 -2.06 25.22
N HIS C 303 -29.33 -2.60 26.43
CA HIS C 303 -29.97 -3.87 26.74
C HIS C 303 -30.73 -3.85 28.07
N THR C 304 -31.85 -4.56 28.10
CA THR C 304 -32.68 -4.66 29.30
C THR C 304 -32.21 -5.80 30.18
N GLU C 305 -31.30 -6.62 29.67
CA GLU C 305 -30.74 -7.74 30.42
C GLU C 305 -29.22 -7.79 30.29
N ALA C 306 -28.61 -8.70 31.05
CA ALA C 306 -27.16 -8.80 31.14
C ALA C 306 -26.48 -8.96 29.77
N ILE C 307 -25.29 -8.38 29.64
CA ILE C 307 -24.47 -8.55 28.45
C ILE C 307 -23.60 -9.79 28.61
N ARG C 308 -23.63 -10.67 27.62
CA ARG C 308 -22.97 -11.97 27.72
C ARG C 308 -21.64 -12.05 27.01
N ALA C 309 -21.47 -11.25 25.96
CA ALA C 309 -20.25 -11.31 25.17
C ALA C 309 -20.04 -10.04 24.34
N VAL C 310 -18.77 -9.70 24.11
CA VAL C 310 -18.42 -8.57 23.25
C VAL C 310 -17.27 -8.99 22.33
N ARG C 311 -17.27 -8.46 21.11
CA ARG C 311 -16.24 -8.83 20.15
C ARG C 311 -15.94 -7.71 19.15
N PHE C 312 -14.66 -7.40 19.01
CA PHE C 312 -14.19 -6.52 17.95
C PHE C 312 -14.08 -7.28 16.63
N HIS C 313 -14.35 -6.60 15.52
CA HIS C 313 -13.98 -7.15 14.23
C HIS C 313 -12.46 -7.08 14.13
N LYS C 314 -11.84 -8.16 13.68
CA LYS C 314 -10.39 -8.29 13.74
C LYS C 314 -9.70 -8.10 12.39
N GLY C 315 -10.48 -7.80 11.35
CA GLY C 315 -9.94 -7.73 10.01
C GLY C 315 -9.91 -6.36 9.34
N GLY C 316 -10.00 -5.30 10.14
CA GLY C 316 -9.83 -3.96 9.60
C GLY C 316 -11.10 -3.14 9.53
N LEU C 317 -12.25 -3.79 9.69
CA LEU C 317 -13.53 -3.10 9.71
C LEU C 317 -13.77 -2.45 11.07
N PRO C 318 -14.22 -1.20 11.08
CA PRO C 318 -14.45 -0.47 12.34
C PRO C 318 -15.77 -0.88 12.99
N LEU C 319 -15.84 -2.13 13.43
CA LEU C 319 -17.07 -2.68 14.00
C LEU C 319 -16.81 -3.46 15.27
N PHE C 320 -17.78 -3.46 16.17
CA PHE C 320 -17.79 -4.38 17.30
C PHE C 320 -19.25 -4.66 17.66
N ALA C 321 -19.47 -5.64 18.53
CA ALA C 321 -20.83 -6.12 18.75
C ALA C 321 -21.12 -6.51 20.18
N ASP C 322 -22.41 -6.57 20.50
CA ASP C 322 -22.87 -6.89 21.85
C ASP C 322 -23.74 -8.13 21.84
N ALA C 323 -23.71 -8.89 22.93
CA ALA C 323 -24.59 -10.04 23.10
C ALA C 323 -25.28 -9.96 24.44
N SER C 324 -26.60 -10.05 24.45
CA SER C 324 -27.34 -9.90 25.70
C SER C 324 -28.32 -11.04 25.94
N ASP C 325 -28.72 -11.19 27.19
CA ASP C 325 -29.74 -12.17 27.57
C ASP C 325 -31.14 -11.75 27.11
N ASP C 326 -31.25 -10.54 26.59
CA ASP C 326 -32.53 -10.04 26.08
C ASP C 326 -32.84 -10.60 24.68
N GLY C 327 -31.91 -11.41 24.15
CA GLY C 327 -32.13 -12.08 22.89
C GLY C 327 -31.61 -11.30 21.69
N SER C 328 -31.07 -10.12 21.93
CA SER C 328 -30.62 -9.26 20.85
C SER C 328 -29.10 -9.13 20.76
N LEU C 329 -28.62 -8.70 19.61
CA LEU C 329 -27.24 -8.29 19.43
C LEU C 329 -27.22 -6.83 19.00
N GLN C 330 -26.37 -6.03 19.63
CA GLN C 330 -26.23 -4.64 19.20
C GLN C 330 -24.93 -4.43 18.45
N ILE C 331 -25.05 -4.00 17.19
CA ILE C 331 -23.89 -3.71 16.37
C ILE C 331 -23.53 -2.24 16.47
N PHE C 332 -22.25 -1.96 16.64
CA PHE C 332 -21.77 -0.58 16.76
C PHE C 332 -20.78 -0.26 15.65
N HIS C 333 -20.69 1.01 15.30
CA HIS C 333 -19.55 1.48 14.53
C HIS C 333 -18.51 1.98 15.51
N GLY C 334 -17.30 1.44 15.43
CA GLY C 334 -16.25 1.81 16.36
C GLY C 334 -14.92 2.01 15.66
N LYS C 335 -14.49 3.26 15.61
CA LYS C 335 -13.22 3.61 15.00
C LYS C 335 -12.23 4.08 16.05
N VAL C 336 -11.05 3.46 16.07
CA VAL C 336 -10.02 3.79 17.04
C VAL C 336 -9.34 5.11 16.66
N PRO C 337 -8.82 5.84 17.66
CA PRO C 337 -8.21 7.16 17.44
C PRO C 337 -7.01 7.17 16.47
N ASN C 338 -6.82 8.29 15.78
CA ASN C 338 -5.71 8.46 14.84
C ASN C 338 -5.28 9.91 14.66
N ASP C 339 -4.45 10.17 13.63
CA ASP C 339 -4.15 11.53 13.18
C ASP C 339 -5.38 12.44 13.30
N GLN C 340 -6.43 12.12 12.55
CA GLN C 340 -7.65 12.92 12.52
C GLN C 340 -8.53 12.77 13.77
N LEU C 341 -8.54 11.59 14.39
CA LEU C 341 -9.43 11.33 15.52
C LEU C 341 -8.71 11.40 16.88
N GLU C 342 -9.10 12.37 17.71
CA GLU C 342 -8.55 12.49 19.05
C GLU C 342 -9.20 11.48 20.00
N ASN C 343 -10.41 11.05 19.65
CA ASN C 343 -11.15 10.09 20.47
C ASN C 343 -11.80 9.03 19.59
N PRO C 344 -12.16 7.88 20.18
CA PRO C 344 -12.84 6.85 19.38
C PRO C 344 -14.23 7.28 18.95
N THR C 345 -14.55 7.08 17.68
CA THR C 345 -15.89 7.37 17.16
C THR C 345 -16.81 6.17 17.38
N ILE C 346 -17.71 6.31 18.35
CA ILE C 346 -18.63 5.22 18.69
C ILE C 346 -20.07 5.57 18.32
N VAL C 347 -20.63 4.84 17.36
CA VAL C 347 -22.01 5.05 16.93
C VAL C 347 -22.74 3.72 16.77
N PRO C 348 -23.86 3.56 17.48
CA PRO C 348 -24.69 2.36 17.31
C PRO C 348 -25.37 2.37 15.95
N VAL C 349 -25.22 1.29 15.19
CA VAL C 349 -25.76 1.25 13.83
C VAL C 349 -26.94 0.32 13.66
N LYS C 350 -26.95 -0.80 14.39
CA LYS C 350 -28.00 -1.79 14.21
C LYS C 350 -28.15 -2.74 15.40
N MET C 351 -29.40 -3.01 15.78
CA MET C 351 -29.69 -4.07 16.74
C MET C 351 -30.24 -5.28 16.00
N LEU C 352 -29.66 -6.44 16.26
CA LEU C 352 -30.05 -7.65 15.55
C LEU C 352 -30.95 -8.53 16.40
N LYS C 353 -32.13 -8.84 15.87
CA LYS C 353 -33.12 -9.63 16.60
C LYS C 353 -33.53 -10.86 15.80
N GLY C 354 -33.94 -11.90 16.51
CA GLY C 354 -34.25 -13.17 15.87
C GLY C 354 -34.06 -14.36 16.79
N HIS C 355 -33.08 -14.27 17.68
CA HIS C 355 -32.89 -15.29 18.71
C HIS C 355 -34.07 -15.30 19.67
N LYS C 356 -34.48 -16.48 20.09
CA LYS C 356 -35.55 -16.61 21.07
C LYS C 356 -34.98 -16.70 22.48
N VAL C 357 -35.53 -15.91 23.40
CA VAL C 357 -35.12 -15.96 24.79
C VAL C 357 -35.71 -17.20 25.44
N VAL C 358 -34.85 -18.00 26.08
CA VAL C 358 -35.29 -19.24 26.71
C VAL C 358 -34.73 -19.33 28.13
N ASN C 359 -35.63 -19.45 29.10
CA ASN C 359 -35.27 -19.51 30.52
C ASN C 359 -34.41 -18.32 30.94
N LYS C 360 -34.85 -17.14 30.50
CA LYS C 360 -34.17 -15.86 30.76
C LYS C 360 -32.73 -15.85 30.24
N LEU C 361 -32.49 -16.59 29.16
CA LEU C 361 -31.21 -16.53 28.46
C LEU C 361 -31.42 -16.21 26.98
N GLY C 362 -30.53 -15.38 26.43
CA GLY C 362 -30.67 -14.98 25.03
C GLY C 362 -29.46 -15.35 24.19
N VAL C 363 -28.62 -14.35 23.90
CA VAL C 363 -27.42 -14.58 23.10
C VAL C 363 -26.21 -14.70 24.02
N LEU C 364 -25.40 -15.73 23.79
CA LEU C 364 -24.35 -16.09 24.74
C LEU C 364 -22.93 -15.83 24.22
N ASP C 365 -22.77 -15.77 22.90
CA ASP C 365 -21.45 -15.60 22.32
C ASP C 365 -21.49 -14.97 20.93
N ILE C 366 -20.41 -14.30 20.55
CA ILE C 366 -20.30 -13.66 19.23
C ILE C 366 -18.95 -13.98 18.61
N ASP C 367 -18.90 -13.97 17.27
CA ASP C 367 -17.64 -13.98 16.55
C ASP C 367 -17.81 -13.31 15.20
N TRP C 368 -16.79 -12.59 14.76
CA TRP C 368 -16.83 -11.94 13.45
C TRP C 368 -16.12 -12.78 12.40
N HIS C 369 -16.52 -12.60 11.14
CA HIS C 369 -15.78 -13.15 10.02
C HIS C 369 -14.42 -12.43 9.99
N PRO C 370 -13.36 -13.15 9.61
CA PRO C 370 -12.02 -12.57 9.53
C PRO C 370 -11.94 -11.31 8.67
N ARG C 371 -12.73 -11.24 7.60
CA ARG C 371 -12.60 -10.13 6.65
C ARG C 371 -13.89 -9.35 6.45
N GLU C 372 -15.03 -10.04 6.44
CA GLU C 372 -16.30 -9.43 6.09
C GLU C 372 -17.13 -8.97 7.28
N PRO C 373 -18.06 -8.03 7.06
CA PRO C 373 -18.90 -7.58 8.18
C PRO C 373 -20.00 -8.59 8.45
N TRP C 374 -19.59 -9.78 8.85
CA TRP C 374 -20.50 -10.87 9.15
C TRP C 374 -20.24 -11.33 10.57
N CYS C 375 -21.30 -11.63 11.31
CA CYS C 375 -21.11 -12.13 12.66
C CYS C 375 -22.02 -13.33 12.92
N VAL C 376 -21.52 -14.25 13.74
CA VAL C 376 -22.32 -15.41 14.14
C VAL C 376 -22.60 -15.29 15.64
N SER C 377 -23.72 -15.85 16.07
CA SER C 377 -24.14 -15.73 17.46
C SER C 377 -24.53 -17.07 18.05
N ALA C 378 -24.15 -17.29 19.30
CA ALA C 378 -24.53 -18.50 20.01
C ALA C 378 -25.82 -18.24 20.78
N GLY C 379 -26.82 -19.09 20.55
CA GLY C 379 -28.13 -18.89 21.11
C GLY C 379 -28.55 -19.94 22.13
N ALA C 380 -29.15 -19.48 23.22
CA ALA C 380 -29.75 -20.37 24.21
C ALA C 380 -30.92 -21.13 23.62
N ASP C 381 -31.44 -20.64 22.50
CA ASP C 381 -32.58 -21.26 21.84
C ASP C 381 -32.19 -22.50 21.03
N GLY C 382 -30.93 -22.91 21.17
CA GLY C 382 -30.46 -24.12 20.54
C GLY C 382 -29.93 -23.92 19.13
N THR C 383 -29.77 -22.66 18.74
CA THR C 383 -29.30 -22.35 17.39
C THR C 383 -28.06 -21.47 17.38
N ALA C 384 -27.40 -21.44 16.23
CA ALA C 384 -26.40 -20.43 15.92
C ALA C 384 -26.89 -19.69 14.69
N ARG C 385 -26.71 -18.37 14.66
CA ARG C 385 -27.27 -17.57 13.58
C ARG C 385 -26.23 -16.68 12.92
N LEU C 386 -26.24 -16.68 11.59
CA LEU C 386 -25.31 -15.87 10.81
C LEU C 386 -25.97 -14.57 10.37
N TRP C 387 -25.28 -13.46 10.60
CA TRP C 387 -25.80 -12.15 10.28
C TRP C 387 -24.90 -11.43 9.28
N MET C 388 -25.50 -10.80 8.28
CA MET C 388 -24.73 -10.03 7.31
C MET C 388 -25.57 -8.93 6.68
N ALA D 14 -67.36 11.16 -30.77
CA ALA D 14 -66.48 12.21 -30.27
C ALA D 14 -65.03 11.74 -30.27
N PRO D 15 -64.09 12.65 -30.61
CA PRO D 15 -62.67 12.30 -30.64
C PRO D 15 -62.08 12.23 -29.23
N VAL D 16 -62.04 11.01 -28.68
CA VAL D 16 -61.44 10.76 -27.38
C VAL D 16 -59.97 11.19 -27.40
N ALA D 17 -59.49 11.75 -26.29
CA ALA D 17 -58.10 12.17 -26.17
C ALA D 17 -57.16 11.02 -26.52
N GLN D 18 -56.13 11.32 -27.31
CA GLN D 18 -55.26 10.27 -27.84
C GLN D 18 -53.78 10.55 -27.68
N VAL D 19 -52.98 9.51 -27.91
CA VAL D 19 -51.53 9.59 -27.86
C VAL D 19 -50.98 8.88 -29.09
N LYS D 20 -49.95 9.44 -29.72
CA LYS D 20 -49.32 8.73 -30.82
C LYS D 20 -48.18 7.86 -30.32
N VAL D 21 -48.19 6.61 -30.77
CA VAL D 21 -47.22 5.62 -30.34
C VAL D 21 -46.46 5.06 -31.53
N ILE D 22 -45.24 4.60 -31.28
CA ILE D 22 -44.48 3.87 -32.29
C ILE D 22 -44.15 2.48 -31.78
N PHE D 23 -44.75 1.47 -32.41
CA PHE D 23 -44.51 0.08 -32.03
C PHE D 23 -43.20 -0.42 -32.64
N THR D 24 -42.36 -1.03 -31.81
CA THR D 24 -41.13 -1.68 -32.27
C THR D 24 -40.85 -2.92 -31.42
N THR D 25 -40.04 -3.84 -31.92
CA THR D 25 -39.77 -5.07 -31.17
C THR D 25 -38.52 -5.81 -31.68
N THR D 26 -38.09 -6.83 -30.94
CA THR D 26 -37.02 -7.72 -31.38
C THR D 26 -37.60 -9.08 -31.81
N GLU D 27 -38.93 -9.13 -31.91
CA GLU D 27 -39.72 -10.29 -32.34
C GLU D 27 -39.63 -10.50 -33.86
N PRO D 28 -39.38 -11.75 -34.31
CA PRO D 28 -39.37 -12.18 -35.71
C PRO D 28 -40.76 -12.40 -36.29
N GLU D 31 -41.11 -9.02 -37.41
CA GLU D 31 -41.54 -7.72 -36.94
C GLU D 31 -42.77 -7.19 -37.67
N LEU D 32 -42.90 -5.86 -37.71
CA LEU D 32 -44.12 -5.22 -38.16
C LEU D 32 -43.77 -4.26 -39.30
N PRO D 33 -44.67 -4.09 -40.28
CA PRO D 33 -44.37 -3.21 -41.41
C PRO D 33 -44.35 -1.72 -41.06
N GLU D 34 -43.41 -0.98 -41.65
CA GLU D 34 -43.19 0.43 -41.37
C GLU D 34 -44.44 1.31 -41.52
N SER D 35 -45.36 0.85 -42.37
CA SER D 35 -46.61 1.52 -42.65
C SER D 35 -47.49 1.70 -41.40
N LYS D 36 -47.69 0.63 -40.63
CA LYS D 36 -48.64 0.67 -39.50
C LYS D 36 -47.99 0.66 -38.11
N ARG D 37 -46.75 1.12 -38.00
CA ARG D 37 -46.05 1.12 -36.72
C ARG D 37 -46.32 2.39 -35.94
N GLN D 38 -46.70 3.45 -36.66
CA GLN D 38 -47.20 4.64 -36.01
C GLN D 38 -48.73 4.59 -36.02
N LEU D 39 -49.32 4.94 -34.89
CA LEU D 39 -50.75 4.73 -34.68
C LEU D 39 -51.33 5.70 -33.68
N LEU D 40 -52.55 6.14 -33.95
CA LEU D 40 -53.28 6.97 -32.99
C LEU D 40 -54.06 6.06 -32.06
N VAL D 41 -53.91 6.29 -30.76
CA VAL D 41 -54.39 5.37 -29.74
C VAL D 41 -54.94 6.14 -28.55
N PRO D 42 -56.09 5.70 -28.00
CA PRO D 42 -56.69 6.30 -26.82
C PRO D 42 -55.68 6.49 -25.69
N ALA D 43 -55.61 7.70 -25.15
CA ALA D 43 -54.62 8.04 -24.12
C ALA D 43 -54.85 7.22 -22.85
N ASP D 44 -56.06 6.72 -22.69
CA ASP D 44 -56.45 5.99 -21.50
C ASP D 44 -56.18 4.49 -21.62
N ILE D 45 -55.64 4.08 -22.77
CA ILE D 45 -55.38 2.68 -23.04
C ILE D 45 -54.32 2.11 -22.10
N ARG D 46 -54.24 0.79 -22.04
CA ARG D 46 -53.30 0.11 -21.16
C ARG D 46 -52.66 -1.08 -21.85
N ARG D 47 -51.93 -1.86 -21.07
CA ARG D 47 -51.29 -3.08 -21.56
C ARG D 47 -52.36 -4.03 -22.11
N TYR D 48 -53.53 -4.00 -21.49
CA TYR D 48 -54.66 -4.83 -21.90
C TYR D 48 -55.08 -4.49 -23.34
N GLY D 49 -55.46 -3.24 -23.57
CA GLY D 49 -55.93 -2.79 -24.86
C GLY D 49 -54.87 -2.78 -25.95
N LEU D 50 -53.67 -2.33 -25.59
CA LEU D 50 -52.55 -2.26 -26.52
C LEU D 50 -52.17 -3.62 -27.09
N SER D 51 -52.49 -4.69 -26.37
CA SER D 51 -52.11 -6.03 -26.80
C SER D 51 -53.09 -6.67 -27.78
N ARG D 52 -54.36 -6.25 -27.73
CA ARG D 52 -55.30 -6.70 -28.75
C ARG D 52 -55.16 -5.88 -30.03
N ILE D 53 -54.66 -4.65 -29.90
CA ILE D 53 -54.33 -3.83 -31.05
C ILE D 53 -53.17 -4.47 -31.80
N LEU D 54 -52.22 -5.04 -31.06
CA LEU D 54 -51.16 -5.81 -31.70
C LEU D 54 -51.74 -7.09 -32.29
N ASN D 55 -52.83 -7.55 -31.69
CA ASN D 55 -53.55 -8.74 -32.15
C ASN D 55 -54.73 -8.35 -33.04
N SER D 56 -54.71 -7.09 -33.47
CA SER D 56 -55.77 -6.53 -34.30
C SER D 56 -55.86 -7.07 -35.73
N GLU D 57 -57.06 -6.91 -36.27
CA GLU D 57 -57.35 -7.06 -37.69
C GLU D 57 -56.20 -6.63 -38.60
N SER D 58 -55.77 -5.38 -38.40
CA SER D 58 -54.77 -4.71 -39.22
C SER D 58 -53.33 -5.18 -39.00
N MET D 59 -52.88 -5.18 -37.74
CA MET D 59 -51.46 -5.24 -37.46
C MET D 59 -50.99 -6.66 -37.67
N LEU D 60 -51.47 -7.55 -36.81
CA LEU D 60 -51.33 -8.98 -36.99
C LEU D 60 -52.47 -9.56 -36.17
N ASP D 61 -53.08 -10.65 -36.60
CA ASP D 61 -54.14 -11.25 -35.80
C ASP D 61 -53.69 -12.59 -35.23
N THR D 62 -52.76 -12.61 -34.27
CA THR D 62 -52.48 -13.87 -33.59
C THR D 62 -53.56 -14.04 -32.51
N GLY D 63 -54.57 -13.19 -32.58
CA GLY D 63 -55.70 -13.20 -31.67
C GLY D 63 -55.39 -13.06 -30.19
N SER D 64 -54.47 -13.86 -29.66
CA SER D 64 -54.25 -13.83 -28.23
C SER D 64 -52.82 -14.08 -27.73
N ILE D 65 -51.82 -13.51 -28.40
CA ILE D 65 -50.49 -13.51 -27.80
C ILE D 65 -50.45 -12.37 -26.81
N PRO D 66 -50.05 -12.65 -25.57
CA PRO D 66 -49.99 -11.56 -24.60
C PRO D 66 -48.70 -10.78 -24.75
N PHE D 67 -48.81 -9.46 -24.84
CA PHE D 67 -47.65 -8.62 -24.97
C PHE D 67 -47.48 -7.74 -23.75
N ASP D 68 -46.24 -7.38 -23.47
CA ASP D 68 -45.95 -6.35 -22.48
C ASP D 68 -45.22 -5.26 -23.24
N PHE D 69 -45.14 -4.07 -22.66
CA PHE D 69 -44.61 -2.94 -23.40
C PHE D 69 -43.52 -2.20 -22.63
N LEU D 70 -42.38 -2.01 -23.29
CA LEU D 70 -41.28 -1.30 -22.67
C LEU D 70 -41.15 0.11 -23.23
N ILE D 71 -41.13 1.07 -22.32
CA ILE D 71 -40.95 2.47 -22.65
C ILE D 71 -39.78 2.98 -21.84
N ASN D 72 -38.64 3.22 -22.49
CA ASN D 72 -37.45 3.76 -21.82
C ASN D 72 -36.94 2.88 -20.68
N GLY D 73 -37.14 1.57 -20.79
CA GLY D 73 -36.61 0.65 -19.80
C GLY D 73 -37.60 0.27 -18.71
N SER D 74 -38.81 0.78 -18.81
CA SER D 74 -39.85 0.45 -17.83
C SER D 74 -41.06 -0.18 -18.49
N PHE D 75 -41.62 -1.21 -17.85
CA PHE D 75 -42.82 -1.87 -18.36
C PHE D 75 -44.04 -1.01 -18.10
N LEU D 76 -45.09 -1.21 -18.89
CA LEU D 76 -46.29 -0.41 -18.77
C LEU D 76 -47.35 -1.10 -17.92
N ARG D 77 -47.44 -0.70 -16.66
CA ARG D 77 -48.41 -1.25 -15.74
C ARG D 77 -49.65 -0.37 -15.66
N SER D 78 -49.55 0.85 -16.20
CA SER D 78 -50.65 1.80 -16.12
C SER D 78 -51.09 2.29 -17.49
N SER D 79 -51.87 3.36 -17.51
CA SER D 79 -52.32 3.97 -18.75
C SER D 79 -51.17 4.73 -19.41
N LEU D 80 -51.29 4.97 -20.71
CA LEU D 80 -50.25 5.70 -21.43
C LEU D 80 -50.14 7.13 -20.92
N GLU D 81 -51.28 7.76 -20.67
CA GLU D 81 -51.29 9.14 -20.17
C GLU D 81 -50.61 9.23 -18.80
N ASP D 82 -50.83 8.23 -17.95
CA ASP D 82 -50.22 8.20 -16.63
C ASP D 82 -48.70 8.17 -16.73
N TYR D 83 -48.19 7.50 -17.76
CA TYR D 83 -46.76 7.47 -18.02
C TYR D 83 -46.24 8.84 -18.44
N LEU D 84 -46.99 9.51 -19.32
CA LEU D 84 -46.59 10.81 -19.85
C LEU D 84 -46.47 11.87 -18.75
N THR D 85 -47.51 11.97 -17.91
CA THR D 85 -47.52 12.95 -16.84
C THR D 85 -46.51 12.61 -15.75
N SER D 86 -46.33 11.32 -15.48
CA SER D 86 -45.39 10.87 -14.45
C SER D 86 -43.94 11.26 -14.76
N ASN D 87 -43.57 11.23 -16.03
CA ASN D 87 -42.22 11.56 -16.43
C ASN D 87 -42.04 12.99 -16.93
N GLY D 88 -43.14 13.74 -17.00
CA GLY D 88 -43.06 15.12 -17.43
C GLY D 88 -43.21 15.32 -18.93
N LEU D 89 -43.87 14.37 -19.60
CA LEU D 89 -44.07 14.47 -21.04
C LEU D 89 -45.44 15.12 -21.30
N SER D 90 -45.64 15.62 -22.51
CA SER D 90 -46.64 16.66 -22.78
C SER D 90 -47.91 16.20 -23.51
N LEU D 91 -48.19 14.91 -23.48
CA LEU D 91 -49.43 14.29 -23.99
C LEU D 91 -49.57 14.24 -25.52
N GLU D 92 -48.66 14.91 -26.23
CA GLU D 92 -48.45 14.66 -27.65
C GLU D 92 -46.95 14.47 -27.87
N THR D 93 -46.30 13.90 -26.86
CA THR D 93 -44.97 13.34 -27.01
C THR D 93 -45.21 11.98 -27.65
N THR D 94 -44.36 11.62 -28.59
CA THR D 94 -44.54 10.36 -29.28
C THR D 94 -43.82 9.27 -28.53
N LEU D 95 -44.60 8.34 -27.97
CA LEU D 95 -44.05 7.27 -27.15
C LEU D 95 -43.63 6.08 -28.00
N THR D 96 -42.36 5.70 -27.87
CA THR D 96 -41.87 4.51 -28.52
C THR D 96 -42.05 3.32 -27.60
N LEU D 97 -43.11 2.55 -27.84
CA LEU D 97 -43.37 1.36 -27.04
C LEU D 97 -42.74 0.18 -27.76
N GLN D 98 -41.70 -0.41 -27.16
CA GLN D 98 -41.20 -1.65 -27.73
C GLN D 98 -41.93 -2.79 -27.04
N TYR D 99 -42.58 -3.63 -27.83
CA TYR D 99 -43.38 -4.71 -27.27
C TYR D 99 -42.59 -6.01 -27.24
N VAL D 100 -42.89 -6.82 -26.23
CA VAL D 100 -42.18 -8.07 -26.04
C VAL D 100 -43.18 -9.18 -25.79
N ARG D 101 -42.72 -10.42 -25.91
CA ARG D 101 -43.55 -11.56 -25.57
C ARG D 101 -43.73 -11.58 -24.06
N SER D 102 -44.98 -11.72 -23.62
CA SER D 102 -45.24 -11.82 -22.18
C SER D 102 -44.67 -13.13 -21.66
N LEU D 103 -43.94 -13.05 -20.56
CA LEU D 103 -43.36 -14.24 -19.96
C LEU D 103 -44.48 -15.18 -19.54
N ILE D 104 -44.46 -16.39 -20.11
CA ILE D 104 -45.41 -17.42 -19.72
C ILE D 104 -45.05 -17.84 -18.31
N PRO D 105 -45.94 -17.58 -17.34
CA PRO D 105 -45.58 -17.77 -15.95
C PRO D 105 -45.21 -19.22 -15.66
N PRO D 106 -44.02 -19.43 -15.05
CA PRO D 106 -43.56 -20.78 -14.74
C PRO D 106 -44.13 -21.25 -13.42
N VAL D 107 -45.34 -21.79 -13.45
CA VAL D 107 -46.00 -22.25 -12.22
C VAL D 107 -45.46 -23.62 -11.82
N TYR D 108 -45.71 -24.00 -10.57
CA TYR D 108 -45.24 -25.27 -10.05
C TYR D 108 -45.87 -26.44 -10.79
N GLU D 109 -45.10 -27.49 -11.06
CA GLU D 109 -45.68 -28.68 -11.68
C GLU D 109 -45.32 -29.98 -10.94
N ALA D 110 -44.08 -30.12 -10.51
CA ALA D 110 -43.68 -31.34 -9.79
C ALA D 110 -42.39 -31.17 -8.96
N SER D 111 -42.20 -32.11 -8.05
CA SER D 111 -41.01 -32.14 -7.19
C SER D 111 -40.36 -33.52 -7.16
N PHE D 112 -39.03 -33.55 -7.18
CA PHE D 112 -38.30 -34.80 -7.02
C PHE D 112 -37.78 -34.89 -5.60
N GLU D 113 -38.34 -35.80 -4.81
CA GLU D 113 -37.96 -35.90 -3.40
C GLU D 113 -36.61 -36.59 -3.21
N HIS D 114 -35.81 -36.02 -2.32
CA HIS D 114 -34.52 -36.61 -1.94
C HIS D 114 -34.55 -36.82 -0.43
N ASP D 115 -33.66 -37.65 0.08
CA ASP D 115 -33.60 -37.90 1.51
C ASP D 115 -32.68 -36.91 2.20
N ASP D 116 -31.91 -36.17 1.40
CA ASP D 116 -31.00 -35.14 1.92
C ASP D 116 -31.02 -33.90 1.03
N TRP D 117 -30.26 -32.88 1.43
CA TRP D 117 -30.19 -31.62 0.70
C TRP D 117 -29.74 -31.81 -0.74
N VAL D 118 -30.39 -31.10 -1.66
CA VAL D 118 -29.99 -31.11 -3.06
C VAL D 118 -29.02 -29.96 -3.31
N SER D 119 -27.79 -30.29 -3.67
CA SER D 119 -26.76 -29.28 -3.84
C SER D 119 -26.63 -28.80 -5.28
N ALA D 120 -26.94 -29.66 -6.24
CA ALA D 120 -26.78 -29.31 -7.64
C ALA D 120 -27.85 -29.93 -8.54
N VAL D 121 -28.14 -29.25 -9.64
CA VAL D 121 -29.16 -29.67 -10.60
C VAL D 121 -28.68 -29.35 -12.02
N ASP D 122 -28.99 -30.24 -12.96
CA ASP D 122 -28.70 -29.98 -14.36
C ASP D 122 -29.64 -30.78 -15.26
N VAL D 123 -29.85 -30.29 -16.47
CA VAL D 123 -30.76 -30.95 -17.40
C VAL D 123 -30.06 -31.33 -18.70
N LEU D 124 -30.21 -32.58 -19.10
CA LEU D 124 -29.72 -33.06 -20.38
C LEU D 124 -30.88 -33.17 -21.35
N SER D 125 -31.07 -32.14 -22.19
CA SER D 125 -32.16 -32.15 -23.15
C SER D 125 -31.63 -31.92 -24.55
N ALA D 126 -32.51 -32.05 -25.54
CA ALA D 126 -32.13 -31.86 -26.94
C ALA D 126 -31.61 -30.44 -27.18
N THR D 127 -32.11 -29.50 -26.39
CA THR D 127 -31.75 -28.09 -26.55
C THR D 127 -30.68 -27.66 -25.55
N SER D 128 -30.52 -28.43 -24.47
CA SER D 128 -29.51 -28.14 -23.46
C SER D 128 -28.11 -28.20 -24.07
N PRO D 129 -27.14 -27.50 -23.46
CA PRO D 129 -25.78 -27.46 -24.00
C PRO D 129 -25.18 -28.85 -24.22
N ALA D 130 -25.38 -29.75 -23.26
CA ALA D 130 -24.87 -31.11 -23.35
C ALA D 130 -25.54 -31.87 -24.48
N GLY D 131 -26.81 -31.55 -24.74
CA GLY D 131 -27.57 -32.19 -25.79
C GLY D 131 -27.05 -31.85 -27.16
N ARG D 132 -26.67 -30.58 -27.35
CA ARG D 132 -26.12 -30.12 -28.62
C ARG D 132 -24.74 -30.71 -28.84
N TRP D 133 -23.94 -30.72 -27.78
CA TRP D 133 -22.63 -31.35 -27.82
C TRP D 133 -22.72 -32.83 -28.17
N SER D 134 -23.79 -33.47 -27.71
CA SER D 134 -24.02 -34.88 -27.97
C SER D 134 -24.33 -35.13 -29.44
N SER D 135 -25.09 -34.21 -30.05
CA SER D 135 -25.51 -34.35 -31.44
C SER D 135 -24.35 -34.25 -32.43
N ALA D 136 -23.48 -33.27 -32.20
CA ALA D 136 -22.33 -33.04 -33.07
C ALA D 136 -21.42 -34.26 -33.15
N ALA D 141 -21.43 -40.26 -28.87
CA ALA D 141 -22.54 -39.92 -27.99
C ALA D 141 -23.85 -39.85 -28.75
N ALA D 142 -24.89 -40.47 -28.19
CA ALA D 142 -26.22 -40.47 -28.81
C ALA D 142 -26.93 -39.15 -28.59
N VAL D 143 -28.16 -39.05 -29.10
CA VAL D 143 -29.01 -37.89 -28.85
C VAL D 143 -30.45 -38.35 -28.60
N GLN D 144 -31.25 -37.49 -27.98
CA GLN D 144 -32.55 -37.93 -27.48
C GLN D 144 -33.71 -37.06 -27.95
N PRO D 145 -34.86 -37.70 -28.23
CA PRO D 145 -36.10 -37.04 -28.65
C PRO D 145 -37.25 -37.25 -27.67
N GLY D 146 -37.48 -36.25 -26.82
CA GLY D 146 -38.54 -36.30 -25.82
C GLY D 146 -38.21 -37.19 -24.64
N GLN D 147 -36.94 -37.49 -24.47
CA GLN D 147 -36.58 -38.32 -23.35
C GLN D 147 -35.27 -37.83 -22.71
N GLU D 148 -35.37 -36.67 -22.11
CA GLU D 148 -34.27 -35.97 -21.49
C GLU D 148 -34.13 -36.35 -20.02
N ARG D 149 -32.96 -36.09 -19.46
CA ARG D 149 -32.63 -36.54 -18.12
C ARG D 149 -32.37 -35.37 -17.19
N VAL D 150 -32.74 -35.54 -15.93
CA VAL D 150 -32.43 -34.55 -14.90
C VAL D 150 -31.41 -35.12 -13.93
N LEU D 151 -30.30 -34.41 -13.76
CA LEU D 151 -29.26 -34.83 -12.84
C LEU D 151 -29.38 -34.06 -11.53
N SER D 152 -29.29 -34.78 -10.42
CA SER D 152 -29.36 -34.15 -9.10
C SER D 152 -28.23 -34.63 -8.20
N ALA D 153 -27.43 -33.69 -7.73
CA ALA D 153 -26.41 -33.99 -6.73
C ALA D 153 -26.98 -33.73 -5.34
N SER D 154 -26.53 -34.51 -4.37
CA SER D 154 -27.01 -34.35 -3.01
C SER D 154 -25.86 -34.30 -2.00
N TYR D 155 -26.15 -33.73 -0.83
CA TYR D 155 -25.19 -33.68 0.26
C TYR D 155 -24.91 -35.06 0.85
N ASP D 156 -25.67 -36.07 0.43
CA ASP D 156 -25.44 -37.43 0.88
C ASP D 156 -24.31 -38.09 0.07
N GLY D 157 -23.78 -37.36 -0.90
CA GLY D 157 -22.65 -37.83 -1.67
C GLY D 157 -22.99 -38.61 -2.92
N LEU D 158 -24.28 -38.68 -3.26
CA LEU D 158 -24.71 -39.48 -4.41
C LEU D 158 -25.35 -38.64 -5.51
N LEU D 159 -25.00 -38.96 -6.76
CA LEU D 159 -25.68 -38.39 -7.92
C LEU D 159 -26.90 -39.24 -8.28
N ARG D 160 -27.92 -38.60 -8.82
CA ARG D 160 -29.13 -39.32 -9.22
C ARG D 160 -29.67 -38.83 -10.55
N ILE D 161 -30.04 -39.78 -11.41
CA ILE D 161 -30.62 -39.45 -12.71
C ILE D 161 -32.11 -39.76 -12.71
N TRP D 162 -32.91 -38.75 -13.04
CA TRP D 162 -34.36 -38.87 -13.06
C TRP D 162 -34.87 -38.77 -14.49
N ASN D 163 -36.10 -39.20 -14.72
CA ASN D 163 -36.72 -39.03 -16.02
C ASN D 163 -37.87 -38.03 -15.94
N ALA D 164 -38.71 -38.02 -16.96
CA ALA D 164 -39.78 -37.03 -17.05
C ALA D 164 -40.77 -37.06 -15.88
N SER D 165 -41.14 -38.26 -15.44
CA SER D 165 -42.16 -38.40 -14.40
C SER D 165 -41.58 -38.63 -13.01
N GLY D 166 -40.34 -38.20 -12.82
CA GLY D 166 -39.76 -38.12 -11.49
C GLY D 166 -39.42 -39.42 -10.80
N SER D 167 -38.90 -40.39 -11.54
CA SER D 167 -38.46 -41.65 -10.95
C SER D 167 -36.97 -41.87 -11.22
N VAL D 168 -36.27 -42.40 -10.23
CA VAL D 168 -34.82 -42.54 -10.32
C VAL D 168 -34.39 -43.67 -11.25
N ILE D 169 -33.75 -43.31 -12.36
CA ILE D 169 -33.22 -44.27 -13.30
C ILE D 169 -31.88 -44.83 -12.82
N ALA D 170 -30.94 -43.93 -12.52
CA ALA D 170 -29.60 -44.34 -12.09
C ALA D 170 -29.18 -43.63 -10.81
N THR D 171 -28.27 -44.26 -10.08
CA THR D 171 -27.73 -43.69 -8.84
C THR D 171 -26.25 -44.04 -8.72
N SER D 172 -25.44 -43.03 -8.43
CA SER D 172 -23.99 -43.24 -8.32
C SER D 172 -23.64 -44.13 -7.14
N PRO D 173 -22.56 -44.91 -7.27
CA PRO D 173 -22.11 -45.79 -6.18
C PRO D 173 -21.60 -45.00 -4.99
N SER D 174 -21.65 -45.60 -3.81
CA SER D 174 -21.16 -44.95 -2.60
C SER D 174 -19.64 -44.80 -2.63
N GLY D 175 -19.10 -44.14 -1.61
CA GLY D 175 -17.67 -43.94 -1.51
C GLY D 175 -16.89 -45.23 -1.41
N SER D 176 -17.52 -46.25 -0.84
CA SER D 176 -16.90 -47.57 -0.69
C SER D 176 -16.71 -48.26 -2.04
N HIS D 177 -17.40 -47.78 -3.06
CA HIS D 177 -17.34 -48.38 -4.39
C HIS D 177 -16.88 -47.39 -5.46
N GLY D 178 -16.01 -46.46 -5.08
CA GLY D 178 -15.41 -45.54 -6.02
C GLY D 178 -16.20 -44.27 -6.27
N GLY D 179 -17.33 -44.12 -5.56
CA GLY D 179 -18.11 -42.90 -5.66
C GLY D 179 -17.52 -41.81 -4.80
N HIS D 180 -18.26 -40.72 -4.64
CA HIS D 180 -17.81 -39.62 -3.79
C HIS D 180 -17.84 -40.03 -2.32
N THR D 181 -16.83 -39.59 -1.56
CA THR D 181 -16.69 -40.00 -0.17
C THR D 181 -17.10 -38.88 0.78
N ALA D 182 -17.76 -37.87 0.23
CA ALA D 182 -18.28 -36.76 1.01
C ALA D 182 -19.43 -36.11 0.25
N SER D 183 -19.99 -35.04 0.81
CA SER D 183 -21.08 -34.32 0.15
C SER D 183 -20.65 -33.79 -1.22
N ILE D 184 -21.53 -33.92 -2.20
CA ILE D 184 -21.29 -33.37 -3.53
C ILE D 184 -21.82 -31.94 -3.56
N LYS D 185 -21.05 -31.04 -4.16
CA LYS D 185 -21.42 -29.62 -4.16
C LYS D 185 -21.87 -29.14 -5.52
N ALA D 186 -21.33 -29.74 -6.59
CA ALA D 186 -21.67 -29.33 -7.94
C ALA D 186 -21.59 -30.50 -8.93
N ALA D 187 -22.44 -30.46 -9.95
CA ALA D 187 -22.46 -31.51 -10.97
C ALA D 187 -23.20 -31.04 -12.23
N LYS D 188 -22.63 -31.34 -13.39
CA LYS D 188 -23.24 -30.96 -14.66
C LYS D 188 -23.09 -32.03 -15.74
N PHE D 189 -23.99 -32.00 -16.72
CA PHE D 189 -23.88 -32.85 -17.89
C PHE D 189 -22.78 -32.37 -18.81
N LEU D 190 -21.90 -33.28 -19.22
CA LEU D 190 -20.88 -32.96 -20.22
C LEU D 190 -21.44 -33.28 -21.59
N THR D 191 -22.08 -34.44 -21.68
CA THR D 191 -22.73 -34.97 -22.87
C THR D 191 -23.77 -35.95 -22.35
N SER D 192 -24.49 -36.59 -23.25
CA SER D 192 -25.44 -37.63 -22.83
C SER D 192 -24.68 -38.83 -22.29
N ASP D 193 -23.43 -38.97 -22.74
CA ASP D 193 -22.60 -40.11 -22.38
C ASP D 193 -21.82 -39.92 -21.07
N ARG D 194 -21.47 -38.68 -20.74
CA ARG D 194 -20.56 -38.44 -19.62
C ARG D 194 -20.98 -37.29 -18.72
N LEU D 195 -20.78 -37.49 -17.41
CA LEU D 195 -21.08 -36.47 -16.41
C LEU D 195 -19.82 -36.01 -15.68
N ALA D 196 -19.95 -34.92 -14.93
CA ALA D 196 -18.88 -34.45 -14.06
C ALA D 196 -19.45 -33.96 -12.73
N SER D 197 -18.75 -34.23 -11.64
CA SER D 197 -19.21 -33.82 -10.32
C SER D 197 -18.03 -33.50 -9.40
N ALA D 198 -18.28 -32.63 -8.42
CA ALA D 198 -17.25 -32.23 -7.48
C ALA D 198 -17.87 -31.97 -6.10
N GLY D 199 -17.06 -32.07 -5.05
CA GLY D 199 -17.58 -31.97 -3.70
C GLY D 199 -16.54 -31.73 -2.61
N MET D 200 -16.90 -32.14 -1.39
CA MET D 200 -16.08 -31.88 -0.21
C MET D 200 -14.91 -32.84 -0.06
N ASP D 201 -14.83 -33.85 -0.93
CA ASP D 201 -13.71 -34.78 -0.88
C ASP D 201 -12.54 -34.27 -1.72
N ARG D 202 -12.62 -33.00 -2.12
CA ARG D 202 -11.58 -32.33 -2.89
C ARG D 202 -11.35 -32.94 -4.26
N THR D 203 -12.26 -33.81 -4.68
CA THR D 203 -12.12 -34.47 -5.98
C THR D 203 -13.10 -33.94 -7.02
N VAL D 204 -12.75 -34.15 -8.28
CA VAL D 204 -13.69 -34.01 -9.38
C VAL D 204 -13.79 -35.38 -10.05
N ARG D 205 -14.99 -35.91 -10.17
CA ARG D 205 -15.15 -37.25 -10.71
C ARG D 205 -15.91 -37.24 -12.04
N VAL D 206 -15.27 -37.81 -13.06
CA VAL D 206 -15.89 -37.95 -14.37
C VAL D 206 -16.59 -39.30 -14.46
N TRP D 207 -17.83 -39.30 -14.93
CA TRP D 207 -18.62 -40.51 -14.99
C TRP D 207 -18.99 -40.84 -16.43
N LYS D 208 -19.31 -42.11 -16.69
CA LYS D 208 -19.92 -42.49 -17.96
C LYS D 208 -21.32 -43.01 -17.70
N TYR D 209 -22.30 -42.41 -18.36
CA TYR D 209 -23.69 -42.80 -18.16
C TYR D 209 -24.19 -43.70 -19.29
N THR D 210 -24.62 -44.90 -18.93
CA THR D 210 -25.19 -45.84 -19.89
C THR D 210 -26.61 -46.19 -19.48
N GLU D 211 -27.50 -46.34 -20.47
CA GLU D 211 -28.90 -46.62 -20.19
C GLU D 211 -29.41 -47.81 -21.00
N SER D 212 -29.57 -48.95 -20.34
CA SER D 212 -30.04 -50.18 -20.99
C SER D 212 -31.44 -49.99 -21.53
N ASP D 213 -32.34 -49.59 -20.66
CA ASP D 213 -33.67 -49.18 -21.05
C ASP D 213 -33.99 -47.95 -20.25
N HIS D 214 -35.10 -47.32 -20.59
CA HIS D 214 -35.36 -45.94 -20.18
C HIS D 214 -35.94 -45.86 -18.76
N PHE D 215 -35.85 -46.98 -18.03
CA PHE D 215 -36.08 -47.00 -16.59
C PHE D 215 -34.89 -47.58 -15.83
N THR D 216 -33.80 -47.83 -16.55
CA THR D 216 -32.60 -48.41 -15.93
C THR D 216 -31.30 -47.81 -16.47
N GLY D 217 -30.45 -47.33 -15.56
CA GLY D 217 -29.19 -46.72 -15.94
C GLY D 217 -28.10 -47.04 -14.94
N GLU D 218 -26.86 -46.66 -15.26
CA GLU D 218 -25.74 -46.96 -14.37
C GLU D 218 -24.65 -45.91 -14.47
N LEU D 219 -24.07 -45.55 -13.34
CA LEU D 219 -22.98 -44.57 -13.31
C LEU D 219 -21.69 -45.22 -12.83
N LYS D 220 -20.67 -45.21 -13.68
CA LYS D 220 -19.38 -45.80 -13.34
C LYS D 220 -18.26 -44.78 -13.55
N PRO D 221 -17.42 -44.60 -12.53
CA PRO D 221 -16.35 -43.59 -12.51
C PRO D 221 -15.32 -43.75 -13.61
N THR D 222 -15.04 -42.65 -14.32
CA THR D 222 -14.05 -42.64 -15.38
C THR D 222 -12.73 -42.09 -14.87
N LEU D 223 -12.80 -40.98 -14.14
CA LEU D 223 -11.61 -40.35 -13.59
C LEU D 223 -11.82 -39.88 -12.15
N GLU D 224 -10.75 -39.96 -11.36
CA GLU D 224 -10.70 -39.27 -10.08
C GLU D 224 -9.69 -38.15 -10.19
N LEU D 225 -10.14 -36.92 -10.02
CA LEU D 225 -9.27 -35.78 -10.23
C LEU D 225 -8.92 -35.09 -8.91
N TYR D 226 -7.63 -34.96 -8.66
CA TYR D 226 -7.13 -34.44 -7.40
C TYR D 226 -6.29 -33.20 -7.67
N GLY D 227 -6.24 -32.28 -6.70
CA GLY D 227 -5.63 -30.99 -6.94
C GLY D 227 -5.94 -29.94 -5.89
N HIS D 228 -7.24 -29.69 -5.67
CA HIS D 228 -7.66 -28.63 -4.75
C HIS D 228 -7.34 -28.94 -3.29
N THR D 229 -7.14 -27.89 -2.52
CA THR D 229 -6.74 -28.00 -1.12
C THR D 229 -7.98 -27.84 -0.24
N GLY D 230 -9.12 -27.59 -0.88
CA GLY D 230 -10.36 -27.39 -0.17
C GLY D 230 -11.55 -27.89 -0.96
N SER D 231 -12.76 -27.63 -0.44
CA SER D 231 -13.99 -28.04 -1.09
C SER D 231 -14.13 -27.47 -2.50
N VAL D 232 -14.49 -28.33 -3.44
CA VAL D 232 -14.74 -27.90 -4.82
C VAL D 232 -16.23 -27.60 -4.98
N ASP D 233 -16.57 -26.32 -5.06
CA ASP D 233 -17.95 -25.88 -4.91
C ASP D 233 -18.65 -25.48 -6.21
N TRP D 234 -17.89 -25.21 -7.26
CA TRP D 234 -18.47 -24.76 -8.51
C TRP D 234 -17.90 -25.54 -9.69
N LEU D 235 -18.72 -25.72 -10.73
CA LEU D 235 -18.35 -26.59 -11.84
C LEU D 235 -18.92 -26.09 -13.16
N ASP D 236 -18.04 -25.82 -14.11
CA ASP D 236 -18.47 -25.55 -15.48
C ASP D 236 -17.74 -26.46 -16.45
N VAL D 237 -18.41 -26.81 -17.54
CA VAL D 237 -17.88 -27.80 -18.47
C VAL D 237 -17.98 -27.35 -19.92
N ASP D 238 -17.13 -27.93 -20.75
CA ASP D 238 -17.24 -27.76 -22.20
C ASP D 238 -17.36 -29.13 -22.84
N GLY D 239 -18.57 -29.45 -23.30
CA GLY D 239 -18.87 -30.74 -23.88
C GLY D 239 -18.24 -30.97 -25.23
N HIS D 240 -17.82 -29.89 -25.90
CA HIS D 240 -17.12 -30.00 -27.18
C HIS D 240 -15.64 -30.39 -27.04
N SER D 241 -14.91 -29.65 -26.20
CA SER D 241 -13.47 -29.88 -26.02
C SER D 241 -13.20 -30.89 -24.89
N LYS D 242 -14.27 -31.32 -24.23
CA LYS D 242 -14.21 -32.24 -23.10
C LYS D 242 -13.32 -31.67 -21.98
N HIS D 243 -13.61 -30.46 -21.53
CA HIS D 243 -12.82 -29.82 -20.48
C HIS D 243 -13.69 -29.38 -19.32
N ILE D 244 -13.08 -29.20 -18.14
CA ILE D 244 -13.84 -28.87 -16.94
C ILE D 244 -13.20 -27.71 -16.18
N LEU D 245 -14.04 -26.78 -15.74
CA LEU D 245 -13.59 -25.67 -14.89
C LEU D 245 -14.12 -25.83 -13.48
N THR D 246 -13.26 -25.54 -12.50
CA THR D 246 -13.66 -25.65 -11.09
C THR D 246 -13.25 -24.44 -10.27
N ALA D 247 -14.12 -24.05 -9.35
CA ALA D 247 -13.80 -23.04 -8.36
C ALA D 247 -13.89 -23.67 -6.98
N SER D 248 -12.89 -23.43 -6.14
CA SER D 248 -12.80 -24.11 -4.85
C SER D 248 -12.59 -23.15 -3.69
N ALA D 249 -12.91 -23.63 -2.49
CA ALA D 249 -12.76 -22.85 -1.26
C ALA D 249 -11.31 -22.46 -1.00
N ASP D 250 -10.37 -23.21 -1.60
CA ASP D 250 -8.95 -22.93 -1.44
C ASP D 250 -8.51 -21.65 -2.14
N GLY D 251 -9.42 -21.05 -2.89
CA GLY D 251 -9.15 -19.81 -3.58
C GLY D 251 -8.48 -20.02 -4.92
N ALA D 252 -8.59 -21.23 -5.46
CA ALA D 252 -7.94 -21.57 -6.71
C ALA D 252 -8.94 -21.98 -7.79
N ILE D 253 -8.61 -21.65 -9.04
CA ILE D 253 -9.42 -22.06 -10.18
C ILE D 253 -8.77 -23.24 -10.89
N GLY D 254 -9.53 -24.30 -11.12
CA GLY D 254 -8.99 -25.50 -11.73
C GLY D 254 -9.46 -25.75 -13.15
N PHE D 255 -8.51 -26.07 -14.03
CA PHE D 255 -8.80 -26.40 -15.42
C PHE D 255 -8.48 -27.88 -15.64
N TRP D 256 -9.47 -28.64 -16.10
CA TRP D 256 -9.37 -30.10 -16.10
C TRP D 256 -9.71 -30.76 -17.43
N SER D 257 -9.15 -31.95 -17.64
CA SER D 257 -9.52 -32.77 -18.78
C SER D 257 -10.36 -33.97 -18.32
N ALA D 258 -11.38 -34.30 -19.11
CA ALA D 258 -12.29 -35.38 -18.77
C ALA D 258 -11.88 -36.67 -19.47
N SER D 259 -10.74 -36.63 -20.15
CA SER D 259 -10.21 -37.79 -20.84
C SER D 259 -8.96 -38.32 -20.16
N LYS D 260 -8.87 -39.65 -20.03
CA LYS D 260 -7.76 -40.29 -19.34
C LYS D 260 -6.41 -40.02 -20.02
N ALA D 261 -6.47 -39.77 -21.33
CA ALA D 261 -5.26 -39.59 -22.14
C ALA D 261 -4.54 -38.26 -21.87
N SER D 262 -5.30 -37.18 -21.76
CA SER D 262 -4.70 -35.85 -21.68
C SER D 262 -4.51 -35.34 -20.26
N ALA D 263 -4.93 -36.12 -19.27
CA ALA D 263 -4.81 -35.71 -17.88
C ALA D 263 -3.49 -36.19 -17.27
N PRO D 264 -2.72 -35.26 -16.70
CA PRO D 264 -1.44 -35.54 -16.03
C PRO D 264 -1.61 -36.43 -14.80
N GLU D 265 -0.51 -36.88 -14.22
CA GLU D 265 -0.54 -37.69 -13.01
C GLU D 265 -0.70 -36.79 -11.78
N PRO D 266 -1.38 -37.31 -10.74
CA PRO D 266 -1.75 -36.50 -9.58
C PRO D 266 -0.59 -36.16 -8.66
N ASP D 267 -0.84 -35.21 -7.77
CA ASP D 267 0.03 -34.98 -6.61
C ASP D 267 -0.32 -36.07 -5.60
N ALA D 268 0.55 -37.07 -5.48
CA ALA D 268 0.27 -38.27 -4.70
C ALA D 268 -0.02 -37.96 -3.23
N SER D 269 0.40 -36.79 -2.78
CA SER D 269 0.18 -36.37 -1.39
C SER D 269 -1.28 -36.00 -1.15
N LEU D 270 -1.99 -35.66 -2.21
CA LEU D 270 -3.40 -35.29 -2.12
C LEU D 270 -4.30 -36.52 -2.19
N LEU D 271 -3.69 -37.69 -2.38
CA LEU D 271 -4.43 -38.93 -2.56
C LEU D 271 -4.87 -39.53 -1.24
N PRO D 272 -6.06 -40.16 -1.21
CA PRO D 272 -6.66 -40.73 0.00
C PRO D 272 -5.80 -41.81 0.69
N GLY D 273 -4.82 -42.35 -0.02
CA GLY D 273 -3.90 -43.31 0.58
C GLY D 273 -2.85 -42.60 1.41
N ALA D 274 -2.29 -41.54 0.82
CA ALA D 274 -1.19 -40.78 1.39
C ALA D 274 -1.43 -40.26 2.81
N HIS D 275 -0.33 -39.94 3.47
CA HIS D 275 -0.36 -39.23 4.73
C HIS D 275 0.47 -37.96 4.56
N VAL D 276 0.77 -37.68 3.28
CA VAL D 276 1.55 -36.56 2.70
C VAL D 276 2.87 -37.10 2.15
N SER D 287 -8.61 -48.81 -8.37
CA SER D 287 -9.50 -49.11 -9.48
C SER D 287 -9.52 -47.97 -10.49
N THR D 288 -10.41 -47.01 -10.28
CA THR D 288 -10.55 -45.87 -11.18
C THR D 288 -9.25 -45.08 -11.29
N ALA D 289 -8.89 -44.71 -12.52
CA ALA D 289 -7.69 -43.92 -12.78
C ALA D 289 -7.74 -42.59 -12.04
N GLN D 290 -6.61 -42.21 -11.45
CA GLN D 290 -6.53 -40.96 -10.71
C GLN D 290 -5.58 -40.03 -11.46
N ARG D 291 -6.05 -38.81 -11.70
CA ARG D 291 -5.29 -37.85 -12.50
C ARG D 291 -5.28 -36.45 -11.88
N GLY D 292 -4.56 -35.54 -12.52
CA GLY D 292 -4.47 -34.17 -12.06
C GLY D 292 -5.01 -33.19 -13.07
N PRO D 293 -4.89 -31.88 -12.79
CA PRO D 293 -5.42 -30.83 -13.65
C PRO D 293 -4.47 -30.43 -14.78
N LEU D 294 -4.99 -29.68 -15.75
CA LEU D 294 -4.16 -29.09 -16.79
C LEU D 294 -3.65 -27.75 -16.29
N GLY D 295 -4.38 -27.17 -15.34
CA GLY D 295 -3.99 -25.92 -14.73
C GLY D 295 -4.70 -25.70 -13.41
N LEU D 296 -3.94 -25.28 -12.40
CA LEU D 296 -4.49 -24.95 -11.10
C LEU D 296 -3.88 -23.66 -10.60
N TRP D 297 -4.66 -22.58 -10.62
CA TRP D 297 -4.13 -21.26 -10.32
C TRP D 297 -4.78 -20.65 -9.08
N SER D 298 -3.96 -20.39 -8.06
CA SER D 298 -4.44 -19.75 -6.84
C SER D 298 -4.45 -18.24 -7.04
N ILE D 299 -5.56 -17.73 -7.58
CA ILE D 299 -5.64 -16.33 -7.97
C ILE D 299 -6.57 -15.51 -7.08
N HIS D 300 -7.09 -16.13 -6.03
CA HIS D 300 -8.01 -15.44 -5.12
C HIS D 300 -7.53 -15.47 -3.68
N THR D 301 -7.92 -14.44 -2.92
CA THR D 301 -7.53 -14.32 -1.52
C THR D 301 -8.68 -14.75 -0.61
N ALA D 302 -9.67 -15.41 -1.21
CA ALA D 302 -10.85 -15.89 -0.51
C ALA D 302 -11.42 -17.05 -1.31
N PRO D 303 -12.34 -17.84 -0.71
CA PRO D 303 -12.93 -18.96 -1.44
C PRO D 303 -13.42 -18.60 -2.85
N ALA D 304 -12.96 -19.36 -3.84
CA ALA D 304 -13.41 -19.18 -5.21
C ALA D 304 -14.79 -19.80 -5.36
N THR D 305 -15.77 -18.98 -5.72
CA THR D 305 -17.16 -19.41 -5.72
C THR D 305 -17.68 -19.76 -7.11
N ALA D 306 -17.05 -19.23 -8.15
CA ALA D 306 -17.52 -19.50 -9.51
C ALA D 306 -16.40 -19.47 -10.54
N ALA D 307 -16.54 -20.30 -11.57
CA ALA D 307 -15.61 -20.34 -12.70
C ALA D 307 -16.33 -20.84 -13.94
N ILE D 308 -16.38 -20.01 -14.98
CA ILE D 308 -17.12 -20.35 -16.19
C ILE D 308 -16.34 -20.10 -17.47
N PHE D 309 -16.67 -20.88 -18.51
CA PHE D 309 -16.13 -20.66 -19.85
C PHE D 309 -16.79 -19.46 -20.52
N ASP D 310 -16.02 -18.73 -21.33
CA ASP D 310 -16.60 -17.71 -22.19
C ASP D 310 -17.45 -18.48 -23.21
N PRO D 311 -18.71 -18.07 -23.40
CA PRO D 311 -19.63 -18.86 -24.24
C PRO D 311 -19.20 -19.00 -25.69
N ARG D 312 -18.74 -17.91 -26.30
CA ARG D 312 -18.24 -17.93 -27.67
C ARG D 312 -16.79 -18.43 -27.75
N ASP D 313 -15.99 -18.18 -26.70
CA ASP D 313 -14.57 -18.52 -26.74
C ASP D 313 -14.21 -19.46 -25.59
N ARG D 314 -13.87 -20.70 -25.94
CA ARG D 314 -13.52 -21.71 -24.94
C ARG D 314 -12.12 -21.49 -24.36
N THR D 315 -11.33 -20.65 -25.02
CA THR D 315 -9.96 -20.37 -24.58
C THR D 315 -9.98 -19.44 -23.36
N VAL D 316 -11.11 -18.80 -23.12
CA VAL D 316 -11.22 -17.80 -22.06
C VAL D 316 -12.14 -18.27 -20.94
N ALA D 317 -11.76 -17.97 -19.70
CA ALA D 317 -12.58 -18.31 -18.54
C ALA D 317 -12.75 -17.12 -17.61
N TYR D 318 -13.89 -17.08 -16.92
CA TYR D 318 -14.16 -16.05 -15.93
C TYR D 318 -14.37 -16.66 -14.56
N SER D 319 -13.77 -16.05 -13.55
CA SER D 319 -13.91 -16.54 -12.18
C SER D 319 -14.50 -15.48 -11.26
N ALA D 320 -15.20 -15.94 -10.23
CA ALA D 320 -15.74 -15.06 -9.21
C ALA D 320 -15.46 -15.62 -7.83
N SER D 321 -15.23 -14.75 -6.86
CA SER D 321 -14.86 -15.19 -5.52
C SER D 321 -15.38 -14.26 -4.44
N GLN D 322 -15.15 -14.66 -3.19
CA GLN D 322 -15.55 -13.87 -2.04
C GLN D 322 -14.56 -12.74 -1.77
N ASP D 323 -13.52 -12.66 -2.61
CA ASP D 323 -12.56 -11.57 -2.50
C ASP D 323 -13.02 -10.34 -3.28
N HIS D 324 -14.31 -10.34 -3.63
CA HIS D 324 -15.00 -9.22 -4.29
C HIS D 324 -14.57 -9.05 -5.75
N THR D 325 -13.85 -10.02 -6.30
CA THR D 325 -13.30 -9.86 -7.64
C THR D 325 -13.88 -10.79 -8.71
N VAL D 326 -14.01 -10.24 -9.91
CA VAL D 326 -14.23 -11.05 -11.11
C VAL D 326 -12.95 -11.04 -11.93
N ARG D 327 -12.43 -12.23 -12.23
CA ARG D 327 -11.18 -12.32 -12.96
C ARG D 327 -11.32 -13.12 -14.25
N THR D 328 -10.73 -12.61 -15.32
CA THR D 328 -10.78 -13.25 -16.62
C THR D 328 -9.51 -14.05 -16.86
N LEU D 329 -9.66 -15.28 -17.32
CA LEU D 329 -8.54 -16.20 -17.46
C LEU D 329 -8.21 -16.59 -18.90
N ASP D 330 -6.94 -16.48 -19.26
CA ASP D 330 -6.43 -17.02 -20.51
C ASP D 330 -6.02 -18.47 -20.25
N LEU D 331 -6.86 -19.42 -20.67
CA LEU D 331 -6.66 -20.82 -20.31
C LEU D 331 -5.37 -21.42 -20.89
N THR D 332 -4.98 -20.94 -22.07
CA THR D 332 -3.80 -21.48 -22.74
C THR D 332 -2.49 -21.05 -22.07
N THR D 333 -2.46 -19.82 -21.58
CA THR D 333 -1.26 -19.29 -20.93
C THR D 333 -1.34 -19.34 -19.41
N GLY D 334 -2.54 -19.55 -18.89
CA GLY D 334 -2.76 -19.59 -17.46
C GLY D 334 -2.41 -18.28 -16.76
N GLN D 335 -2.94 -17.18 -17.28
CA GLN D 335 -2.62 -15.86 -16.75
C GLN D 335 -3.86 -15.01 -16.52
N VAL D 336 -3.79 -14.14 -15.51
CA VAL D 336 -4.87 -13.21 -15.23
C VAL D 336 -4.69 -11.96 -16.10
N VAL D 337 -5.38 -11.94 -17.23
CA VAL D 337 -5.24 -10.84 -18.17
C VAL D 337 -6.10 -9.63 -17.77
N SER D 338 -7.03 -9.85 -16.85
CA SER D 338 -7.89 -8.77 -16.35
C SER D 338 -8.39 -9.06 -14.94
N THR D 339 -8.66 -8.01 -14.17
CA THR D 339 -9.17 -8.15 -12.81
C THR D 339 -10.18 -7.06 -12.47
N LEU D 340 -11.39 -7.47 -12.13
CA LEU D 340 -12.46 -6.53 -11.79
C LEU D 340 -12.80 -6.64 -10.32
N THR D 341 -12.84 -5.50 -9.64
CA THR D 341 -13.09 -5.49 -8.20
C THR D 341 -14.38 -4.80 -7.86
N LEU D 342 -15.39 -5.59 -7.50
CA LEU D 342 -16.69 -5.08 -7.11
C LEU D 342 -16.71 -4.73 -5.62
N THR D 343 -17.88 -4.34 -5.12
CA THR D 343 -17.98 -3.87 -3.74
C THR D 343 -18.21 -5.00 -2.74
N HIS D 344 -18.84 -6.09 -3.19
CA HIS D 344 -19.25 -7.17 -2.28
C HIS D 344 -18.68 -8.52 -2.70
N PRO D 345 -18.64 -9.48 -1.75
CA PRO D 345 -18.26 -10.85 -2.10
C PRO D 345 -19.18 -11.45 -3.16
N LEU D 346 -18.63 -12.31 -4.00
CA LEU D 346 -19.38 -12.88 -5.11
C LEU D 346 -19.57 -14.38 -4.94
N LEU D 347 -20.79 -14.86 -5.14
CA LEU D 347 -21.12 -16.25 -4.85
C LEU D 347 -21.55 -17.03 -6.08
N SER D 348 -21.79 -16.33 -7.18
CA SER D 348 -22.23 -16.98 -8.40
C SER D 348 -21.92 -16.12 -9.63
N LEU D 349 -21.67 -16.79 -10.76
CA LEU D 349 -21.36 -16.09 -12.00
C LEU D 349 -22.03 -16.79 -13.18
N SER D 350 -22.43 -16.00 -14.18
CA SER D 350 -23.03 -16.55 -15.39
C SER D 350 -22.77 -15.63 -16.58
N ALA D 351 -22.59 -16.21 -17.75
CA ALA D 351 -22.28 -15.43 -18.94
C ALA D 351 -23.49 -15.30 -19.86
N LEU D 352 -23.67 -14.13 -20.45
CA LEU D 352 -24.77 -13.94 -21.38
C LEU D 352 -24.23 -13.60 -22.77
N THR D 353 -24.95 -14.03 -23.80
CA THR D 353 -24.59 -13.72 -25.18
C THR D 353 -25.04 -12.29 -25.51
N ARG D 354 -24.35 -11.32 -24.92
CA ARG D 354 -24.75 -9.91 -25.02
C ARG D 354 -24.93 -9.41 -26.44
N PRO D 360 -19.16 -9.28 -24.21
CA PRO D 360 -19.57 -10.24 -23.18
C PRO D 360 -20.17 -9.55 -21.96
N LEU D 361 -21.25 -10.12 -21.44
CA LEU D 361 -21.92 -9.56 -20.28
C LEU D 361 -22.13 -10.65 -19.24
N LEU D 362 -21.64 -10.39 -18.02
CA LEU D 362 -21.70 -11.38 -16.95
C LEU D 362 -22.67 -10.96 -15.87
N ALA D 363 -23.30 -11.96 -15.24
CA ALA D 363 -24.14 -11.73 -14.09
C ALA D 363 -23.45 -12.28 -12.84
N ALA D 364 -23.31 -11.45 -11.82
CA ALA D 364 -22.64 -11.88 -10.59
C ALA D 364 -23.56 -11.79 -9.38
N GLY D 365 -23.89 -12.95 -8.80
CA GLY D 365 -24.67 -12.99 -7.58
C GLY D 365 -23.80 -12.63 -6.40
N THR D 366 -24.33 -11.80 -5.51
CA THR D 366 -23.55 -11.30 -4.38
C THR D 366 -24.10 -11.81 -3.04
N SER D 367 -23.23 -11.85 -2.04
CA SER D 367 -23.64 -12.21 -0.68
C SER D 367 -24.51 -11.10 -0.09
N ALA D 368 -24.44 -9.92 -0.70
CA ALA D 368 -25.23 -8.77 -0.28
C ALA D 368 -26.63 -8.76 -0.90
N ARG D 369 -27.07 -9.94 -1.35
CA ARG D 369 -28.45 -10.21 -1.77
C ARG D 369 -28.83 -9.68 -3.16
N HIS D 370 -27.92 -9.00 -3.85
CA HIS D 370 -28.23 -8.49 -5.18
C HIS D 370 -27.35 -9.10 -6.25
N ILE D 371 -27.74 -8.91 -7.51
CA ILE D 371 -26.90 -9.30 -8.64
C ILE D 371 -26.22 -8.07 -9.21
N THR D 372 -24.99 -8.24 -9.70
CA THR D 372 -24.30 -7.14 -10.34
C THR D 372 -23.93 -7.52 -11.77
N MET D 373 -24.44 -6.76 -12.73
CA MET D 373 -24.10 -6.99 -14.13
C MET D 373 -22.80 -6.28 -14.43
N VAL D 374 -21.86 -6.99 -15.06
CA VAL D 374 -20.51 -6.45 -15.22
C VAL D 374 -19.96 -6.75 -16.61
N ASP D 375 -19.03 -5.92 -17.07
CA ASP D 375 -18.28 -6.19 -18.29
C ASP D 375 -16.86 -6.56 -17.86
N PRO D 376 -16.47 -7.82 -18.10
CA PRO D 376 -15.28 -8.48 -17.56
C PRO D 376 -13.93 -7.81 -17.83
N ARG D 377 -13.81 -7.04 -18.90
CA ARG D 377 -12.49 -6.53 -19.29
C ARG D 377 -12.28 -5.12 -18.75
N ALA D 378 -13.35 -4.54 -18.22
CA ALA D 378 -13.28 -3.31 -17.47
C ALA D 378 -12.64 -3.76 -16.14
N SER D 379 -11.85 -2.94 -15.46
CA SER D 379 -11.22 -3.40 -14.20
C SER D 379 -11.43 -2.44 -13.00
N SER D 380 -12.17 -2.92 -11.98
CA SER D 380 -12.60 -2.13 -10.81
C SER D 380 -13.47 -0.96 -11.29
N ALA D 381 -13.96 -1.13 -12.50
CA ALA D 381 -14.51 -0.04 -13.29
C ALA D 381 -15.91 0.36 -12.84
N THR D 382 -16.83 -0.61 -12.86
CA THR D 382 -18.22 -0.31 -12.55
C THR D 382 -18.69 0.78 -13.50
N THR D 383 -18.85 2.01 -12.99
CA THR D 383 -19.27 3.18 -13.78
C THR D 383 -20.58 3.01 -14.56
N SER D 384 -21.67 3.53 -13.99
CA SER D 384 -22.99 3.50 -14.62
C SER D 384 -23.34 2.06 -15.03
N VAL D 385 -23.54 1.26 -13.99
CA VAL D 385 -23.63 -0.19 -14.06
C VAL D 385 -25.04 -0.67 -13.64
N MET D 386 -25.48 -1.82 -14.15
CA MET D 386 -26.80 -2.35 -13.83
C MET D 386 -26.74 -3.28 -12.62
N THR D 387 -27.75 -3.16 -11.74
CA THR D 387 -27.87 -4.00 -10.56
C THR D 387 -29.25 -4.65 -10.52
N LEU D 388 -29.29 -5.94 -10.16
CA LEU D 388 -30.56 -6.65 -10.04
C LEU D 388 -30.95 -6.85 -8.58
N ARG D 389 -32.02 -6.20 -8.15
CA ARG D 389 -32.44 -6.23 -6.75
C ARG D 389 -33.76 -6.97 -6.53
N GLY D 390 -33.93 -7.53 -5.34
CA GLY D 390 -35.13 -8.25 -5.00
C GLY D 390 -34.94 -9.38 -4.01
N HIS D 391 -33.84 -10.11 -4.13
CA HIS D 391 -33.57 -11.22 -3.24
C HIS D 391 -33.29 -10.75 -1.82
N ALA D 392 -33.65 -11.58 -0.84
CA ALA D 392 -33.50 -11.21 0.56
C ALA D 392 -32.37 -12.01 1.23
N ASN D 393 -31.63 -12.76 0.42
CA ASN D 393 -30.54 -13.58 0.93
C ASN D 393 -29.45 -13.77 -0.13
N LYS D 394 -28.46 -14.57 0.21
CA LYS D 394 -27.33 -14.83 -0.69
C LYS D 394 -27.79 -15.42 -2.02
N VAL D 395 -27.31 -14.84 -3.11
CA VAL D 395 -27.58 -15.41 -4.43
C VAL D 395 -26.43 -16.31 -4.83
N VAL D 396 -26.67 -17.62 -4.82
CA VAL D 396 -25.61 -18.59 -4.96
C VAL D 396 -25.68 -19.37 -6.28
N SER D 397 -26.67 -19.05 -7.11
CA SER D 397 -26.84 -19.76 -8.38
C SER D 397 -27.48 -18.89 -9.45
N LEU D 398 -27.06 -19.11 -10.70
CA LEU D 398 -27.55 -18.34 -11.84
C LEU D 398 -27.70 -19.23 -13.06
N SER D 399 -28.66 -18.89 -13.92
CA SER D 399 -28.88 -19.63 -15.16
C SER D 399 -29.59 -18.75 -16.18
N PRO D 400 -29.05 -18.73 -17.41
CA PRO D 400 -29.58 -17.85 -18.46
C PRO D 400 -30.82 -18.41 -19.15
N SER D 401 -31.62 -17.53 -19.76
CA SER D 401 -32.79 -17.94 -20.51
C SER D 401 -32.41 -18.72 -21.76
N PRO D 402 -33.12 -19.83 -22.01
CA PRO D 402 -32.85 -20.57 -23.24
C PRO D 402 -33.25 -19.84 -24.54
N GLU D 403 -34.28 -19.02 -24.51
CA GLU D 403 -34.73 -18.31 -25.73
C GLU D 403 -34.64 -16.78 -25.75
N ASN D 404 -34.66 -16.13 -24.58
CA ASN D 404 -34.50 -14.68 -24.59
C ASN D 404 -33.13 -14.28 -24.08
N GLU D 405 -32.39 -13.61 -24.96
CA GLU D 405 -31.04 -13.12 -24.70
C GLU D 405 -30.93 -12.29 -23.42
N TYR D 406 -31.97 -11.50 -23.14
CA TYR D 406 -31.94 -10.55 -22.03
C TYR D 406 -32.38 -11.15 -20.69
N SER D 407 -32.85 -12.38 -20.70
CA SER D 407 -33.46 -12.93 -19.49
C SER D 407 -32.59 -14.00 -18.82
N LEU D 408 -32.78 -14.13 -17.51
CA LEU D 408 -32.05 -15.11 -16.72
C LEU D 408 -32.79 -15.38 -15.41
N VAL D 409 -32.47 -16.50 -14.76
CA VAL D 409 -33.09 -16.86 -13.49
C VAL D 409 -32.01 -17.00 -12.42
N SER D 410 -32.33 -16.58 -11.20
CA SER D 410 -31.37 -16.66 -10.09
C SER D 410 -31.90 -17.54 -8.97
N GLY D 411 -30.99 -18.20 -8.27
CA GLY D 411 -31.34 -19.02 -7.12
C GLY D 411 -30.75 -18.45 -5.86
N SER D 412 -31.58 -18.29 -4.82
CA SER D 412 -31.13 -17.63 -3.60
C SER D 412 -31.42 -18.45 -2.34
N HIS D 413 -30.68 -18.14 -1.28
CA HIS D 413 -30.89 -18.79 0.01
C HIS D 413 -32.14 -18.29 0.72
N ASP D 414 -32.82 -17.33 0.11
CA ASP D 414 -34.10 -16.86 0.65
C ASP D 414 -35.20 -17.89 0.38
N GLY D 415 -34.89 -18.86 -0.48
CA GLY D 415 -35.81 -19.92 -0.81
C GLY D 415 -36.51 -19.73 -2.13
N THR D 416 -36.25 -18.60 -2.79
CA THR D 416 -36.94 -18.28 -4.03
C THR D 416 -36.05 -18.34 -5.27
N CYS D 417 -36.70 -18.38 -6.42
CA CYS D 417 -36.03 -18.17 -7.70
C CYS D 417 -36.68 -16.97 -8.39
N ARG D 418 -35.87 -16.02 -8.83
CA ARG D 418 -36.39 -14.81 -9.44
C ARG D 418 -35.98 -14.68 -10.91
N VAL D 419 -36.96 -14.45 -11.78
CA VAL D 419 -36.72 -14.29 -13.20
C VAL D 419 -36.50 -12.81 -13.54
N TRP D 420 -35.45 -12.53 -14.30
CA TRP D 420 -35.09 -11.16 -14.62
C TRP D 420 -35.19 -10.85 -16.11
N ASP D 421 -35.54 -9.62 -16.42
CA ASP D 421 -35.47 -9.12 -17.80
C ASP D 421 -34.58 -7.89 -17.81
N LEU D 422 -33.37 -8.04 -18.37
CA LEU D 422 -32.36 -6.98 -18.33
C LEU D 422 -32.75 -5.77 -19.18
N ARG D 423 -33.86 -5.88 -19.90
CA ARG D 423 -34.40 -4.75 -20.65
C ARG D 423 -35.18 -3.84 -19.69
N SER D 424 -35.67 -4.43 -18.61
CA SER D 424 -36.31 -3.67 -17.54
C SER D 424 -35.26 -2.99 -16.67
N VAL D 425 -35.24 -1.65 -16.70
CA VAL D 425 -34.30 -0.90 -15.88
C VAL D 425 -34.83 0.50 -15.57
N ARG D 426 -34.62 0.93 -14.32
CA ARG D 426 -35.03 2.27 -13.89
C ARG D 426 -33.81 2.97 -13.33
N PRO D 427 -33.91 4.30 -13.13
CA PRO D 427 -32.79 4.93 -12.42
C PRO D 427 -32.76 4.40 -10.98
N ALA D 428 -31.58 4.34 -10.37
CA ALA D 428 -31.48 3.81 -9.02
C ALA D 428 -31.90 4.84 -7.98
N THR D 429 -32.50 4.37 -6.89
CA THR D 429 -32.95 5.25 -5.83
C THR D 429 -31.85 5.39 -4.78
N LYS D 430 -32.22 5.84 -3.58
CA LYS D 430 -31.29 5.92 -2.46
C LYS D 430 -30.88 4.55 -1.92
N GLU D 431 -31.47 3.49 -2.48
CA GLU D 431 -31.07 2.13 -2.18
C GLU D 431 -29.56 1.95 -2.47
N GLU D 432 -29.08 2.52 -3.58
CA GLU D 432 -27.66 2.41 -3.96
C GLU D 432 -27.01 3.79 -3.89
N GLY D 433 -27.70 4.73 -3.25
CA GLY D 433 -27.24 6.10 -3.24
C GLY D 433 -27.04 6.60 -4.66
N SER D 434 -27.96 6.20 -5.54
CA SER D 434 -28.07 6.69 -6.90
C SER D 434 -26.96 6.34 -7.90
N LEU D 435 -26.41 5.14 -7.87
CA LEU D 435 -25.44 4.79 -8.92
C LEU D 435 -25.97 3.72 -9.86
N GLY D 436 -25.95 4.02 -11.16
CA GLY D 436 -26.39 3.08 -12.17
C GLY D 436 -27.90 2.84 -12.17
N GLY D 437 -28.30 1.70 -12.72
CA GLY D 437 -29.71 1.37 -12.80
C GLY D 437 -30.07 0.09 -12.07
N VAL D 438 -31.35 -0.05 -11.72
CA VAL D 438 -31.82 -1.20 -10.97
C VAL D 438 -32.93 -1.92 -11.71
N SER D 439 -32.85 -3.24 -11.76
CA SER D 439 -33.91 -4.05 -12.34
C SER D 439 -34.62 -4.87 -11.27
N GLU D 440 -35.93 -4.99 -11.41
CA GLU D 440 -36.73 -5.78 -10.50
C GLU D 440 -37.28 -7.01 -11.22
N PRO D 441 -37.50 -8.11 -10.47
CA PRO D 441 -37.94 -9.38 -11.07
C PRO D 441 -39.24 -9.27 -11.85
N VAL D 442 -39.37 -10.06 -12.90
CA VAL D 442 -40.61 -10.12 -13.67
C VAL D 442 -41.45 -11.29 -13.18
N TYR D 443 -40.84 -12.13 -12.34
CA TYR D 443 -41.53 -13.26 -11.75
C TYR D 443 -40.78 -13.78 -10.52
N VAL D 444 -41.52 -14.29 -9.54
CA VAL D 444 -40.91 -14.90 -8.37
C VAL D 444 -41.38 -16.34 -8.19
N ILE D 445 -40.45 -17.28 -8.34
CA ILE D 445 -40.75 -18.68 -8.08
C ILE D 445 -40.55 -18.99 -6.60
N GLU D 446 -41.65 -19.18 -5.89
CA GLU D 446 -41.58 -19.50 -4.48
C GLU D 446 -41.28 -20.98 -4.27
N ARG D 447 -40.83 -21.33 -3.07
CA ARG D 447 -40.55 -22.71 -2.74
C ARG D 447 -41.86 -23.42 -2.41
N GLU D 448 -42.23 -24.39 -3.26
CA GLU D 448 -43.51 -25.05 -3.15
C GLU D 448 -43.65 -25.82 -1.84
N SER D 449 -42.51 -26.26 -1.30
CA SER D 449 -42.47 -26.93 -0.01
C SER D 449 -43.09 -26.05 1.08
N TRP D 450 -42.78 -24.76 1.01
CA TRP D 450 -43.31 -23.78 1.97
C TRP D 450 -44.75 -23.41 1.68
N ALA D 451 -45.07 -23.24 0.40
CA ALA D 451 -46.40 -22.81 -0.01
C ALA D 451 -47.48 -23.87 0.27
N SER D 452 -47.07 -25.13 0.37
CA SER D 452 -48.01 -26.22 0.63
C SER D 452 -48.70 -26.12 1.98
N LYS D 453 -48.00 -25.59 2.97
CA LYS D 453 -48.49 -25.54 4.34
C LYS D 453 -49.55 -24.45 4.54
N GLY D 454 -49.71 -23.59 3.54
CA GLY D 454 -50.72 -22.55 3.62
C GLY D 454 -50.20 -21.30 4.32
N LYS D 455 -48.92 -21.32 4.66
CA LYS D 455 -48.27 -20.21 5.37
C LYS D 455 -48.40 -18.86 4.69
N LYS D 456 -48.66 -17.82 5.49
CA LYS D 456 -48.63 -16.46 4.98
C LYS D 456 -47.47 -15.64 5.53
N LYS D 457 -46.56 -16.28 6.26
CA LYS D 457 -45.32 -15.65 6.65
C LYS D 457 -44.13 -16.57 6.35
N ARG D 458 -43.13 -15.98 5.71
CA ARG D 458 -42.01 -16.72 5.12
C ARG D 458 -40.99 -17.20 6.16
N PRO D 459 -40.24 -18.26 5.82
CA PRO D 459 -39.15 -18.73 6.69
C PRO D 459 -38.06 -17.68 6.85
N VAL D 460 -37.50 -17.59 8.04
CA VAL D 460 -36.42 -16.64 8.31
C VAL D 460 -35.10 -17.27 7.91
N ALA D 461 -34.24 -16.48 7.27
CA ALA D 461 -32.92 -16.94 6.81
C ALA D 461 -33.04 -18.15 5.90
N GLY D 462 -34.14 -18.22 5.16
CA GLY D 462 -34.46 -19.33 4.29
C GLY D 462 -34.43 -20.66 5.03
N ASP D 463 -35.08 -20.69 6.19
CA ASP D 463 -35.03 -21.85 7.08
C ASP D 463 -35.65 -23.08 6.43
N GLY D 464 -34.83 -24.08 6.16
CA GLY D 464 -35.30 -25.32 5.57
C GLY D 464 -35.70 -25.26 4.11
N CYS D 465 -35.46 -24.14 3.45
CA CYS D 465 -35.97 -23.95 2.10
C CYS D 465 -34.95 -23.29 1.16
N LYS D 466 -33.69 -23.23 1.57
CA LYS D 466 -32.65 -22.57 0.79
C LYS D 466 -32.47 -23.20 -0.59
N VAL D 467 -32.29 -22.35 -1.60
CA VAL D 467 -32.01 -22.82 -2.95
C VAL D 467 -30.51 -22.82 -3.20
N PHE D 468 -29.98 -23.96 -3.65
CA PHE D 468 -28.55 -24.10 -3.85
C PHE D 468 -28.18 -24.08 -5.34
N SER D 469 -29.10 -24.54 -6.18
CA SER D 469 -28.83 -24.65 -7.61
C SER D 469 -30.11 -24.55 -8.45
N VAL D 470 -30.05 -23.75 -9.50
CA VAL D 470 -31.17 -23.63 -10.44
C VAL D 470 -30.65 -23.72 -11.88
N VAL D 471 -31.41 -24.39 -12.74
CA VAL D 471 -31.06 -24.50 -14.15
C VAL D 471 -32.29 -24.25 -15.03
N TRP D 472 -32.14 -23.37 -16.01
CA TRP D 472 -33.24 -23.02 -16.89
C TRP D 472 -33.10 -23.68 -18.26
N ASP D 473 -33.98 -24.64 -18.53
CA ASP D 473 -34.02 -25.34 -19.81
C ASP D 473 -35.38 -25.11 -20.46
N LYS D 474 -35.53 -25.52 -21.72
CA LYS D 474 -36.81 -25.39 -22.40
C LYS D 474 -37.82 -26.41 -21.86
N LEU D 475 -37.32 -27.40 -21.12
CA LEU D 475 -38.20 -28.34 -20.44
C LEU D 475 -38.80 -27.70 -19.21
N GLY D 476 -38.11 -26.70 -18.66
CA GLY D 476 -38.60 -25.98 -17.51
C GLY D 476 -37.50 -25.43 -16.62
N ILE D 477 -37.88 -24.85 -15.49
CA ILE D 477 -36.93 -24.32 -14.53
C ILE D 477 -36.81 -25.27 -13.35
N PHE D 478 -35.64 -25.87 -13.19
CA PHE D 478 -35.41 -26.87 -12.15
C PHE D 478 -34.51 -26.31 -11.05
N SER D 479 -35.00 -26.36 -9.82
CA SER D 479 -34.24 -25.82 -8.69
C SER D 479 -34.20 -26.80 -7.51
N GLY D 480 -32.99 -27.10 -7.05
CA GLY D 480 -32.81 -27.97 -5.91
C GLY D 480 -32.23 -27.20 -4.74
N GLY D 481 -32.46 -27.69 -3.53
CA GLY D 481 -31.97 -27.00 -2.35
C GLY D 481 -32.14 -27.72 -1.03
N GLU D 482 -32.17 -26.94 0.04
CA GLU D 482 -32.20 -27.46 1.41
C GLU D 482 -33.47 -28.25 1.71
N ASP D 483 -34.56 -27.92 1.02
CA ASP D 483 -35.83 -28.61 1.26
C ASP D 483 -35.87 -30.02 0.68
N LYS D 484 -34.73 -30.50 0.21
CA LYS D 484 -34.53 -31.87 -0.24
C LYS D 484 -35.30 -32.19 -1.53
N LYS D 485 -35.72 -31.15 -2.24
CA LYS D 485 -36.52 -31.34 -3.45
C LYS D 485 -35.92 -30.66 -4.68
N VAL D 486 -36.09 -31.29 -5.83
CA VAL D 486 -35.89 -30.62 -7.10
C VAL D 486 -37.24 -30.11 -7.57
N GLN D 487 -37.41 -28.79 -7.58
CA GLN D 487 -38.70 -28.20 -7.91
C GLN D 487 -38.77 -27.83 -9.39
N VAL D 488 -39.85 -28.28 -10.05
CA VAL D 488 -40.03 -28.03 -11.46
C VAL D 488 -41.04 -26.92 -11.72
N ASN D 489 -40.66 -25.96 -12.56
CA ASN D 489 -41.55 -24.86 -12.93
C ASN D 489 -41.59 -24.67 -14.44
N ARG D 490 -42.79 -24.59 -15.01
CA ARG D 490 -42.95 -24.38 -16.44
C ARG D 490 -44.35 -23.89 -16.79
N GLY D 491 -44.49 -23.24 -17.94
CA GLY D 491 -45.77 -22.75 -18.40
C GLY D 491 -46.59 -23.83 -19.09
C1 EDO E . 20.65 37.43 5.02
O1 EDO E . 19.47 38.20 4.71
C2 EDO E . 21.09 36.63 3.80
O2 EDO E . 22.02 35.62 4.19
C1 EDO F . 17.72 20.58 -2.55
O1 EDO F . 17.34 21.80 -3.20
C2 EDO F . 17.87 20.82 -1.06
O2 EDO F . 18.92 21.75 -0.82
C1 EDO G . 18.52 21.29 22.70
O1 EDO G . 18.55 19.89 22.40
C2 EDO G . 18.34 22.08 21.41
O2 EDO G . 17.86 23.41 21.72
C1 EDO H . 36.03 24.03 13.45
O1 EDO H . 35.38 23.94 12.19
C2 EDO H . 36.35 25.50 13.75
O2 EDO H . 35.14 26.23 13.90
C1 EDO I . 26.57 0.58 26.24
O1 EDO I . 27.73 -0.03 25.67
C2 EDO I . 25.58 -0.49 26.70
O2 EDO I . 24.96 -1.11 25.56
C1 EDO J . 1.87 6.34 25.14
O1 EDO J . 0.96 6.39 24.04
C2 EDO J . 1.33 7.18 26.30
O2 EDO J . 0.30 6.45 26.99
MG MG K . -0.05 2.02 21.25
C1 EDO L . -30.55 3.92 24.88
O1 EDO L . -29.29 4.49 24.54
C2 EDO L . -31.59 4.26 23.82
O2 EDO L . -31.73 5.68 23.74
C1 EDO M . -25.58 5.34 26.39
O1 EDO M . -26.75 4.71 25.85
C2 EDO M . -24.46 5.34 25.36
O2 EDO M . -24.67 6.40 24.42
C1 EDO N . -22.41 -23.88 -3.59
O1 EDO N . -21.62 -25.06 -3.83
C2 EDO N . -21.99 -23.25 -2.27
O2 EDO N . -20.56 -23.09 -2.26
C1 EDO O . -6.60 -17.48 0.15
O1 EDO O . -5.18 -17.48 0.36
C2 EDO O . -7.13 -18.90 0.29
O2 EDO O . -8.56 -18.90 0.12
C1 EDO P . -40.22 -19.49 -0.09
O1 EDO P . -40.41 -19.42 -1.50
C2 EDO P . -39.60 -18.18 0.38
O2 EDO P . -39.47 -18.21 1.81
#